data_8XN4
#
_entry.id   8XN4
#
_cell.length_a   1.00
_cell.length_b   1.00
_cell.length_c   1.00
_cell.angle_alpha   90.00
_cell.angle_beta   90.00
_cell.angle_gamma   90.00
#
_symmetry.space_group_name_H-M   'P 1'
#
loop_
_entity.id
_entity.type
_entity.pdbx_description
1 polymer 'ATP-dependent Clp protease proteolytic subunit'
2 polymer 'ATP-dependent Clp protease proteolytic subunit'
#
loop_
_entity_poly.entity_id
_entity_poly.type
_entity_poly.pdbx_seq_one_letter_code
_entity_poly.pdbx_strand_id
1 'polypeptide(L)'
;MGSSHHHHHHSSGLVPRGSHMGLGDQVYNRLLNERIIFLGQPVDDDIANKITAQLLLLASDPEKDIYLYINSPGGSITAG
MAIYDTMQYIKNDVVTIAMGLAAAMGQFLLSAGTPGKRFALPNAEILIHQPSAGLAGSASDIKIHAERLLHTKKRMAELT
SQHTGQTIEQITRDSDRDRWFDAFEAKEYGLIDDVMTTAAGMPGGGGTGA
;
A,B,C,D,E,F,G
2 'polypeptide(L)'
;MGSSHHHHHHSSGLVPRGSHMASMTGGQQMGRGSEFDPYAKLFEERVIFLGVQIDDASANDVMAQLLCLESMDPDRDISV
YINSPGGSFTALTAIYDTMQYVKPDVQTVCMGQAAAAAAVLLAAGTPGKRMALPNARVLIHQPYSETGRGQVSDLEIAAN
EILRMRSQLEDMLAKHSTTPVEKIREDIERDKILTAEDALSYGLIDQVISTRKMDNSSLR
;
H,I,J,K,L,M,N
#
# COMPACT_ATOMS: atom_id res chain seq x y z
N GLY A 22 16.51 2.00 28.94
CA GLY A 22 17.45 1.56 27.93
C GLY A 22 18.90 1.82 28.32
N LEU A 23 19.80 0.98 27.80
CA LEU A 23 21.22 1.15 28.10
C LEU A 23 21.75 2.47 27.57
N GLY A 24 21.35 2.85 26.35
CA GLY A 24 21.80 4.11 25.79
C GLY A 24 21.38 5.31 26.60
N ASP A 25 20.14 5.29 27.09
CA ASP A 25 19.67 6.36 27.96
C ASP A 25 20.53 6.47 29.21
N GLN A 26 20.87 5.33 29.82
CA GLN A 26 21.68 5.35 31.02
C GLN A 26 23.07 5.92 30.76
N VAL A 27 23.75 5.44 29.71
CA VAL A 27 25.11 5.91 29.47
C VAL A 27 25.10 7.39 29.11
N TYR A 28 24.08 7.84 28.36
CA TYR A 28 23.97 9.26 28.06
C TYR A 28 23.73 10.07 29.33
N ASN A 29 22.95 9.53 30.26
CA ASN A 29 22.73 10.21 31.53
C ASN A 29 24.03 10.40 32.28
N ARG A 30 24.84 9.34 32.40
CA ARG A 30 26.10 9.47 33.12
C ARG A 30 27.05 10.44 32.39
N LEU A 31 27.10 10.36 31.07
CA LEU A 31 28.00 11.23 30.32
C LEU A 31 27.60 12.70 30.47
N LEU A 32 26.30 12.99 30.37
CA LEU A 32 25.83 14.36 30.61
C LEU A 32 26.11 14.78 32.04
N ASN A 33 26.07 13.82 32.98
CA ASN A 33 26.41 14.13 34.36
C ASN A 33 27.85 14.59 34.46
N GLU A 34 28.77 13.94 33.73
CA GLU A 34 30.16 14.38 33.86
C GLU A 34 30.34 15.80 33.33
N ARG A 35 30.40 15.98 32.00
CA ARG A 35 29.97 17.25 31.40
C ARG A 35 29.57 17.13 29.94
N ILE A 36 29.44 15.93 29.38
CA ILE A 36 29.50 15.71 27.94
C ILE A 36 28.11 15.84 27.34
N ILE A 37 28.03 16.50 26.18
CA ILE A 37 26.82 16.55 25.37
C ILE A 37 27.14 15.90 24.02
N PHE A 38 26.21 15.08 23.52
CA PHE A 38 26.38 14.38 22.26
C PHE A 38 25.43 14.94 21.21
N LEU A 39 25.89 14.94 19.97
CA LEU A 39 25.06 15.34 18.82
C LEU A 39 25.39 14.38 17.69
N GLY A 40 24.61 13.32 17.57
CA GLY A 40 24.94 12.23 16.66
C GLY A 40 23.85 11.83 15.70
N GLN A 41 23.10 12.80 15.19
CA GLN A 41 22.01 12.54 14.26
C GLN A 41 21.72 13.82 13.49
N PRO A 42 20.94 13.75 12.41
CA PRO A 42 20.62 14.97 11.66
C PRO A 42 19.97 16.02 12.54
N VAL A 43 20.34 17.27 12.30
CA VAL A 43 19.87 18.39 13.12
C VAL A 43 18.45 18.74 12.69
N ASP A 44 17.49 18.48 13.56
CA ASP A 44 16.10 18.84 13.36
C ASP A 44 15.64 19.70 14.54
N ASP A 45 14.34 20.00 14.58
CA ASP A 45 13.81 20.80 15.67
C ASP A 45 13.93 20.09 17.00
N ASP A 46 13.66 18.78 17.02
CA ASP A 46 13.64 18.04 18.28
C ASP A 46 15.03 18.00 18.91
N ILE A 47 16.04 17.61 18.13
CA ILE A 47 17.38 17.50 18.70
C ILE A 47 17.95 18.88 19.02
N ALA A 48 17.59 19.91 18.24
CA ALA A 48 18.01 21.25 18.59
C ALA A 48 17.41 21.70 19.91
N ASN A 49 16.14 21.38 20.14
CA ASN A 49 15.51 21.69 21.41
C ASN A 49 16.20 20.96 22.55
N LYS A 50 16.56 19.72 22.34
CA LYS A 50 17.20 18.92 23.41
C LYS A 50 18.61 19.44 23.66
N ILE A 51 19.34 19.88 22.62
CA ILE A 51 20.68 20.44 22.81
C ILE A 51 20.60 21.77 23.54
N THR A 52 19.64 22.61 23.19
CA THR A 52 19.47 23.89 23.88
C THR A 52 19.12 23.68 25.34
N ALA A 53 18.24 22.71 25.63
CA ALA A 53 17.88 22.43 27.01
C ALA A 53 19.09 21.97 27.81
N GLN A 54 19.89 21.08 27.23
CA GLN A 54 21.07 20.59 27.93
C GLN A 54 22.07 21.72 28.19
N LEU A 55 22.30 22.58 27.19
CA LEU A 55 23.21 23.70 27.38
C LEU A 55 22.70 24.65 28.45
N LEU A 56 21.40 24.95 28.44
CA LEU A 56 20.84 25.85 29.44
C LEU A 56 20.97 25.27 30.84
N LEU A 57 20.74 23.97 30.99
CA LEU A 57 20.89 23.36 32.31
C LEU A 57 22.34 23.36 32.77
N LEU A 58 23.27 22.96 31.89
CA LEU A 58 24.67 22.96 32.29
C LEU A 58 25.22 24.35 32.53
N ALA A 59 24.53 25.38 32.03
CA ALA A 59 24.93 26.76 32.34
C ALA A 59 24.68 27.15 33.79
N SER A 60 24.24 26.23 34.65
CA SER A 60 24.01 26.56 36.05
C SER A 60 25.29 26.97 36.75
N ASP A 61 26.41 26.30 36.44
CA ASP A 61 27.70 26.64 37.02
C ASP A 61 28.47 27.43 35.98
N PRO A 62 28.68 28.73 36.18
CA PRO A 62 29.25 29.57 35.11
C PRO A 62 30.75 29.40 34.91
N GLU A 63 31.37 28.40 35.53
CA GLU A 63 32.82 28.31 35.52
C GLU A 63 33.34 27.12 34.72
N LYS A 64 32.81 25.93 34.93
CA LYS A 64 33.32 24.76 34.22
C LYS A 64 32.89 24.77 32.76
N ASP A 65 33.73 24.20 31.90
CA ASP A 65 33.51 24.19 30.47
C ASP A 65 32.50 23.12 30.08
N ILE A 66 32.13 23.13 28.81
CA ILE A 66 31.19 22.16 28.24
C ILE A 66 31.83 21.54 27.01
N TYR A 67 31.66 20.23 26.84
CA TYR A 67 32.20 19.50 25.71
C TYR A 67 31.05 19.04 24.80
N LEU A 68 31.22 19.25 23.51
CA LEU A 68 30.22 18.85 22.51
C LEU A 68 30.88 17.96 21.46
N TYR A 69 30.33 16.77 21.27
CA TYR A 69 30.83 15.81 20.30
C TYR A 69 29.92 15.79 19.09
N ILE A 70 30.50 15.93 17.90
CA ILE A 70 29.74 16.09 16.67
C ILE A 70 30.00 14.90 15.77
N ASN A 71 28.94 14.16 15.44
CA ASN A 71 28.96 13.13 14.39
C ASN A 71 27.59 13.19 13.72
N SER A 72 27.48 14.00 12.68
CA SER A 72 26.17 14.25 12.08
C SER A 72 26.35 14.71 10.65
N PRO A 73 25.42 14.38 9.75
CA PRO A 73 25.49 14.85 8.37
C PRO A 73 24.85 16.20 8.12
N GLY A 74 24.33 16.87 9.14
CA GLY A 74 23.67 18.15 8.99
C GLY A 74 22.17 18.03 9.04
N GLY A 75 21.51 19.18 8.88
CA GLY A 75 20.06 19.22 8.93
C GLY A 75 19.46 20.55 8.60
N SER A 76 18.37 20.91 9.28
CA SER A 76 17.66 22.14 8.99
C SER A 76 18.46 23.35 9.44
N ILE A 77 18.26 24.46 8.73
CA ILE A 77 19.07 25.65 8.97
C ILE A 77 18.67 26.35 10.26
N THR A 78 17.37 26.51 10.49
CA THR A 78 16.91 27.27 11.65
C THR A 78 17.28 26.58 12.96
N ALA A 79 17.16 25.25 13.02
CA ALA A 79 17.53 24.53 14.23
C ALA A 79 19.00 24.70 14.56
N GLY A 80 19.86 24.58 13.54
CA GLY A 80 21.28 24.81 13.75
C GLY A 80 21.58 26.24 14.15
N MET A 81 20.82 27.19 13.60
CA MET A 81 20.97 28.59 13.99
C MET A 81 20.64 28.78 15.47
N ALA A 82 19.59 28.12 15.95
CA ALA A 82 19.24 28.18 17.36
C ALA A 82 20.35 27.58 18.22
N ILE A 83 20.89 26.44 17.80
CA ILE A 83 21.97 25.81 18.57
C ILE A 83 23.19 26.74 18.61
N TYR A 84 23.53 27.35 17.48
CA TYR A 84 24.68 28.25 17.41
C TYR A 84 24.48 29.46 18.31
N ASP A 85 23.28 30.04 18.29
CA ASP A 85 23.01 31.19 19.14
C ASP A 85 23.09 30.82 20.61
N THR A 86 22.56 29.66 20.99
CA THR A 86 22.66 29.23 22.37
C THR A 86 24.11 28.99 22.79
N MET A 87 24.91 28.38 21.92
CA MET A 87 26.32 28.18 22.24
C MET A 87 27.05 29.50 22.42
N GLN A 88 26.77 30.47 21.56
CA GLN A 88 27.39 31.78 21.70
C GLN A 88 26.78 32.60 22.83
N TYR A 89 25.67 32.14 23.40
CA TYR A 89 24.99 32.90 24.44
C TYR A 89 25.60 32.65 25.82
N ILE A 90 25.67 31.39 26.24
CA ILE A 90 26.01 31.06 27.63
C ILE A 90 27.44 31.48 27.93
N LYS A 91 27.70 31.75 29.21
CA LYS A 91 29.02 32.20 29.64
C LYS A 91 30.05 31.08 29.63
N ASN A 92 29.62 29.83 29.75
CA ASN A 92 30.55 28.71 29.75
C ASN A 92 31.16 28.51 28.37
N ASP A 93 32.47 28.26 28.34
CA ASP A 93 33.14 27.93 27.08
C ASP A 93 32.70 26.56 26.60
N VAL A 94 32.58 26.40 25.29
CA VAL A 94 32.11 25.17 24.68
C VAL A 94 33.23 24.59 23.83
N VAL A 95 33.63 23.36 24.13
CA VAL A 95 34.67 22.66 23.37
C VAL A 95 34.01 21.71 22.40
N THR A 96 34.39 21.78 21.14
CA THR A 96 33.80 20.98 20.08
C THR A 96 34.78 19.90 19.64
N ILE A 97 34.28 18.68 19.51
CA ILE A 97 35.07 17.53 19.08
C ILE A 97 34.35 16.90 17.90
N ALA A 98 35.08 16.70 16.80
CA ALA A 98 34.54 16.05 15.62
C ALA A 98 35.03 14.62 15.56
N MET A 99 34.09 13.67 15.53
CA MET A 99 34.40 12.25 15.41
C MET A 99 33.61 11.69 14.25
N GLY A 100 34.31 11.12 13.27
CA GLY A 100 33.61 10.52 12.15
C GLY A 100 33.27 11.52 11.06
N LEU A 101 32.01 11.95 11.04
CA LEU A 101 31.51 12.85 10.01
C LEU A 101 31.01 14.14 10.65
N ALA A 102 31.49 15.27 10.13
CA ALA A 102 30.99 16.60 10.50
C ALA A 102 30.75 17.34 9.20
N ALA A 103 29.56 17.17 8.63
CA ALA A 103 29.27 17.64 7.28
C ALA A 103 28.10 18.60 7.30
N ALA A 104 28.06 19.46 6.28
CA ALA A 104 26.99 20.43 6.05
C ALA A 104 26.95 21.38 7.25
N MET A 105 25.83 21.49 7.96
CA MET A 105 25.75 22.48 9.03
C MET A 105 26.42 21.99 10.30
N GLY A 106 26.62 20.68 10.43
CA GLY A 106 27.41 20.15 11.53
C GLY A 106 28.83 20.70 11.53
N GLN A 107 29.40 20.89 10.33
CA GLN A 107 30.69 21.56 10.23
C GLN A 107 30.61 22.98 10.78
N PHE A 108 29.53 23.69 10.47
CA PHE A 108 29.36 25.05 10.97
C PHE A 108 29.29 25.07 12.48
N LEU A 109 28.58 24.10 13.08
CA LEU A 109 28.52 24.02 14.53
C LEU A 109 29.87 23.67 15.13
N LEU A 110 30.62 22.78 14.48
CA LEU A 110 31.93 22.40 14.99
C LEU A 110 32.89 23.58 14.97
N SER A 111 32.85 24.39 13.91
CA SER A 111 33.71 25.55 13.81
C SER A 111 33.27 26.70 14.70
N ALA A 112 32.12 26.60 15.35
CA ALA A 112 31.55 27.68 16.15
C ALA A 112 31.98 27.63 17.61
N GLY A 113 32.84 26.69 17.99
CA GLY A 113 33.30 26.64 19.36
C GLY A 113 34.21 27.80 19.70
N THR A 114 34.52 27.90 20.99
CA THR A 114 35.37 28.99 21.45
C THR A 114 36.77 28.81 20.86
N PRO A 115 37.45 29.91 20.52
CA PRO A 115 38.78 29.78 19.90
C PRO A 115 39.76 29.05 20.81
N GLY A 116 40.59 28.20 20.20
CA GLY A 116 41.55 27.42 20.92
C GLY A 116 41.03 26.11 21.48
N LYS A 117 39.72 25.84 21.35
CA LYS A 117 39.11 24.63 21.89
C LYS A 117 38.25 23.96 20.82
N ARG A 118 38.80 23.82 19.62
CA ARG A 118 38.14 23.11 18.52
C ARG A 118 39.11 22.04 18.02
N PHE A 119 38.75 20.78 18.16
CA PHE A 119 39.61 19.68 17.76
C PHE A 119 38.84 18.68 16.92
N ALA A 120 39.59 17.77 16.31
CA ALA A 120 39.02 16.66 15.57
C ALA A 120 39.94 15.45 15.69
N LEU A 121 39.36 14.27 15.57
CA LEU A 121 40.12 13.03 15.63
C LEU A 121 40.92 12.84 14.35
N PRO A 122 41.99 12.02 14.39
CA PRO A 122 42.88 11.94 13.22
C PRO A 122 42.18 11.53 11.94
N ASN A 123 41.18 10.66 12.02
CA ASN A 123 40.44 10.21 10.84
C ASN A 123 39.07 10.87 10.76
N ALA A 124 38.94 12.09 11.25
CA ALA A 124 37.70 12.83 11.17
C ALA A 124 37.62 13.57 9.85
N GLU A 125 36.47 13.47 9.19
CA GLU A 125 36.28 13.95 7.84
C GLU A 125 35.19 15.02 7.82
N ILE A 126 35.47 16.14 7.15
CA ILE A 126 34.69 17.36 7.26
C ILE A 126 34.30 17.82 5.87
N LEU A 127 33.03 18.21 5.70
CA LEU A 127 32.50 18.63 4.41
C LEU A 127 31.88 20.01 4.53
N ILE A 128 32.15 20.88 3.55
CA ILE A 128 31.57 22.21 3.46
C ILE A 128 30.53 22.20 2.35
N HIS A 129 29.33 22.71 2.65
CA HIS A 129 28.18 22.59 1.78
C HIS A 129 27.45 23.92 1.71
N GLN A 130 26.69 24.12 0.62
CA GLN A 130 25.88 25.32 0.54
C GLN A 130 24.39 24.96 0.63
N PRO A 131 23.55 25.87 1.09
CA PRO A 131 22.17 25.49 1.44
C PRO A 131 21.36 25.05 0.23
N SER A 132 20.36 24.22 0.51
CA SER A 132 19.39 23.79 -0.48
C SER A 132 18.00 23.81 0.15
N ALA A 133 16.99 24.02 -0.69
CA ALA A 133 15.62 24.15 -0.19
C ALA A 133 14.64 23.78 -1.30
N GLY A 134 13.39 23.56 -0.91
CA GLY A 134 12.34 23.32 -1.88
C GLY A 134 11.20 24.29 -1.67
N LEU A 135 10.63 24.74 -2.80
CA LEU A 135 9.66 25.82 -2.81
C LEU A 135 8.44 25.44 -3.65
N ALA A 136 7.31 26.09 -3.34
CA ALA A 136 6.08 25.90 -4.10
C ALA A 136 5.14 27.07 -3.80
N GLY A 137 4.35 27.45 -4.80
CA GLY A 137 3.39 28.53 -4.64
C GLY A 137 3.34 29.38 -5.89
N SER A 138 2.72 30.55 -5.76
CA SER A 138 2.61 31.49 -6.87
C SER A 138 3.96 32.16 -7.12
N ALA A 139 4.06 32.85 -8.26
CA ALA A 139 5.31 33.50 -8.62
C ALA A 139 5.66 34.66 -7.69
N SER A 140 4.72 35.13 -6.89
CA SER A 140 5.02 36.21 -5.95
C SER A 140 5.62 35.67 -4.66
N ASP A 141 5.18 34.49 -4.22
CA ASP A 141 5.75 33.87 -3.04
C ASP A 141 7.14 33.31 -3.31
N ILE A 142 7.35 32.76 -4.51
CA ILE A 142 8.66 32.20 -4.86
C ILE A 142 9.73 33.29 -4.82
N LYS A 143 9.38 34.51 -5.24
CA LYS A 143 10.33 35.61 -5.18
C LYS A 143 10.80 35.86 -3.74
N ILE A 144 9.84 35.95 -2.81
CA ILE A 144 10.17 36.21 -1.42
C ILE A 144 11.02 35.08 -0.85
N HIS A 145 10.63 33.84 -1.11
CA HIS A 145 11.35 32.72 -0.53
C HIS A 145 12.75 32.58 -1.12
N ALA A 146 12.91 32.88 -2.41
CA ALA A 146 14.24 32.87 -3.01
C ALA A 146 15.13 33.96 -2.42
N GLU A 147 14.57 35.15 -2.21
CA GLU A 147 15.34 36.21 -1.56
C GLU A 147 15.76 35.79 -0.15
N ARG A 148 14.86 35.15 0.58
CA ARG A 148 15.21 34.69 1.93
C ARG A 148 16.30 33.62 1.90
N LEU A 149 16.24 32.71 0.92
CA LEU A 149 17.28 31.70 0.79
C LEU A 149 18.63 32.33 0.49
N LEU A 150 18.65 33.33 -0.41
CA LEU A 150 19.90 34.03 -0.70
C LEU A 150 20.43 34.73 0.56
N HIS A 151 19.53 35.35 1.34
CA HIS A 151 19.95 35.99 2.57
C HIS A 151 20.56 34.98 3.55
N THR A 152 19.94 33.81 3.67
CA THR A 152 20.47 32.76 4.54
C THR A 152 21.85 32.30 4.09
N LYS A 153 22.02 32.12 2.77
CA LYS A 153 23.33 31.72 2.25
C LYS A 153 24.39 32.77 2.55
N LYS A 154 24.05 34.04 2.35
CA LYS A 154 25.00 35.11 2.65
C LYS A 154 25.37 35.14 4.13
N ARG A 155 24.37 34.96 4.99
CA ARG A 155 24.62 34.95 6.44
C ARG A 155 25.55 33.81 6.82
N MET A 156 25.32 32.62 6.27
CA MET A 156 26.19 31.48 6.59
C MET A 156 27.61 31.72 6.09
N ALA A 157 27.76 32.28 4.89
CA ALA A 157 29.09 32.59 4.40
C ALA A 157 29.79 33.59 5.32
N GLU A 158 29.07 34.63 5.76
CA GLU A 158 29.66 35.62 6.63
C GLU A 158 30.09 35.02 7.96
N LEU A 159 29.23 34.17 8.54
CA LEU A 159 29.57 33.55 9.83
C LEU A 159 30.76 32.61 9.71
N THR A 160 30.82 31.83 8.63
CA THR A 160 31.97 30.96 8.43
C THR A 160 33.25 31.77 8.26
N SER A 161 33.18 32.86 7.49
CA SER A 161 34.36 33.70 7.33
C SER A 161 34.80 34.30 8.65
N GLN A 162 33.84 34.69 9.49
CA GLN A 162 34.17 35.23 10.81
C GLN A 162 34.85 34.18 11.67
N HIS A 163 34.37 32.94 11.64
CA HIS A 163 34.86 31.94 12.59
C HIS A 163 36.15 31.25 12.14
N THR A 164 36.40 31.16 10.84
CA THR A 164 37.62 30.49 10.40
C THR A 164 38.75 31.45 10.04
N GLY A 165 38.46 32.73 9.89
CA GLY A 165 39.49 33.71 9.57
C GLY A 165 39.81 33.86 8.10
N GLN A 166 39.17 33.10 7.22
CA GLN A 166 39.34 33.25 5.79
C GLN A 166 38.49 34.41 5.28
N THR A 167 38.86 34.91 4.11
CA THR A 167 38.09 35.98 3.48
C THR A 167 36.74 35.44 2.98
N ILE A 168 35.79 36.37 2.85
CA ILE A 168 34.44 35.98 2.45
C ILE A 168 34.44 35.43 1.03
N GLU A 169 35.22 36.05 0.14
CA GLU A 169 35.25 35.61 -1.26
C GLU A 169 35.77 34.19 -1.38
N GLN A 170 36.84 33.86 -0.65
CA GLN A 170 37.38 32.52 -0.70
C GLN A 170 36.38 31.50 -0.17
N ILE A 171 35.67 31.84 0.91
CA ILE A 171 34.68 30.94 1.47
C ILE A 171 33.55 30.70 0.48
N THR A 172 33.08 31.76 -0.18
CA THR A 172 32.01 31.61 -1.16
C THR A 172 32.45 30.74 -2.32
N ARG A 173 33.66 31.01 -2.85
CA ARG A 173 34.16 30.23 -3.97
C ARG A 173 34.36 28.77 -3.60
N ASP A 174 34.77 28.50 -2.36
CA ASP A 174 35.00 27.12 -1.95
C ASP A 174 33.69 26.39 -1.68
N SER A 175 32.69 27.09 -1.14
CA SER A 175 31.42 26.49 -0.79
C SER A 175 30.44 26.46 -1.97
N ASP A 176 30.83 27.02 -3.12
CA ASP A 176 29.97 26.91 -4.30
C ASP A 176 29.72 25.45 -4.65
N ARG A 177 30.74 24.61 -4.57
CA ARG A 177 30.62 23.18 -4.75
C ARG A 177 31.23 22.47 -3.54
N ASP A 178 30.83 21.21 -3.35
CA ASP A 178 31.28 20.48 -2.18
C ASP A 178 32.79 20.32 -2.16
N ARG A 179 33.39 20.62 -1.01
CA ARG A 179 34.80 20.36 -0.75
C ARG A 179 34.92 19.48 0.47
N TRP A 180 35.83 18.51 0.42
CA TRP A 180 35.98 17.56 1.51
C TRP A 180 37.31 17.85 2.20
N PHE A 181 37.33 17.73 3.52
CA PHE A 181 38.49 18.13 4.31
C PHE A 181 38.96 16.99 5.19
N ASP A 182 40.26 16.71 5.13
CA ASP A 182 40.94 15.88 6.11
C ASP A 182 41.21 16.71 7.36
N ALA A 183 41.57 16.02 8.45
CA ALA A 183 41.77 16.71 9.72
C ALA A 183 42.88 17.75 9.62
N PHE A 184 44.01 17.39 9.00
CA PHE A 184 45.09 18.34 8.84
C PHE A 184 44.72 19.45 7.87
N GLU A 185 44.01 19.11 6.80
CA GLU A 185 43.54 20.14 5.87
C GLU A 185 42.54 21.06 6.55
N ALA A 186 41.68 20.50 7.41
CA ALA A 186 40.75 21.34 8.17
C ALA A 186 41.49 22.28 9.11
N LYS A 187 42.55 21.79 9.77
CA LYS A 187 43.33 22.65 10.65
C LYS A 187 44.01 23.77 9.86
N GLU A 188 44.57 23.44 8.69
CA GLU A 188 45.21 24.46 7.88
C GLU A 188 44.19 25.49 7.39
N TYR A 189 43.00 25.03 7.02
CA TYR A 189 41.95 25.92 6.53
C TYR A 189 41.42 26.85 7.62
N GLY A 190 41.55 26.47 8.88
CA GLY A 190 41.06 27.27 9.98
C GLY A 190 39.76 26.81 10.61
N LEU A 191 39.20 25.68 10.15
CA LEU A 191 37.96 25.19 10.73
C LEU A 191 38.16 24.70 12.16
N ILE A 192 39.31 24.09 12.45
CA ILE A 192 39.62 23.59 13.78
C ILE A 192 40.98 24.13 14.20
N ASP A 193 41.32 23.89 15.47
CA ASP A 193 42.54 24.43 16.07
C ASP A 193 43.63 23.38 16.25
N ASP A 194 43.28 22.13 16.49
CA ASP A 194 44.27 21.10 16.76
C ASP A 194 43.69 19.74 16.46
N VAL A 195 44.58 18.75 16.30
CA VAL A 195 44.20 17.36 16.08
C VAL A 195 44.74 16.53 17.23
N MET A 196 43.84 15.88 17.97
CA MET A 196 44.24 15.05 19.09
C MET A 196 44.54 13.63 18.63
N THR A 197 45.40 12.96 19.40
CA THR A 197 45.74 11.57 19.15
C THR A 197 45.58 10.69 20.38
N THR A 198 45.84 11.22 21.57
CA THR A 198 45.72 10.49 22.83
C THR A 198 44.93 11.32 23.83
N ALA A 199 44.76 10.76 25.03
CA ALA A 199 43.91 11.34 26.05
C ALA A 199 44.51 12.58 26.72
N ALA A 200 45.78 12.88 26.46
CA ALA A 200 46.45 13.99 27.12
C ALA A 200 46.35 15.30 26.34
N GLY A 201 45.59 15.34 25.27
CA GLY A 201 45.51 16.51 24.41
C GLY A 201 44.41 17.49 24.68
N MET A 202 43.41 17.13 25.48
CA MET A 202 42.29 18.02 25.76
C MET A 202 42.23 18.37 27.24
N PRO A 203 41.72 19.54 27.60
CA PRO A 203 41.59 19.95 29.02
C PRO A 203 40.58 19.08 29.77
N GLY B 22 13.49 9.04 26.44
CA GLY B 22 14.88 9.46 26.29
C GLY B 22 15.31 10.48 27.32
N LEU B 23 16.32 11.28 26.97
CA LEU B 23 16.77 12.35 27.86
C LEU B 23 15.75 13.48 27.93
N GLY B 24 14.78 13.49 27.03
CA GLY B 24 13.87 14.63 26.94
C GLY B 24 13.06 14.84 28.20
N ASP B 25 12.50 13.76 28.75
CA ASP B 25 11.65 13.90 29.93
C ASP B 25 12.43 14.47 31.10
N GLN B 26 13.59 13.89 31.41
CA GLN B 26 14.39 14.36 32.54
C GLN B 26 14.87 15.79 32.33
N VAL B 27 15.38 16.09 31.13
CA VAL B 27 15.92 17.43 30.88
C VAL B 27 14.82 18.48 30.94
N TYR B 28 13.64 18.16 30.39
CA TYR B 28 12.54 19.13 30.38
C TYR B 28 11.96 19.31 31.78
N ASN B 29 11.90 18.24 32.57
CA ASN B 29 11.42 18.38 33.94
C ASN B 29 12.37 19.24 34.77
N ARG B 30 13.67 18.98 34.67
CA ARG B 30 14.63 19.77 35.43
C ARG B 30 14.64 21.22 34.97
N LEU B 31 14.31 21.46 33.69
CA LEU B 31 14.20 22.84 33.22
C LEU B 31 12.92 23.50 33.72
N LEU B 32 11.80 22.76 33.72
CA LEU B 32 10.54 23.29 34.23
C LEU B 32 10.64 23.63 35.72
N ASN B 33 11.51 22.93 36.45
CA ASN B 33 11.73 23.28 37.85
C ASN B 33 12.27 24.69 38.01
N GLU B 34 12.82 25.28 36.94
CA GLU B 34 13.34 26.64 36.96
C GLU B 34 12.38 27.64 36.31
N ARG B 35 11.11 27.24 36.13
CA ARG B 35 10.08 28.06 35.48
C ARG B 35 10.50 28.47 34.07
N ILE B 36 10.78 27.46 33.24
CA ILE B 36 11.10 27.64 31.83
C ILE B 36 10.23 26.68 31.03
N ILE B 37 9.53 27.21 30.03
CA ILE B 37 8.63 26.43 29.20
C ILE B 37 9.15 26.44 27.76
N PHE B 38 9.09 25.28 27.11
CA PHE B 38 9.56 25.11 25.75
C PHE B 38 8.38 24.88 24.82
N LEU B 39 8.39 25.57 23.67
CA LEU B 39 7.42 25.36 22.60
C LEU B 39 8.22 25.25 21.30
N GLY B 40 8.49 24.03 20.85
CA GLY B 40 9.44 23.84 19.78
C GLY B 40 8.99 23.01 18.60
N GLN B 41 7.68 22.93 18.37
CA GLN B 41 7.13 22.18 17.25
C GLN B 41 5.72 22.69 16.98
N PRO B 42 5.15 22.39 15.81
CA PRO B 42 3.94 23.11 15.38
C PRO B 42 2.78 22.98 16.36
N VAL B 43 2.06 24.09 16.54
CA VAL B 43 1.06 24.23 17.59
C VAL B 43 -0.21 23.50 17.15
N ASP B 44 -0.62 22.51 17.94
CA ASP B 44 -1.87 21.81 17.76
C ASP B 44 -2.61 21.74 19.10
N ASP B 45 -3.69 20.95 19.13
CA ASP B 45 -4.50 20.86 20.34
C ASP B 45 -3.71 20.26 21.51
N ASP B 46 -2.91 19.23 21.23
CA ASP B 46 -2.23 18.52 22.30
C ASP B 46 -1.26 19.43 23.05
N ILE B 47 -0.38 20.12 22.30
CA ILE B 47 0.65 20.88 23.00
C ILE B 47 0.10 22.20 23.50
N ALA B 48 -0.97 22.72 22.88
CA ALA B 48 -1.67 23.85 23.48
C ALA B 48 -2.23 23.46 24.85
N ASN B 49 -2.81 22.27 24.93
CA ASN B 49 -3.27 21.75 26.22
C ASN B 49 -2.11 21.62 27.20
N LYS B 50 -0.98 21.11 26.73
CA LYS B 50 0.18 20.92 27.60
C LYS B 50 0.71 22.25 28.12
N ILE B 51 0.80 23.26 27.25
CA ILE B 51 1.31 24.57 27.64
C ILE B 51 0.36 25.25 28.61
N THR B 52 -0.95 25.13 28.35
CA THR B 52 -1.93 25.69 29.28
C THR B 52 -1.81 25.03 30.65
N ALA B 53 -1.64 23.70 30.66
CA ALA B 53 -1.47 22.99 31.93
C ALA B 53 -0.22 23.46 32.66
N GLN B 54 0.89 23.62 31.94
CA GLN B 54 2.12 24.07 32.58
C GLN B 54 1.99 25.48 33.14
N LEU B 55 1.34 26.36 32.39
CA LEU B 55 1.14 27.73 32.86
C LEU B 55 0.26 27.76 34.10
N LEU B 56 -0.83 26.98 34.10
CA LEU B 56 -1.70 26.91 35.26
C LEU B 56 -0.95 26.35 36.46
N LEU B 57 -0.09 25.35 36.24
CA LEU B 57 0.70 24.79 37.33
C LEU B 57 1.66 25.81 37.91
N LEU B 58 2.41 26.49 37.04
CA LEU B 58 3.36 27.49 37.51
C LEU B 58 2.69 28.71 38.10
N ALA B 59 1.40 28.89 37.84
CA ALA B 59 0.65 29.99 38.46
C ALA B 59 0.47 29.81 39.96
N SER B 60 0.90 28.68 40.52
CA SER B 60 0.72 28.46 41.95
C SER B 60 1.42 29.53 42.78
N ASP B 61 2.65 29.89 42.41
CA ASP B 61 3.38 30.96 43.09
C ASP B 61 3.09 32.23 42.30
N PRO B 62 2.41 33.23 42.89
CA PRO B 62 1.91 34.35 42.09
C PRO B 62 2.93 35.46 41.87
N GLU B 63 4.20 35.23 42.15
CA GLU B 63 5.17 36.31 42.15
C GLU B 63 6.28 36.14 41.13
N LYS B 64 6.83 34.94 40.98
CA LYS B 64 7.92 34.75 40.05
C LYS B 64 7.42 34.72 38.61
N ASP B 65 8.30 35.16 37.69
CA ASP B 65 7.96 35.23 36.29
C ASP B 65 8.09 33.86 35.63
N ILE B 66 7.58 33.76 34.42
CA ILE B 66 7.65 32.54 33.61
C ILE B 66 8.30 32.89 32.28
N TYR B 67 9.26 32.08 31.86
CA TYR B 67 9.95 32.27 30.58
C TYR B 67 9.44 31.27 29.56
N LEU B 68 9.13 31.75 28.37
CA LEU B 68 8.67 30.92 27.27
C LEU B 68 9.64 31.03 26.11
N TYR B 69 10.15 29.88 25.65
CA TYR B 69 11.07 29.82 24.52
C TYR B 69 10.33 29.28 23.32
N ILE B 70 10.41 30.00 22.20
CA ILE B 70 9.60 29.71 21.02
C ILE B 70 10.51 29.37 19.86
N ASN B 71 10.33 28.16 19.30
CA ASN B 71 10.95 27.77 18.04
C ASN B 71 9.92 26.92 17.30
N SER B 72 9.07 27.56 16.50
CA SER B 72 7.96 26.83 15.93
C SER B 72 7.55 27.43 14.60
N PRO B 73 7.03 26.63 13.66
CA PRO B 73 6.56 27.18 12.39
C PRO B 73 5.12 27.65 12.39
N GLY B 74 4.40 27.51 13.50
CA GLY B 74 3.00 27.88 13.59
C GLY B 74 2.11 26.66 13.67
N GLY B 75 0.81 26.92 13.67
CA GLY B 75 -0.15 25.84 13.73
C GLY B 75 -1.60 26.26 13.71
N SER B 76 -2.44 25.52 14.42
CA SER B 76 -3.87 25.76 14.40
C SER B 76 -4.22 27.06 15.11
N ILE B 77 -5.27 27.71 14.62
CA ILE B 77 -5.64 29.03 15.12
C ILE B 77 -6.22 28.93 16.52
N THR B 78 -7.13 27.98 16.74
CA THR B 78 -7.82 27.88 18.02
C THR B 78 -6.87 27.53 19.16
N ALA B 79 -5.92 26.63 18.90
CA ALA B 79 -4.94 26.27 19.92
C ALA B 79 -4.09 27.47 20.31
N GLY B 80 -3.62 28.23 19.32
CA GLY B 80 -2.86 29.43 19.61
C GLY B 80 -3.67 30.46 20.37
N MET B 81 -4.97 30.57 20.05
CA MET B 81 -5.83 31.48 20.78
C MET B 81 -5.97 31.05 22.25
N ALA B 82 -6.08 29.74 22.49
CA ALA B 82 -6.14 29.25 23.85
C ALA B 82 -4.86 29.58 24.62
N ILE B 83 -3.71 29.37 23.98
CA ILE B 83 -2.44 29.69 24.63
C ILE B 83 -2.35 31.17 24.93
N TYR B 84 -2.75 32.01 23.97
CA TYR B 84 -2.70 33.45 24.16
C TYR B 84 -3.60 33.90 25.32
N ASP B 85 -4.81 33.35 25.38
CA ASP B 85 -5.72 33.70 26.46
C ASP B 85 -5.19 33.25 27.81
N THR B 86 -4.60 32.06 27.87
CA THR B 86 -4.02 31.59 29.13
C THR B 86 -2.85 32.49 29.55
N MET B 87 -2.01 32.89 28.60
CA MET B 87 -0.90 33.79 28.92
C MET B 87 -1.40 35.12 29.45
N GLN B 88 -2.45 35.67 28.83
CA GLN B 88 -3.04 36.90 29.31
C GLN B 88 -3.84 36.71 30.59
N TYR B 89 -4.13 35.47 30.98
CA TYR B 89 -4.90 35.19 32.18
C TYR B 89 -4.06 35.31 33.44
N ILE B 90 -2.99 34.54 33.54
CA ILE B 90 -2.29 34.36 34.81
C ILE B 90 -1.70 35.69 35.28
N LYS B 91 -1.59 35.83 36.60
CA LYS B 91 -1.07 37.06 37.19
C LYS B 91 0.42 37.23 36.96
N ASN B 92 1.14 36.13 36.74
CA ASN B 92 2.58 36.20 36.53
C ASN B 92 2.89 36.79 35.15
N ASP B 93 3.95 37.59 35.10
CA ASP B 93 4.44 38.09 33.83
C ASP B 93 5.11 36.97 33.05
N VAL B 94 5.02 37.06 31.72
CA VAL B 94 5.57 36.05 30.83
C VAL B 94 6.64 36.70 29.97
N VAL B 95 7.83 36.11 29.98
CA VAL B 95 8.94 36.56 29.15
C VAL B 95 9.06 35.60 27.99
N THR B 96 9.06 36.13 26.77
CA THR B 96 9.13 35.31 25.57
C THR B 96 10.49 35.49 24.90
N ILE B 97 11.10 34.37 24.52
CA ILE B 97 12.38 34.36 23.83
C ILE B 97 12.19 33.64 22.50
N ALA B 98 12.60 34.29 21.42
CA ALA B 98 12.52 33.70 20.08
C ALA B 98 13.89 33.18 19.68
N MET B 99 13.97 31.88 19.43
CA MET B 99 15.21 31.25 19.00
C MET B 99 14.94 30.45 17.73
N GLY B 100 15.77 30.65 16.72
CA GLY B 100 15.57 29.95 15.47
C GLY B 100 14.46 30.55 14.63
N LEU B 101 13.32 29.87 14.58
CA LEU B 101 12.19 30.27 13.76
C LEU B 101 11.00 30.58 14.64
N ALA B 102 10.35 31.72 14.38
CA ALA B 102 9.11 32.10 15.05
C ALA B 102 8.18 32.63 13.97
N ALA B 103 7.36 31.76 13.39
CA ALA B 103 6.59 32.09 12.20
C ALA B 103 5.11 31.85 12.44
N ALA B 104 4.29 32.67 11.80
CA ALA B 104 2.83 32.53 11.75
C ALA B 104 2.28 32.64 13.17
N MET B 105 1.69 31.59 13.74
CA MET B 105 1.09 31.71 15.07
C MET B 105 2.15 31.88 16.14
N GLY B 106 3.32 31.26 15.93
CA GLY B 106 4.41 31.42 16.88
C GLY B 106 4.86 32.85 17.03
N GLN B 107 4.89 33.60 15.93
CA GLN B 107 5.22 35.02 16.00
C GLN B 107 4.20 35.77 16.84
N PHE B 108 2.92 35.44 16.67
CA PHE B 108 1.87 36.10 17.44
C PHE B 108 2.02 35.80 18.92
N LEU B 109 2.36 34.55 19.27
CA LEU B 109 2.59 34.23 20.68
C LEU B 109 3.82 34.93 21.22
N LEU B 110 4.87 35.03 20.41
CA LEU B 110 6.08 35.72 20.84
C LEU B 110 5.81 37.20 21.11
N SER B 111 5.01 37.83 20.27
CA SER B 111 4.67 39.24 20.46
C SER B 111 3.62 39.45 21.54
N ALA B 112 3.07 38.39 22.10
CA ALA B 112 2.00 38.49 23.11
C ALA B 112 2.53 38.54 24.53
N GLY B 113 3.84 38.53 24.73
CA GLY B 113 4.39 38.60 26.06
C GLY B 113 4.18 39.97 26.68
N THR B 114 4.46 40.04 27.97
CA THR B 114 4.27 41.29 28.69
C THR B 114 5.21 42.36 28.15
N PRO B 115 4.77 43.63 28.12
CA PRO B 115 5.63 44.68 27.55
C PRO B 115 6.95 44.81 28.30
N GLY B 116 8.01 45.04 27.54
CA GLY B 116 9.34 45.17 28.10
C GLY B 116 10.06 43.87 28.35
N LYS B 117 9.44 42.73 28.07
CA LYS B 117 10.04 41.43 28.35
C LYS B 117 9.88 40.50 27.15
N ARG B 118 10.14 41.02 25.95
CA ARG B 118 10.14 40.22 24.73
C ARG B 118 11.50 40.36 24.06
N PHE B 119 12.18 39.23 23.84
CA PHE B 119 13.53 39.24 23.30
C PHE B 119 13.65 38.22 22.19
N ALA B 120 14.72 38.35 21.41
CA ALA B 120 15.04 37.39 20.36
C ALA B 120 16.55 37.30 20.23
N LEU B 121 17.03 36.10 19.89
CA LEU B 121 18.44 35.89 19.66
C LEU B 121 18.87 36.57 18.36
N PRO B 122 20.14 36.95 18.24
CA PRO B 122 20.56 37.78 17.10
C PRO B 122 20.38 37.12 15.74
N ASN B 123 20.30 35.80 15.67
CA ASN B 123 20.12 35.14 14.38
C ASN B 123 18.77 34.44 14.31
N ALA B 124 17.74 35.07 14.85
CA ALA B 124 16.40 34.52 14.85
C ALA B 124 15.59 35.12 13.70
N GLU B 125 14.69 34.33 13.15
CA GLU B 125 13.88 34.72 12.01
C GLU B 125 12.41 34.77 12.42
N ILE B 126 11.74 35.87 12.10
CA ILE B 126 10.35 36.09 12.45
C ILE B 126 9.56 36.33 11.17
N LEU B 127 8.48 35.59 11.00
CA LEU B 127 7.66 35.64 9.79
C LEU B 127 6.23 35.98 10.13
N ILE B 128 5.66 36.94 9.40
CA ILE B 128 4.27 37.35 9.57
C ILE B 128 3.46 36.75 8.44
N HIS B 129 2.34 36.11 8.78
CA HIS B 129 1.58 35.32 7.84
C HIS B 129 0.09 35.57 8.05
N GLN B 130 -0.69 35.29 7.02
CA GLN B 130 -2.14 35.42 7.08
C GLN B 130 -2.79 34.05 7.06
N PRO B 131 -3.97 33.90 7.68
CA PRO B 131 -4.53 32.57 7.90
C PRO B 131 -4.89 31.86 6.60
N SER B 132 -5.05 30.55 6.71
CA SER B 132 -5.44 29.70 5.59
C SER B 132 -6.14 28.45 6.12
N ALA B 133 -7.08 27.94 5.35
CA ALA B 133 -7.84 26.77 5.77
C ALA B 133 -8.48 26.11 4.55
N GLY B 134 -9.08 24.95 4.77
CA GLY B 134 -9.80 24.25 3.73
C GLY B 134 -11.23 23.96 4.14
N LEU B 135 -12.11 23.99 3.15
CA LEU B 135 -13.55 23.86 3.39
C LEU B 135 -14.16 22.88 2.41
N ALA B 136 -15.32 22.33 2.79
CA ALA B 136 -16.06 21.41 1.93
C ALA B 136 -17.50 21.33 2.44
N GLY B 137 -18.45 21.33 1.52
CA GLY B 137 -19.85 21.26 1.88
C GLY B 137 -20.69 21.99 0.86
N SER B 138 -21.95 22.22 1.23
CA SER B 138 -22.87 22.95 0.36
C SER B 138 -22.49 24.44 0.33
N ALA B 139 -23.14 25.16 -0.59
CA ALA B 139 -22.85 26.58 -0.72
C ALA B 139 -23.32 27.38 0.49
N SER B 140 -24.30 26.85 1.23
CA SER B 140 -24.77 27.54 2.43
C SER B 140 -23.77 27.43 3.57
N ASP B 141 -23.18 26.24 3.75
CA ASP B 141 -22.18 26.06 4.81
C ASP B 141 -20.89 26.81 4.48
N ILE B 142 -20.49 26.79 3.22
CA ILE B 142 -19.24 27.44 2.81
C ILE B 142 -19.32 28.94 3.07
N LYS B 143 -20.51 29.52 2.87
CA LYS B 143 -20.69 30.95 3.16
C LYS B 143 -20.42 31.23 4.63
N ILE B 144 -20.99 30.43 5.52
CA ILE B 144 -20.81 30.64 6.96
C ILE B 144 -19.35 30.49 7.34
N HIS B 145 -18.70 29.44 6.83
CA HIS B 145 -17.30 29.20 7.19
C HIS B 145 -16.38 30.28 6.64
N ALA B 146 -16.67 30.80 5.44
CA ALA B 146 -15.88 31.88 4.89
C ALA B 146 -16.04 33.15 5.71
N GLU B 147 -17.26 33.46 6.15
CA GLU B 147 -17.45 34.63 7.00
C GLU B 147 -16.70 34.46 8.32
N ARG B 148 -16.73 33.26 8.89
CA ARG B 148 -16.01 33.02 10.14
C ARG B 148 -14.50 33.18 9.95
N LEU B 149 -13.98 32.70 8.82
CA LEU B 149 -12.54 32.82 8.58
C LEU B 149 -12.15 34.28 8.37
N LEU B 150 -12.99 35.06 7.70
CA LEU B 150 -12.77 36.49 7.60
C LEU B 150 -12.72 37.12 8.99
N HIS B 151 -13.65 36.73 9.86
CA HIS B 151 -13.69 37.26 11.22
C HIS B 151 -12.40 36.91 11.97
N THR B 152 -11.93 35.67 11.83
CA THR B 152 -10.70 35.27 12.49
C THR B 152 -9.51 36.09 12.00
N LYS B 153 -9.43 36.31 10.68
CA LYS B 153 -8.34 37.12 10.13
C LYS B 153 -8.38 38.55 10.68
N LYS B 154 -9.57 39.15 10.73
CA LYS B 154 -9.69 40.50 11.26
C LYS B 154 -9.30 40.56 12.73
N ARG B 155 -9.71 39.56 13.50
CA ARG B 155 -9.37 39.52 14.93
C ARG B 155 -7.87 39.43 15.13
N MET B 156 -7.19 38.59 14.35
CA MET B 156 -5.75 38.46 14.49
C MET B 156 -5.02 39.73 14.07
N ALA B 157 -5.51 40.38 13.00
CA ALA B 157 -4.93 41.67 12.63
C ALA B 157 -5.09 42.69 13.74
N GLU B 158 -6.27 42.74 14.37
CA GLU B 158 -6.50 43.69 15.45
C GLU B 158 -5.60 43.41 16.64
N LEU B 159 -5.44 42.14 17.01
CA LEU B 159 -4.60 41.79 18.15
C LEU B 159 -3.14 42.13 17.88
N THR B 160 -2.66 41.83 16.67
CA THR B 160 -1.28 42.19 16.32
C THR B 160 -1.09 43.70 16.35
N SER B 161 -2.06 44.45 15.83
CA SER B 161 -1.96 45.91 15.86
C SER B 161 -1.91 46.43 17.30
N GLN B 162 -2.71 45.84 18.19
CA GLN B 162 -2.68 46.27 19.58
C GLN B 162 -1.35 45.96 20.24
N HIS B 163 -0.78 44.78 19.97
CA HIS B 163 0.42 44.38 20.68
C HIS B 163 1.68 45.05 20.15
N THR B 164 1.80 45.23 18.83
CA THR B 164 3.02 45.81 18.29
C THR B 164 3.03 47.33 18.29
N GLY B 165 1.86 47.96 18.40
CA GLY B 165 1.78 49.41 18.41
C GLY B 165 1.68 50.05 17.04
N GLN B 166 1.59 49.27 15.97
CA GLN B 166 1.39 49.81 14.63
C GLN B 166 -0.09 49.97 14.34
N THR B 167 -0.39 50.75 13.31
CA THR B 167 -1.76 50.96 12.90
C THR B 167 -2.33 49.67 12.26
N ILE B 168 -3.65 49.54 12.33
CA ILE B 168 -4.30 48.34 11.82
C ILE B 168 -4.12 48.23 10.31
N GLU B 169 -4.24 49.35 9.60
CA GLU B 169 -4.13 49.32 8.15
C GLU B 169 -2.73 48.89 7.71
N GLN B 170 -1.69 49.35 8.42
CA GLN B 170 -0.34 48.96 8.07
C GLN B 170 -0.15 47.45 8.24
N ILE B 171 -0.66 46.89 9.34
CA ILE B 171 -0.55 45.45 9.56
C ILE B 171 -1.32 44.68 8.49
N THR B 172 -2.52 45.15 8.15
CA THR B 172 -3.31 44.49 7.11
C THR B 172 -2.58 44.50 5.78
N ARG B 173 -1.97 45.62 5.42
CA ARG B 173 -1.23 45.72 4.17
C ARG B 173 0.01 44.83 4.18
N ASP B 174 0.70 44.76 5.33
CA ASP B 174 1.97 44.04 5.38
C ASP B 174 1.78 42.53 5.40
N SER B 175 0.70 42.06 6.01
CA SER B 175 0.48 40.63 6.19
C SER B 175 -0.23 39.99 4.99
N ASP B 176 -0.51 40.73 3.93
CA ASP B 176 -1.15 40.15 2.76
C ASP B 176 -0.28 39.07 2.15
N ARG B 177 1.00 39.36 1.97
CA ARG B 177 1.99 38.37 1.56
C ARG B 177 2.80 37.97 2.79
N ASP B 178 3.86 37.19 2.58
CA ASP B 178 4.77 36.84 3.65
C ASP B 178 5.85 37.90 3.78
N ARG B 179 6.13 38.31 5.02
CA ARG B 179 7.23 39.22 5.31
C ARG B 179 8.16 38.57 6.32
N TRP B 180 9.45 38.59 6.02
CA TRP B 180 10.48 38.07 6.92
C TRP B 180 11.13 39.23 7.65
N PHE B 181 11.46 39.01 8.92
CA PHE B 181 12.10 40.01 9.75
C PHE B 181 13.37 39.46 10.37
N ASP B 182 14.42 40.27 10.36
CA ASP B 182 15.61 40.00 11.16
C ASP B 182 15.33 40.43 12.60
N ALA B 183 16.30 40.21 13.48
CA ALA B 183 16.11 40.59 14.88
C ALA B 183 15.96 42.10 15.02
N PHE B 184 16.84 42.86 14.38
CA PHE B 184 16.77 44.32 14.49
C PHE B 184 15.56 44.88 13.76
N GLU B 185 15.21 44.30 12.61
CA GLU B 185 14.03 44.73 11.90
C GLU B 185 12.78 44.49 12.73
N ALA B 186 12.68 43.33 13.38
CA ALA B 186 11.54 43.07 14.25
C ALA B 186 11.54 44.00 15.45
N LYS B 187 12.68 44.35 16.03
CA LYS B 187 12.62 45.29 17.16
C LYS B 187 12.08 46.62 16.64
N GLU B 188 12.67 47.11 15.56
CA GLU B 188 12.20 48.42 15.13
C GLU B 188 10.75 48.37 14.67
N TYR B 189 10.24 47.20 14.31
CA TYR B 189 8.87 47.05 13.88
C TYR B 189 7.88 47.04 15.04
N GLY B 190 8.35 46.76 16.25
CA GLY B 190 7.50 46.65 17.42
C GLY B 190 7.16 45.24 17.84
N LEU B 191 7.58 44.24 17.07
CA LEU B 191 7.25 42.85 17.42
C LEU B 191 7.94 42.42 18.71
N ILE B 192 9.19 42.82 18.90
CA ILE B 192 9.96 42.47 20.09
C ILE B 192 10.50 43.75 20.72
N ASP B 193 11.01 43.62 21.94
CA ASP B 193 11.44 44.77 22.71
C ASP B 193 12.95 44.99 22.71
N ASP B 194 13.73 43.91 22.64
CA ASP B 194 15.18 44.05 22.74
C ASP B 194 15.81 42.82 22.11
N VAL B 195 17.06 42.92 21.64
CA VAL B 195 17.83 41.77 21.06
C VAL B 195 18.95 41.36 22.02
N MET B 196 19.04 40.08 22.43
CA MET B 196 20.00 39.63 23.47
C MET B 196 21.28 39.07 22.86
N THR B 197 22.41 39.14 23.57
CA THR B 197 23.69 38.56 23.06
C THR B 197 24.52 37.88 24.16
N THR B 198 24.37 38.27 25.43
CA THR B 198 25.07 37.68 26.57
C THR B 198 24.08 37.48 27.73
N ALA B 199 24.55 36.82 28.78
CA ALA B 199 23.72 36.38 29.90
C ALA B 199 23.18 37.54 30.74
N ALA B 200 23.67 38.75 30.53
CA ALA B 200 23.20 39.89 31.31
C ALA B 200 21.87 40.44 30.80
N GLY B 201 21.25 39.81 29.80
CA GLY B 201 20.06 40.36 29.19
C GLY B 201 18.75 40.04 29.86
N MET B 202 18.51 38.80 30.27
CA MET B 202 17.25 38.47 30.91
C MET B 202 17.18 39.08 32.31
N PRO B 203 15.96 39.39 32.79
CA PRO B 203 15.77 39.94 34.14
C PRO B 203 16.18 38.95 35.23
N GLY C 22 5.46 11.53 29.33
CA GLY C 22 6.39 11.93 30.38
C GLY C 22 5.98 13.21 31.09
N LEU C 23 6.23 14.35 30.45
CA LEU C 23 5.86 15.62 31.04
C LEU C 23 4.35 15.75 31.18
N GLY C 24 3.62 15.41 30.12
CA GLY C 24 2.18 15.62 30.11
C GLY C 24 1.46 14.83 31.20
N ASP C 25 1.84 13.56 31.37
CA ASP C 25 1.24 12.76 32.42
C ASP C 25 1.48 13.38 33.80
N GLN C 26 2.71 13.85 34.03
CA GLN C 26 3.03 14.45 35.33
C GLN C 26 2.21 15.70 35.58
N VAL C 27 2.17 16.63 34.63
CA VAL C 27 1.46 17.89 34.87
C VAL C 27 -0.04 17.61 35.02
N TYR C 28 -0.58 16.69 34.23
CA TYR C 28 -1.98 16.33 34.38
C TYR C 28 -2.25 15.72 35.75
N ASN C 29 -1.30 14.93 36.27
CA ASN C 29 -1.48 14.35 37.60
C ASN C 29 -1.51 15.44 38.66
N ARG C 30 -0.61 16.42 38.58
CA ARG C 30 -0.64 17.51 39.56
C ARG C 30 -1.94 18.30 39.45
N LEU C 31 -2.40 18.58 38.22
CA LEU C 31 -3.64 19.32 38.06
C LEU C 31 -4.83 18.54 38.61
N LEU C 32 -4.87 17.22 38.38
CA LEU C 32 -5.93 16.40 38.96
C LEU C 32 -5.87 16.45 40.48
N ASN C 33 -4.67 16.43 41.04
CA ASN C 33 -4.53 16.64 42.48
C ASN C 33 -5.10 17.98 42.90
N GLU C 34 -5.06 18.97 42.00
CA GLU C 34 -5.66 20.28 42.26
C GLU C 34 -7.14 20.34 41.87
N ARG C 35 -7.75 19.21 41.56
CA ARG C 35 -9.17 19.12 41.16
C ARG C 35 -9.43 19.87 39.87
N ILE C 36 -8.60 19.58 38.86
CA ILE C 36 -8.73 20.15 37.53
C ILE C 36 -8.82 19.00 36.53
N ILE C 37 -9.84 19.01 35.68
CA ILE C 37 -9.99 18.01 34.64
C ILE C 37 -9.89 18.69 33.28
N PHE C 38 -9.19 18.04 32.36
CA PHE C 38 -8.98 18.55 31.01
C PHE C 38 -9.71 17.66 30.01
N LEU C 39 -10.39 18.30 29.07
CA LEU C 39 -11.05 17.61 27.95
C LEU C 39 -10.61 18.32 26.68
N GLY C 40 -9.50 17.84 26.09
CA GLY C 40 -8.91 18.55 24.98
C GLY C 40 -8.73 17.73 23.71
N GLN C 41 -9.53 16.68 23.56
CA GLN C 41 -9.48 15.85 22.36
C GLN C 41 -10.90 15.50 21.97
N PRO C 42 -11.12 15.02 20.74
CA PRO C 42 -12.47 14.62 20.33
C PRO C 42 -13.05 13.58 21.28
N VAL C 43 -14.35 13.73 21.55
CA VAL C 43 -15.03 12.91 22.55
C VAL C 43 -15.35 11.55 21.92
N ASP C 44 -14.77 10.50 22.49
CA ASP C 44 -15.02 9.13 22.04
C ASP C 44 -15.12 8.28 23.29
N ASP C 45 -15.46 7.01 23.15
CA ASP C 45 -15.66 6.12 24.31
C ASP C 45 -14.46 6.19 25.24
N ASP C 46 -13.26 6.14 24.70
CA ASP C 46 -12.02 6.13 25.55
C ASP C 46 -11.98 7.37 26.45
N ILE C 47 -12.04 8.56 25.87
CA ILE C 47 -11.94 9.83 26.64
C ILE C 47 -13.16 9.96 27.56
N ALA C 48 -14.28 9.35 27.21
CA ALA C 48 -15.50 9.51 28.03
C ALA C 48 -15.44 8.61 29.25
N ASN C 49 -14.73 7.50 29.11
CA ASN C 49 -14.57 6.56 30.23
C ASN C 49 -13.54 7.15 31.17
N LYS C 50 -12.54 7.83 30.63
CA LYS C 50 -11.54 8.42 31.49
C LYS C 50 -12.10 9.59 32.29
N ILE C 51 -12.88 10.47 31.65
CA ILE C 51 -13.44 11.62 32.36
C ILE C 51 -14.45 11.18 33.40
N THR C 52 -15.29 10.19 33.08
CA THR C 52 -16.24 9.69 34.06
C THR C 52 -15.53 9.05 35.25
N ALA C 53 -14.44 8.33 34.97
CA ALA C 53 -13.64 7.75 36.06
C ALA C 53 -13.06 8.85 36.94
N GLN C 54 -12.53 9.91 36.32
CA GLN C 54 -11.96 11.00 37.10
C GLN C 54 -13.03 11.69 37.96
N LEU C 55 -14.22 11.91 37.38
CA LEU C 55 -15.29 12.53 38.15
C LEU C 55 -15.72 11.67 39.32
N LEU C 56 -15.86 10.35 39.10
CA LEU C 56 -16.21 9.46 40.19
C LEU C 56 -15.14 9.45 41.27
N LEU C 57 -13.87 9.48 40.85
CA LEU C 57 -12.77 9.49 41.82
C LEU C 57 -12.79 10.77 42.65
N LEU C 58 -12.96 11.92 42.00
CA LEU C 58 -12.98 13.18 42.72
C LEU C 58 -14.24 13.35 43.56
N ALA C 59 -15.29 12.59 43.27
CA ALA C 59 -16.50 12.66 44.09
C ALA C 59 -16.33 12.08 45.49
N SER C 60 -15.14 11.61 45.88
CA SER C 60 -14.96 11.08 47.22
C SER C 60 -15.18 12.16 48.28
N ASP C 61 -14.65 13.36 48.05
CA ASP C 61 -14.90 14.47 48.95
C ASP C 61 -16.11 15.22 48.40
N PRO C 62 -17.23 15.24 49.09
CA PRO C 62 -18.48 15.78 48.51
C PRO C 62 -18.72 17.26 48.71
N GLU C 63 -17.72 18.05 49.11
CA GLU C 63 -17.93 19.47 49.37
C GLU C 63 -17.08 20.39 48.51
N LYS C 64 -16.13 19.86 47.75
CA LYS C 64 -15.25 20.68 46.93
C LYS C 64 -15.70 20.63 45.48
N ASP C 65 -15.64 21.78 44.82
CA ASP C 65 -16.06 21.91 43.43
C ASP C 65 -15.06 21.23 42.50
N ILE C 66 -15.51 20.99 41.27
CA ILE C 66 -14.68 20.39 40.23
C ILE C 66 -14.69 21.32 39.02
N TYR C 67 -13.50 21.61 38.50
CA TYR C 67 -13.34 22.47 37.33
C TYR C 67 -13.01 21.61 36.11
N LEU C 68 -13.69 21.88 35.01
CA LEU C 68 -13.49 21.13 33.76
C LEU C 68 -13.20 22.11 32.65
N TYR C 69 -12.02 21.98 32.03
CA TYR C 69 -11.61 22.82 30.91
C TYR C 69 -11.90 22.09 29.60
N ILE C 70 -12.50 22.78 28.65
CA ILE C 70 -12.97 22.17 27.42
C ILE C 70 -12.32 22.88 26.23
N ASN C 71 -11.55 22.13 25.44
CA ASN C 71 -11.04 22.58 24.15
C ASN C 71 -11.14 21.38 23.20
N SER C 72 -12.29 21.23 22.56
CA SER C 72 -12.55 20.03 21.78
C SER C 72 -13.49 20.36 20.63
N PRO C 73 -13.38 19.65 19.51
CA PRO C 73 -14.32 19.84 18.40
C PRO C 73 -15.58 18.99 18.47
N GLY C 74 -15.74 18.18 19.51
CA GLY C 74 -16.90 17.33 19.66
C GLY C 74 -16.60 15.88 19.30
N GLY C 75 -17.64 15.06 19.38
CA GLY C 75 -17.50 13.65 19.09
C GLY C 75 -18.81 12.89 19.04
N SER C 76 -18.80 11.66 19.56
CA SER C 76 -19.98 10.81 19.50
C SER C 76 -21.02 11.25 20.52
N ILE C 77 -22.29 10.98 20.19
CA ILE C 77 -23.39 11.41 21.06
C ILE C 77 -23.41 10.59 22.34
N THR C 78 -23.21 9.27 22.24
CA THR C 78 -23.34 8.41 23.41
C THR C 78 -22.29 8.73 24.47
N ALA C 79 -21.04 8.91 24.05
CA ALA C 79 -19.98 9.22 25.00
C ALA C 79 -20.22 10.55 25.71
N GLY C 80 -20.58 11.58 24.95
CA GLY C 80 -20.86 12.87 25.54
C GLY C 80 -22.07 12.83 26.45
N MET C 81 -23.07 12.04 26.09
CA MET C 81 -24.25 11.92 26.94
C MET C 81 -23.92 11.21 28.25
N ALA C 82 -23.02 10.22 28.18
CA ALA C 82 -22.54 9.58 29.41
C ALA C 82 -21.81 10.58 30.29
N ILE C 83 -20.96 11.42 29.69
CA ILE C 83 -20.27 12.44 30.46
C ILE C 83 -21.27 13.40 31.10
N TYR C 84 -22.29 13.79 30.34
CA TYR C 84 -23.32 14.69 30.85
C TYR C 84 -24.07 14.07 32.02
N ASP C 85 -24.42 12.79 31.90
CA ASP C 85 -25.12 12.10 32.98
C ASP C 85 -24.26 12.02 34.23
N THR C 86 -22.97 11.72 34.06
CA THR C 86 -22.08 11.66 35.22
C THR C 86 -21.93 13.03 35.87
N MET C 87 -21.83 14.09 35.05
CA MET C 87 -21.74 15.44 35.60
C MET C 87 -22.98 15.80 36.40
N GLN C 88 -24.16 15.42 35.89
CA GLN C 88 -25.40 15.65 36.62
C GLN C 88 -25.60 14.69 37.78
N TYR C 89 -24.78 13.63 37.86
CA TYR C 89 -24.95 12.56 38.83
C TYR C 89 -24.35 12.91 40.18
N ILE C 90 -23.09 13.36 40.21
CA ILE C 90 -22.39 13.53 41.47
C ILE C 90 -22.91 14.78 42.20
N LYS C 91 -22.67 14.80 43.51
CA LYS C 91 -23.13 15.89 44.36
C LYS C 91 -22.30 17.15 44.23
N ASN C 92 -21.04 17.02 43.79
CA ASN C 92 -20.17 18.18 43.67
C ASN C 92 -20.58 19.05 42.49
N ASP C 93 -20.49 20.36 42.67
CA ASP C 93 -20.76 21.29 41.58
C ASP C 93 -19.61 21.28 40.58
N VAL C 94 -19.95 21.42 39.30
CA VAL C 94 -18.98 21.38 38.22
C VAL C 94 -18.90 22.76 37.59
N VAL C 95 -17.69 23.30 37.49
CA VAL C 95 -17.44 24.58 36.85
C VAL C 95 -16.77 24.31 35.51
N THR C 96 -17.38 24.79 34.43
CA THR C 96 -16.87 24.56 33.09
C THR C 96 -16.26 25.83 32.53
N ILE C 97 -15.02 25.71 32.05
CA ILE C 97 -14.29 26.82 31.43
C ILE C 97 -14.09 26.48 29.96
N ALA C 98 -14.50 27.38 29.08
CA ALA C 98 -14.32 27.21 27.65
C ALA C 98 -13.05 27.94 27.23
N MET C 99 -12.10 27.19 26.68
CA MET C 99 -10.86 27.75 26.17
C MET C 99 -10.62 27.21 24.77
N GLY C 100 -10.27 28.10 23.85
CA GLY C 100 -9.99 27.67 22.49
C GLY C 100 -11.25 27.46 21.68
N LEU C 101 -11.64 26.20 21.52
CA LEU C 101 -12.80 25.82 20.74
C LEU C 101 -13.73 24.95 21.59
N ALA C 102 -15.03 25.22 21.50
CA ALA C 102 -16.05 24.40 22.16
C ALA C 102 -17.19 24.24 21.15
N ALA C 103 -17.11 23.17 20.35
CA ALA C 103 -18.01 22.98 19.23
C ALA C 103 -18.77 21.67 19.37
N ALA C 104 -19.97 21.65 18.77
CA ALA C 104 -20.81 20.47 18.73
C ALA C 104 -21.13 19.94 20.14
N MET C 105 -20.70 18.72 20.43
CA MET C 105 -20.96 18.13 21.73
C MET C 105 -20.19 18.82 22.85
N GLY C 106 -19.01 19.36 22.53
CA GLY C 106 -18.27 20.12 23.53
C GLY C 106 -19.03 21.32 24.03
N GLN C 107 -19.74 22.00 23.13
CA GLN C 107 -20.61 23.10 23.56
C GLN C 107 -21.70 22.61 24.50
N PHE C 108 -22.28 21.46 24.19
CA PHE C 108 -23.33 20.91 25.04
C PHE C 108 -22.80 20.60 26.43
N LEU C 109 -21.60 20.04 26.52
CA LEU C 109 -20.99 19.81 27.83
C LEU C 109 -20.65 21.10 28.54
N LEU C 110 -20.19 22.11 27.80
CA LEU C 110 -19.85 23.39 28.42
C LEU C 110 -21.09 24.05 29.02
N SER C 111 -22.22 23.97 28.33
CA SER C 111 -23.46 24.56 28.81
C SER C 111 -24.14 23.70 29.87
N ALA C 112 -23.61 22.51 30.17
CA ALA C 112 -24.22 21.60 31.11
C ALA C 112 -23.71 21.80 32.54
N GLY C 113 -22.85 22.76 32.78
CA GLY C 113 -22.36 23.00 34.12
C GLY C 113 -23.44 23.57 35.02
N THR C 114 -23.14 23.60 36.31
CA THR C 114 -24.11 24.11 37.27
C THR C 114 -24.34 25.60 37.03
N PRO C 115 -25.56 26.09 37.26
CA PRO C 115 -25.85 27.50 36.96
C PRO C 115 -24.97 28.45 37.75
N GLY C 116 -24.58 29.54 37.09
CA GLY C 116 -23.74 30.54 37.70
C GLY C 116 -22.26 30.25 37.67
N LYS C 117 -21.85 29.09 37.15
CA LYS C 117 -20.45 28.67 37.15
C LYS C 117 -20.03 28.16 35.78
N ARG C 118 -20.46 28.83 34.72
CA ARG C 118 -19.99 28.55 33.38
C ARG C 118 -19.33 29.80 32.83
N PHE C 119 -18.08 29.65 32.36
CA PHE C 119 -17.28 30.78 31.93
C PHE C 119 -16.60 30.46 30.61
N ALA C 120 -16.11 31.51 29.96
CA ALA C 120 -15.34 31.36 28.73
C ALA C 120 -14.29 32.45 28.67
N LEU C 121 -13.19 32.16 28.01
CA LEU C 121 -12.13 33.13 27.79
C LEU C 121 -12.55 34.14 26.72
N PRO C 122 -11.95 35.33 26.72
CA PRO C 122 -12.42 36.38 25.80
C PRO C 122 -12.36 36.00 24.33
N ASN C 123 -11.37 35.19 23.92
CA ASN C 123 -11.22 34.79 22.53
C ASN C 123 -11.65 33.34 22.31
N ALA C 124 -12.60 32.88 23.10
CA ALA C 124 -13.15 31.54 22.96
C ALA C 124 -14.14 31.50 21.81
N GLU C 125 -14.40 30.30 21.31
CA GLU C 125 -15.26 30.09 20.16
C GLU C 125 -16.25 28.98 20.46
N ILE C 126 -17.53 29.27 20.27
CA ILE C 126 -18.61 28.33 20.56
C ILE C 126 -19.41 28.10 19.29
N LEU C 127 -19.65 26.84 18.95
CA LEU C 127 -20.36 26.47 17.74
C LEU C 127 -21.49 25.52 18.07
N ILE C 128 -22.67 25.80 17.52
CA ILE C 128 -23.86 24.96 17.69
C ILE C 128 -24.05 24.16 16.41
N HIS C 129 -24.22 22.84 16.56
CA HIS C 129 -24.24 21.93 15.44
C HIS C 129 -25.36 20.91 15.63
N GLN C 130 -25.83 20.35 14.52
CA GLN C 130 -26.85 19.32 14.59
C GLN C 130 -26.24 17.95 14.28
N PRO C 131 -26.80 16.87 14.81
CA PRO C 131 -26.15 15.56 14.70
C PRO C 131 -26.06 15.06 13.27
N SER C 132 -25.03 14.26 13.02
CA SER C 132 -24.83 13.59 11.74
C SER C 132 -24.47 12.14 11.99
N ALA C 133 -24.80 11.27 11.03
CA ALA C 133 -24.60 9.85 11.22
C ALA C 133 -24.40 9.17 9.87
N GLY C 134 -23.86 7.96 9.91
CA GLY C 134 -23.71 7.12 8.74
C GLY C 134 -24.42 5.80 8.90
N LEU C 135 -25.31 5.46 7.97
CA LEU C 135 -26.21 4.32 8.09
C LEU C 135 -26.04 3.39 6.91
N ALA C 136 -26.29 2.09 7.15
CA ALA C 136 -26.28 1.10 6.08
C ALA C 136 -27.10 -0.10 6.51
N GLY C 137 -27.60 -0.85 5.53
CA GLY C 137 -28.40 -2.03 5.77
C GLY C 137 -29.64 -2.04 4.92
N SER C 138 -30.58 -2.91 5.27
CA SER C 138 -31.82 -3.05 4.53
C SER C 138 -32.72 -1.84 4.78
N ALA C 139 -33.83 -1.77 4.05
CA ALA C 139 -34.77 -0.67 4.16
C ALA C 139 -35.60 -0.73 5.43
N SER C 140 -35.56 -1.85 6.17
CA SER C 140 -36.27 -1.94 7.44
C SER C 140 -35.38 -1.56 8.62
N ASP C 141 -34.09 -1.85 8.55
CA ASP C 141 -33.16 -1.41 9.58
C ASP C 141 -32.90 0.08 9.49
N ILE C 142 -32.83 0.60 8.26
CA ILE C 142 -32.56 2.02 8.06
C ILE C 142 -33.70 2.86 8.63
N LYS C 143 -34.94 2.37 8.52
CA LYS C 143 -36.06 3.07 9.13
C LYS C 143 -35.87 3.21 10.64
N ILE C 144 -35.51 2.12 11.31
CA ILE C 144 -35.33 2.14 12.75
C ILE C 144 -34.19 3.08 13.14
N HIS C 145 -33.07 3.01 12.41
CA HIS C 145 -31.93 3.85 12.76
C HIS C 145 -32.21 5.32 12.50
N ALA C 146 -32.94 5.64 11.43
CA ALA C 146 -33.33 7.03 11.17
C ALA C 146 -34.26 7.55 12.25
N GLU C 147 -35.21 6.74 12.70
CA GLU C 147 -36.09 7.16 13.79
C GLU C 147 -35.29 7.40 15.07
N ARG C 148 -34.31 6.53 15.35
CA ARG C 148 -33.47 6.73 16.52
C ARG C 148 -32.64 8.00 16.42
N LEU C 149 -32.13 8.31 15.22
CA LEU C 149 -31.38 9.54 15.03
C LEU C 149 -32.25 10.77 15.23
N LEU C 150 -33.49 10.73 14.73
CA LEU C 150 -34.41 11.83 14.97
C LEU C 150 -34.69 11.99 16.46
N HIS C 151 -34.87 10.88 17.16
CA HIS C 151 -35.09 10.93 18.60
C HIS C 151 -33.89 11.55 19.33
N THR C 152 -32.68 11.17 18.91
CA THR C 152 -31.48 11.74 19.51
C THR C 152 -31.40 13.24 19.29
N LYS C 153 -31.70 13.70 18.07
CA LYS C 153 -31.68 15.12 17.79
C LYS C 153 -32.71 15.86 18.64
N LYS C 154 -33.91 15.30 18.78
CA LYS C 154 -34.94 15.93 19.59
C LYS C 154 -34.50 16.02 21.05
N ARG C 155 -33.89 14.96 21.57
CA ARG C 155 -33.43 14.96 22.96
C ARG C 155 -32.34 16.00 23.16
N MET C 156 -31.39 16.09 22.22
CA MET C 156 -30.33 17.08 22.33
C MET C 156 -30.89 18.49 22.32
N ALA C 157 -31.86 18.76 21.44
CA ALA C 157 -32.48 20.07 21.41
C ALA C 157 -33.19 20.38 22.71
N GLU C 158 -33.91 19.41 23.27
CA GLU C 158 -34.62 19.62 24.52
C GLU C 158 -33.64 19.94 25.66
N LEU C 159 -32.55 19.18 25.75
CA LEU C 159 -31.57 19.42 26.81
C LEU C 159 -30.91 20.79 26.65
N THR C 160 -30.55 21.15 25.42
CA THR C 160 -29.95 22.46 25.20
C THR C 160 -30.91 23.57 25.59
N SER C 161 -32.18 23.45 25.21
CA SER C 161 -33.17 24.45 25.57
C SER C 161 -33.34 24.55 27.08
N GLN C 162 -33.33 23.40 27.76
CA GLN C 162 -33.43 23.41 29.22
C GLN C 162 -32.26 24.14 29.86
N HIS C 163 -31.05 23.93 29.32
CA HIS C 163 -29.87 24.49 29.94
C HIS C 163 -29.58 25.94 29.53
N THR C 164 -30.17 26.43 28.44
CA THR C 164 -29.87 27.79 28.00
C THR C 164 -30.93 28.81 28.37
N GLY C 165 -32.16 28.39 28.64
CA GLY C 165 -33.25 29.30 28.91
C GLY C 165 -34.02 29.76 27.69
N GLN C 166 -33.57 29.42 26.49
CA GLN C 166 -34.30 29.75 25.28
C GLN C 166 -35.43 28.76 25.03
N THR C 167 -36.36 29.15 24.17
CA THR C 167 -37.44 28.26 23.80
C THR C 167 -36.94 27.16 22.87
N ILE C 168 -37.70 26.06 22.84
CA ILE C 168 -37.30 24.91 22.02
C ILE C 168 -37.34 25.27 20.54
N GLU C 169 -38.33 26.07 20.13
CA GLU C 169 -38.47 26.43 18.72
C GLU C 169 -37.27 27.22 18.23
N GLN C 170 -36.79 28.18 19.04
CA GLN C 170 -35.65 28.98 18.63
C GLN C 170 -34.39 28.12 18.52
N ILE C 171 -34.19 27.19 19.45
CA ILE C 171 -33.04 26.30 19.39
C ILE C 171 -33.11 25.42 18.15
N THR C 172 -34.29 24.88 17.85
CA THR C 172 -34.44 24.03 16.67
C THR C 172 -34.16 24.82 15.39
N ARG C 173 -34.66 26.05 15.32
CA ARG C 173 -34.43 26.87 14.14
C ARG C 173 -32.96 27.25 14.00
N ASP C 174 -32.29 27.55 15.11
CA ASP C 174 -30.93 28.06 15.06
C ASP C 174 -29.89 26.99 14.77
N SER C 175 -30.15 25.74 15.12
CA SER C 175 -29.18 24.67 14.95
C SER C 175 -29.34 23.93 13.63
N ASP C 176 -30.22 24.40 12.74
CA ASP C 176 -30.37 23.75 11.44
C ASP C 176 -29.07 23.82 10.64
N ARG C 177 -28.42 24.98 10.65
CA ARG C 177 -27.09 25.16 10.09
C ARG C 177 -26.10 25.38 11.22
N ASP C 178 -24.85 25.66 10.86
CA ASP C 178 -23.82 25.93 11.84
C ASP C 178 -23.86 27.39 12.23
N ARG C 179 -23.95 27.66 13.53
CA ARG C 179 -23.93 29.03 14.05
C ARG C 179 -22.71 29.19 14.95
N TRP C 180 -21.92 30.23 14.70
CA TRP C 180 -20.74 30.53 15.50
C TRP C 180 -21.07 31.63 16.50
N PHE C 181 -20.47 31.51 17.69
CA PHE C 181 -20.73 32.44 18.77
C PHE C 181 -19.41 32.98 19.32
N ASP C 182 -19.38 34.29 19.56
CA ASP C 182 -18.32 34.92 20.32
C ASP C 182 -18.63 34.77 21.80
N ALA C 183 -17.69 35.16 22.66
CA ALA C 183 -17.89 35.01 24.10
C ALA C 183 -19.08 35.85 24.58
N PHE C 184 -19.14 37.11 24.16
CA PHE C 184 -20.26 37.96 24.58
C PHE C 184 -21.55 37.52 23.93
N GLU C 185 -21.51 37.09 22.66
CA GLU C 185 -22.70 36.57 22.02
C GLU C 185 -23.19 35.31 22.72
N ALA C 186 -22.26 34.44 23.14
CA ALA C 186 -22.66 33.24 23.87
C ALA C 186 -23.27 33.60 25.22
N LYS C 187 -22.71 34.59 25.91
CA LYS C 187 -23.28 35.00 27.18
C LYS C 187 -24.69 35.57 27.00
N GLU C 188 -24.89 36.38 25.97
CA GLU C 188 -26.22 36.91 25.70
C GLU C 188 -27.19 35.79 25.33
N TYR C 189 -26.72 34.81 24.56
CA TYR C 189 -27.58 33.71 24.14
C TYR C 189 -28.03 32.87 25.32
N GLY C 190 -27.15 32.66 26.29
CA GLY C 190 -27.45 31.86 27.46
C GLY C 190 -26.61 30.62 27.63
N LEU C 191 -25.64 30.36 26.73
CA LEU C 191 -24.83 29.15 26.84
C LEU C 191 -23.85 29.23 28.01
N ILE C 192 -23.37 30.42 28.33
CA ILE C 192 -22.44 30.63 29.43
C ILE C 192 -22.98 31.74 30.32
N ASP C 193 -22.44 31.81 31.53
CA ASP C 193 -22.91 32.75 32.55
C ASP C 193 -22.08 34.02 32.64
N ASP C 194 -20.79 33.96 32.31
CA ASP C 194 -19.94 35.14 32.41
C ASP C 194 -18.72 34.94 31.51
N VAL C 195 -18.10 36.06 31.15
CA VAL C 195 -16.84 36.06 30.41
C VAL C 195 -15.79 36.71 31.31
N MET C 196 -14.71 35.93 31.52
CA MET C 196 -13.65 36.27 32.49
C MET C 196 -12.37 36.74 31.82
N THR C 197 -11.62 37.59 32.50
CA THR C 197 -10.37 38.09 31.94
C THR C 197 -9.16 37.84 32.83
N THR C 198 -9.25 38.08 34.13
CA THR C 198 -8.12 37.98 35.04
C THR C 198 -8.40 36.92 36.11
N ALA C 199 -7.47 36.81 37.05
CA ALA C 199 -7.46 35.73 38.04
C ALA C 199 -8.59 35.82 39.05
N ALA C 200 -9.31 36.94 39.11
CA ALA C 200 -10.37 37.10 40.10
C ALA C 200 -11.69 36.47 39.67
N GLY C 201 -11.72 35.78 38.52
CA GLY C 201 -12.97 35.26 37.99
C GLY C 201 -13.48 34.01 38.66
N MET C 202 -12.64 32.99 38.81
CA MET C 202 -13.11 31.73 39.39
C MET C 202 -13.46 31.92 40.86
N PRO C 203 -14.47 31.20 41.38
CA PRO C 203 -14.86 31.28 42.79
C PRO C 203 -13.82 30.67 43.72
N GLY D 22 1.28 6.54 31.75
CA GLY D 22 1.01 7.37 32.90
C GLY D 22 -0.47 7.45 33.24
N LEU D 23 -1.06 8.62 32.99
CA LEU D 23 -2.48 8.81 33.27
C LEU D 23 -3.32 7.93 32.37
N GLY D 24 -4.46 7.48 32.89
CA GLY D 24 -5.32 6.53 32.23
C GLY D 24 -5.32 5.15 32.86
N ASP D 25 -4.32 4.85 33.68
CA ASP D 25 -4.27 3.60 34.43
C ASP D 25 -4.35 3.82 35.93
N GLN D 26 -3.82 4.94 36.43
CA GLN D 26 -3.84 5.19 37.87
C GLN D 26 -5.26 5.33 38.39
N VAL D 27 -6.10 6.11 37.69
CA VAL D 27 -7.47 6.30 38.14
C VAL D 27 -8.24 4.99 38.13
N TYR D 28 -8.00 4.16 37.12
CA TYR D 28 -8.61 2.84 37.08
C TYR D 28 -8.14 1.99 38.25
N ASN D 29 -6.86 2.09 38.61
CA ASN D 29 -6.35 1.33 39.74
C ASN D 29 -7.03 1.75 41.05
N ARG D 30 -7.17 3.05 41.28
CA ARG D 30 -7.85 3.49 42.49
C ARG D 30 -9.32 3.08 42.48
N LEU D 31 -9.98 3.15 41.32
CA LEU D 31 -11.36 2.72 41.24
C LEU D 31 -11.50 1.24 41.54
N LEU D 32 -10.58 0.42 41.03
CA LEU D 32 -10.58 -1.00 41.36
C LEU D 32 -10.36 -1.22 42.85
N ASN D 33 -9.49 -0.41 43.45
CA ASN D 33 -9.34 -0.43 44.90
C ASN D 33 -10.65 -0.09 45.59
N GLU D 34 -11.51 0.69 44.93
CA GLU D 34 -12.82 1.03 45.46
C GLU D 34 -13.90 0.03 45.04
N ARG D 35 -13.51 -1.08 44.41
CA ARG D 35 -14.43 -2.13 43.94
C ARG D 35 -15.35 -1.61 42.83
N ILE D 36 -14.73 -0.95 41.86
CA ILE D 36 -15.41 -0.45 40.66
C ILE D 36 -14.73 -1.06 39.45
N ILE D 37 -15.52 -1.67 38.57
CA ILE D 37 -15.01 -2.28 37.34
C ILE D 37 -15.63 -1.55 36.15
N PHE D 38 -14.80 -1.24 35.16
CA PHE D 38 -15.23 -0.56 33.95
C PHE D 38 -15.19 -1.50 32.76
N LEU D 39 -16.25 -1.49 31.96
CA LEU D 39 -16.32 -2.24 30.72
C LEU D 39 -16.78 -1.25 29.64
N GLY D 40 -15.83 -0.56 29.01
CA GLY D 40 -16.19 0.50 28.10
C GLY D 40 -15.64 0.40 26.69
N GLN D 41 -15.36 -0.82 26.25
CA GLN D 41 -14.94 -1.05 24.87
C GLN D 41 -15.55 -2.36 24.40
N PRO D 42 -15.54 -2.64 23.09
CA PRO D 42 -16.18 -3.86 22.61
C PRO D 42 -15.62 -5.11 23.28
N VAL D 43 -16.52 -6.06 23.55
CA VAL D 43 -16.19 -7.25 24.31
C VAL D 43 -15.45 -8.23 23.40
N ASP D 44 -14.19 -8.50 23.70
CA ASP D 44 -13.42 -9.50 22.98
C ASP D 44 -12.72 -10.43 23.97
N ASP D 45 -11.81 -11.26 23.48
CA ASP D 45 -11.14 -12.22 24.36
C ASP D 45 -10.31 -11.51 25.43
N ASP D 46 -9.59 -10.48 25.02
CA ASP D 46 -8.69 -9.74 25.95
C ASP D 46 -9.47 -9.14 27.10
N ILE D 47 -10.51 -8.38 26.80
CA ILE D 47 -11.25 -7.69 27.85
C ILE D 47 -12.08 -8.67 28.67
N ALA D 48 -12.57 -9.75 28.07
CA ALA D 48 -13.25 -10.77 28.86
C ALA D 48 -12.30 -11.41 29.86
N ASN D 49 -11.07 -11.69 29.42
CA ASN D 49 -10.08 -12.24 30.33
C ASN D 49 -9.77 -11.26 31.47
N LYS D 50 -9.63 -9.98 31.13
CA LYS D 50 -9.33 -8.97 32.14
C LYS D 50 -10.46 -8.83 33.15
N ILE D 51 -11.71 -8.83 32.68
CA ILE D 51 -12.85 -8.70 33.58
C ILE D 51 -12.97 -9.93 34.47
N THR D 52 -12.74 -11.12 33.90
CA THR D 52 -12.77 -12.33 34.72
C THR D 52 -11.70 -12.29 35.79
N ALA D 53 -10.50 -11.83 35.43
CA ALA D 53 -9.42 -11.73 36.41
C ALA D 53 -9.78 -10.75 37.53
N GLN D 54 -10.35 -9.60 37.16
CA GLN D 54 -10.73 -8.63 38.19
C GLN D 54 -11.82 -9.17 39.10
N LEU D 55 -12.81 -9.87 38.55
CA LEU D 55 -13.86 -10.45 39.37
C LEU D 55 -13.30 -11.50 40.32
N LEU D 56 -12.41 -12.35 39.81
CA LEU D 56 -11.80 -13.36 40.68
C LEU D 56 -10.97 -12.73 41.79
N LEU D 57 -10.24 -11.65 41.46
CA LEU D 57 -9.47 -10.97 42.49
C LEU D 57 -10.37 -10.34 43.54
N LEU D 58 -11.43 -9.65 43.12
CA LEU D 58 -12.32 -9.01 44.08
C LEU D 58 -13.13 -10.02 44.88
N ALA D 59 -13.24 -11.26 44.40
CA ALA D 59 -13.90 -12.30 45.16
C ALA D 59 -13.11 -12.72 46.40
N SER D 60 -11.93 -12.15 46.64
CA SER D 60 -11.15 -12.50 47.81
C SER D 60 -11.87 -12.14 49.11
N ASP D 61 -12.70 -11.10 49.07
CA ASP D 61 -13.53 -10.74 50.22
C ASP D 61 -14.94 -11.22 49.92
N PRO D 62 -15.45 -12.25 50.59
CA PRO D 62 -16.74 -12.84 50.23
C PRO D 62 -17.96 -11.99 50.47
N GLU D 63 -17.86 -10.82 51.10
CA GLU D 63 -19.03 -10.14 51.63
C GLU D 63 -19.28 -8.76 51.06
N LYS D 64 -18.41 -8.25 50.20
CA LYS D 64 -18.57 -6.92 49.64
C LYS D 64 -19.03 -7.02 48.19
N ASP D 65 -19.97 -6.16 47.81
CA ASP D 65 -20.54 -6.14 46.47
C ASP D 65 -19.52 -5.58 45.47
N ILE D 66 -19.79 -5.84 44.19
CA ILE D 66 -18.97 -5.35 43.10
C ILE D 66 -19.87 -4.57 42.15
N TYR D 67 -19.42 -3.37 41.77
CA TYR D 67 -20.16 -2.53 40.84
C TYR D 67 -19.48 -2.56 39.48
N LEU D 68 -20.27 -2.78 38.43
CA LEU D 68 -19.76 -2.84 37.06
C LEU D 68 -20.45 -1.77 36.21
N TYR D 69 -19.64 -0.94 35.56
CA TYR D 69 -20.13 0.12 34.70
C TYR D 69 -19.96 -0.31 33.24
N ILE D 70 -21.05 -0.23 32.47
CA ILE D 70 -21.09 -0.77 31.12
C ILE D 70 -21.37 0.36 30.15
N ASN D 71 -20.43 0.62 29.24
CA ASN D 71 -20.63 1.53 28.11
C ASN D 71 -19.94 0.90 26.91
N SER D 72 -20.65 0.05 26.18
CA SER D 72 -20.02 -0.73 25.13
C SER D 72 -21.06 -1.10 24.08
N PRO D 73 -20.64 -1.30 22.82
CA PRO D 73 -21.56 -1.74 21.77
C PRO D 73 -21.67 -3.25 21.60
N GLY D 74 -21.09 -4.04 22.49
CA GLY D 74 -21.13 -5.49 22.35
C GLY D 74 -19.88 -6.04 21.71
N GLY D 75 -19.90 -7.34 21.47
CA GLY D 75 -18.76 -8.00 20.86
C GLY D 75 -18.95 -9.49 20.64
N SER D 76 -17.88 -10.26 20.88
CA SER D 76 -17.92 -11.69 20.62
C SER D 76 -18.82 -12.40 21.61
N ILE D 77 -19.45 -13.48 21.15
CA ILE D 77 -20.45 -14.17 21.96
C ILE D 77 -19.77 -14.96 23.08
N THR D 78 -18.68 -15.66 22.76
CA THR D 78 -18.02 -16.51 23.75
C THR D 78 -17.43 -15.69 24.89
N ALA D 79 -16.86 -14.53 24.58
CA ALA D 79 -16.33 -13.66 25.63
C ALA D 79 -17.42 -13.20 26.58
N GLY D 80 -18.57 -12.80 26.02
CA GLY D 80 -19.70 -12.42 26.86
C GLY D 80 -20.19 -13.58 27.70
N MET D 81 -20.18 -14.79 27.15
CA MET D 81 -20.55 -15.96 27.92
C MET D 81 -19.59 -16.19 29.09
N ALA D 82 -18.29 -16.03 28.85
CA ALA D 82 -17.33 -16.17 29.93
C ALA D 82 -17.57 -15.14 31.03
N ILE D 83 -17.81 -13.88 30.65
CA ILE D 83 -18.07 -12.85 31.65
C ILE D 83 -19.34 -13.15 32.42
N TYR D 84 -20.39 -13.57 31.71
CA TYR D 84 -21.66 -13.88 32.38
C TYR D 84 -21.50 -15.03 33.36
N ASP D 85 -20.79 -16.08 32.96
CA ASP D 85 -20.57 -17.21 33.85
C ASP D 85 -19.76 -16.80 35.08
N THR D 86 -18.73 -15.97 34.89
CA THR D 86 -17.95 -15.52 36.03
C THR D 86 -18.79 -14.67 36.98
N MET D 87 -19.63 -13.79 36.43
CA MET D 87 -20.49 -12.98 37.28
C MET D 87 -21.46 -13.86 38.07
N GLN D 88 -22.01 -14.88 37.43
CA GLN D 88 -22.89 -15.81 38.14
C GLN D 88 -22.12 -16.75 39.05
N TYR D 89 -20.79 -16.79 38.96
CA TYR D 89 -20.01 -17.76 39.70
C TYR D 89 -19.72 -17.27 41.13
N ILE D 90 -19.16 -16.07 41.25
CA ILE D 90 -18.67 -15.61 42.55
C ILE D 90 -19.83 -15.39 43.51
N LYS D 91 -19.51 -15.45 44.80
CA LYS D 91 -20.53 -15.30 45.84
C LYS D 91 -20.98 -13.85 46.01
N ASN D 92 -20.13 -12.89 45.68
CA ASN D 92 -20.48 -11.49 45.85
C ASN D 92 -21.54 -11.07 44.83
N ASP D 93 -22.47 -10.23 45.28
CA ASP D 93 -23.47 -9.68 44.37
C ASP D 93 -22.83 -8.64 43.46
N VAL D 94 -23.30 -8.59 42.21
CA VAL D 94 -22.76 -7.70 41.20
C VAL D 94 -23.82 -6.68 40.84
N VAL D 95 -23.51 -5.41 41.03
CA VAL D 95 -24.41 -4.30 40.69
C VAL D 95 -23.96 -3.74 39.35
N THR D 96 -24.89 -3.69 38.38
CA THR D 96 -24.58 -3.23 37.04
C THR D 96 -25.18 -1.85 36.82
N ILE D 97 -24.36 -0.93 36.30
CA ILE D 97 -24.78 0.42 35.97
C ILE D 97 -24.66 0.60 34.47
N ALA D 98 -25.75 1.02 33.83
CA ALA D 98 -25.76 1.29 32.40
C ALA D 98 -25.53 2.78 32.19
N MET D 99 -24.43 3.12 31.53
CA MET D 99 -24.09 4.49 31.21
C MET D 99 -23.75 4.60 29.73
N GLY D 100 -24.31 5.62 29.08
CA GLY D 100 -24.04 5.80 27.67
C GLY D 100 -24.78 4.81 26.80
N LEU D 101 -24.06 3.84 26.26
CA LEU D 101 -24.60 2.85 25.35
C LEU D 101 -24.42 1.45 25.94
N ALA D 102 -25.47 0.64 25.85
CA ALA D 102 -25.41 -0.76 26.28
C ALA D 102 -26.20 -1.57 25.24
N ALA D 103 -25.49 -2.10 24.24
CA ALA D 103 -26.11 -2.72 23.09
C ALA D 103 -25.58 -4.14 22.89
N ALA D 104 -26.47 -5.01 22.40
CA ALA D 104 -26.14 -6.38 21.98
C ALA D 104 -25.61 -7.14 23.20
N MET D 105 -24.33 -7.53 23.23
CA MET D 105 -23.82 -8.29 24.36
C MET D 105 -23.79 -7.45 25.63
N GLY D 106 -23.52 -6.15 25.51
CA GLY D 106 -23.51 -5.29 26.68
C GLY D 106 -24.85 -5.24 27.39
N GLN D 107 -25.94 -5.22 26.61
CA GLN D 107 -27.27 -5.24 27.21
C GLN D 107 -27.49 -6.54 27.97
N PHE D 108 -27.06 -7.66 27.40
CA PHE D 108 -27.22 -8.94 28.05
C PHE D 108 -26.44 -9.00 29.36
N LEU D 109 -25.21 -8.45 29.36
CA LEU D 109 -24.43 -8.40 30.59
C LEU D 109 -25.06 -7.48 31.63
N LEU D 110 -25.62 -6.35 31.18
CA LEU D 110 -26.27 -5.42 32.10
C LEU D 110 -27.49 -6.06 32.75
N SER D 111 -28.27 -6.81 31.98
CA SER D 111 -29.44 -7.49 32.52
C SER D 111 -29.09 -8.70 33.36
N ALA D 112 -27.82 -9.11 33.39
CA ALA D 112 -27.39 -10.30 34.10
C ALA D 112 -27.01 -10.03 35.55
N GLY D 113 -27.12 -8.80 36.02
CA GLY D 113 -26.80 -8.50 37.40
C GLY D 113 -27.79 -9.14 38.36
N THR D 114 -27.42 -9.09 39.64
CA THR D 114 -28.28 -9.68 40.66
C THR D 114 -29.61 -8.93 40.73
N PRO D 115 -30.72 -9.62 40.98
CA PRO D 115 -32.03 -8.94 40.98
C PRO D 115 -32.09 -7.83 42.02
N GLY D 116 -32.76 -6.75 41.64
CA GLY D 116 -32.87 -5.59 42.50
C GLY D 116 -31.67 -4.67 42.50
N LYS D 117 -30.65 -4.95 41.68
CA LYS D 117 -29.42 -4.18 41.69
C LYS D 117 -28.93 -3.94 40.27
N ARG D 118 -29.85 -3.74 39.33
CA ARG D 118 -29.53 -3.35 37.97
C ARG D 118 -30.10 -1.97 37.71
N PHE D 119 -29.24 -1.06 37.23
CA PHE D 119 -29.60 0.35 37.15
C PHE D 119 -29.12 0.93 35.83
N ALA D 120 -29.71 2.08 35.47
CA ALA D 120 -29.30 2.82 34.29
C ALA D 120 -29.46 4.31 34.56
N LEU D 121 -28.62 5.11 33.90
CA LEU D 121 -28.72 6.55 34.02
C LEU D 121 -29.90 7.08 33.22
N PRO D 122 -30.39 8.28 33.52
CA PRO D 122 -31.63 8.76 32.88
C PRO D 122 -31.55 8.82 31.36
N ASN D 123 -30.38 9.10 30.80
CA ASN D 123 -30.21 9.18 29.35
C ASN D 123 -29.52 7.95 28.78
N ALA D 124 -29.43 6.87 29.56
CA ALA D 124 -28.84 5.64 29.06
C ALA D 124 -29.73 5.03 27.98
N GLU D 125 -29.08 4.41 27.00
CA GLU D 125 -29.73 3.93 25.80
C GLU D 125 -29.33 2.47 25.55
N ILE D 126 -30.34 1.63 25.38
CA ILE D 126 -30.18 0.17 25.40
C ILE D 126 -30.74 -0.42 24.11
N LEU D 127 -30.01 -1.35 23.52
CA LEU D 127 -30.39 -1.99 22.26
C LEU D 127 -30.40 -3.50 22.41
N ILE D 128 -31.42 -4.14 21.84
CA ILE D 128 -31.54 -5.59 21.79
C ILE D 128 -31.34 -6.03 20.35
N HIS D 129 -30.46 -7.00 20.14
CA HIS D 129 -29.98 -7.33 18.79
C HIS D 129 -29.63 -8.80 18.72
N GLN D 130 -30.07 -9.46 17.65
CA GLN D 130 -29.86 -10.90 17.47
C GLN D 130 -28.46 -11.17 16.93
N PRO D 131 -27.93 -12.36 17.17
CA PRO D 131 -26.53 -12.64 16.79
C PRO D 131 -26.31 -12.66 15.29
N SER D 132 -25.06 -12.46 14.91
CA SER D 132 -24.63 -12.52 13.51
C SER D 132 -23.25 -13.16 13.45
N ALA D 133 -22.93 -13.76 12.31
CA ALA D 133 -21.67 -14.47 12.16
C ALA D 133 -21.30 -14.57 10.69
N GLY D 134 -20.08 -15.01 10.44
CA GLY D 134 -19.58 -15.23 9.09
C GLY D 134 -18.91 -16.58 8.92
N LEU D 135 -19.34 -17.36 7.95
CA LEU D 135 -18.88 -18.73 7.77
C LEU D 135 -18.25 -18.93 6.40
N ALA D 136 -17.41 -19.96 6.28
CA ALA D 136 -16.80 -20.34 5.02
C ALA D 136 -16.35 -21.79 5.10
N GLY D 137 -16.41 -22.49 3.98
CA GLY D 137 -16.04 -23.89 3.93
C GLY D 137 -16.95 -24.74 3.09
N SER D 138 -16.87 -26.06 3.23
CA SER D 138 -17.71 -26.98 2.47
C SER D 138 -19.14 -26.93 2.99
N ALA D 139 -20.03 -27.70 2.37
CA ALA D 139 -21.44 -27.67 2.75
C ALA D 139 -21.65 -28.30 4.12
N SER D 140 -20.93 -29.38 4.43
CA SER D 140 -21.11 -30.05 5.72
C SER D 140 -20.65 -29.15 6.87
N ASP D 141 -19.49 -28.51 6.72
CA ASP D 141 -19.00 -27.62 7.77
C ASP D 141 -19.95 -26.44 7.95
N ILE D 142 -20.47 -25.90 6.85
CA ILE D 142 -21.41 -24.79 6.94
C ILE D 142 -22.69 -25.22 7.64
N LYS D 143 -23.16 -26.43 7.35
CA LYS D 143 -24.32 -26.97 8.05
C LYS D 143 -24.09 -27.06 9.54
N ILE D 144 -22.94 -27.59 9.94
CA ILE D 144 -22.63 -27.73 11.36
C ILE D 144 -22.57 -26.36 12.04
N HIS D 145 -21.90 -25.40 11.40
CA HIS D 145 -21.75 -24.09 12.01
C HIS D 145 -23.06 -23.33 12.07
N ALA D 146 -23.92 -23.50 11.06
CA ALA D 146 -25.24 -22.89 11.09
C ALA D 146 -26.09 -23.46 12.22
N GLU D 147 -26.02 -24.78 12.42
CA GLU D 147 -26.73 -25.38 13.55
C GLU D 147 -26.22 -24.84 14.87
N ARG D 148 -24.90 -24.68 15.00
CA ARG D 148 -24.35 -24.13 16.24
C ARG D 148 -24.80 -22.69 16.45
N LEU D 149 -24.86 -21.89 15.39
CA LEU D 149 -25.32 -20.51 15.51
C LEU D 149 -26.78 -20.45 15.95
N LEU D 150 -27.62 -21.32 15.40
CA LEU D 150 -29.01 -21.37 15.83
C LEU D 150 -29.11 -21.76 17.30
N HIS D 151 -28.29 -22.72 17.74
CA HIS D 151 -28.27 -23.10 19.15
C HIS D 151 -27.86 -21.93 20.03
N THR D 152 -26.85 -21.17 19.60
CA THR D 152 -26.41 -20.00 20.37
C THR D 152 -27.52 -18.97 20.49
N LYS D 153 -28.23 -18.69 19.39
CA LYS D 153 -29.33 -17.74 19.44
C LYS D 153 -30.43 -18.21 20.38
N LYS D 154 -30.76 -19.50 20.33
CA LYS D 154 -31.78 -20.02 21.23
C LYS D 154 -31.36 -19.88 22.69
N ARG D 155 -30.08 -20.17 22.98
CA ARG D 155 -29.59 -20.04 24.34
C ARG D 155 -29.67 -18.59 24.83
N MET D 156 -29.32 -17.64 23.96
CA MET D 156 -29.39 -16.23 24.34
C MET D 156 -30.83 -15.81 24.61
N ALA D 157 -31.76 -16.25 23.76
CA ALA D 157 -33.16 -15.95 24.00
C ALA D 157 -33.63 -16.52 25.33
N GLU D 158 -33.22 -17.76 25.64
CA GLU D 158 -33.63 -18.37 26.91
C GLU D 158 -33.08 -17.59 28.10
N LEU D 159 -31.81 -17.21 28.04
CA LEU D 159 -31.22 -16.48 29.16
C LEU D 159 -31.85 -15.10 29.34
N THR D 160 -32.11 -14.39 28.25
CA THR D 160 -32.77 -13.10 28.36
C THR D 160 -34.17 -13.25 28.94
N SER D 161 -34.92 -14.26 28.49
CA SER D 161 -36.25 -14.48 29.03
C SER D 161 -36.20 -14.80 30.52
N GLN D 162 -35.19 -15.58 30.93
CA GLN D 162 -35.05 -15.89 32.35
C GLN D 162 -34.76 -14.65 33.18
N HIS D 163 -33.89 -13.78 32.66
CA HIS D 163 -33.45 -12.64 33.48
C HIS D 163 -34.48 -11.51 33.52
N THR D 164 -35.16 -11.23 32.41
CA THR D 164 -36.10 -10.11 32.41
C THR D 164 -37.53 -10.51 32.80
N GLY D 165 -37.82 -11.79 32.97
CA GLY D 165 -39.14 -12.20 33.36
C GLY D 165 -40.17 -12.19 32.26
N GLN D 166 -39.79 -11.92 31.03
CA GLN D 166 -40.70 -11.96 29.90
C GLN D 166 -40.81 -13.38 29.35
N THR D 167 -41.84 -13.61 28.55
CA THR D 167 -42.01 -14.90 27.92
C THR D 167 -41.00 -15.08 26.79
N ILE D 168 -40.74 -16.35 26.45
CA ILE D 168 -39.79 -16.66 25.39
C ILE D 168 -40.28 -16.12 24.06
N GLU D 169 -41.57 -16.26 23.78
CA GLU D 169 -42.12 -15.84 22.49
C GLU D 169 -41.96 -14.35 22.28
N GLN D 170 -42.26 -13.55 23.31
CA GLN D 170 -42.15 -12.10 23.17
C GLN D 170 -40.71 -11.70 22.89
N ILE D 171 -39.75 -12.30 23.60
CA ILE D 171 -38.35 -11.95 23.41
C ILE D 171 -37.88 -12.34 22.01
N THR D 172 -38.19 -13.57 21.59
CA THR D 172 -37.75 -14.01 20.27
C THR D 172 -38.45 -13.27 19.14
N ARG D 173 -39.62 -12.67 19.41
CA ARG D 173 -40.27 -11.84 18.41
C ARG D 173 -39.69 -10.44 18.39
N ASP D 174 -39.27 -9.93 19.55
CA ASP D 174 -38.74 -8.57 19.62
C ASP D 174 -37.32 -8.48 19.09
N SER D 175 -36.55 -9.55 19.23
CA SER D 175 -35.14 -9.53 18.85
C SER D 175 -34.90 -9.82 17.37
N ASP D 176 -35.97 -10.05 16.59
CA ASP D 176 -35.79 -10.32 15.17
C ASP D 176 -35.17 -9.13 14.46
N ARG D 177 -35.64 -7.93 14.75
CA ARG D 177 -35.03 -6.69 14.31
C ARG D 177 -34.36 -6.02 15.49
N ASP D 178 -33.84 -4.82 15.27
CA ASP D 178 -33.26 -4.02 16.35
C ASP D 178 -34.37 -3.21 17.01
N ARG D 179 -34.49 -3.35 18.33
CA ARG D 179 -35.39 -2.52 19.13
C ARG D 179 -34.56 -1.67 20.07
N TRP D 180 -34.92 -0.39 20.17
CA TRP D 180 -34.17 0.55 20.99
C TRP D 180 -34.98 0.89 22.22
N PHE D 181 -34.32 0.99 23.36
CA PHE D 181 -34.99 1.23 24.63
C PHE D 181 -34.44 2.48 25.31
N ASP D 182 -35.35 3.31 25.81
CA ASP D 182 -35.01 4.36 26.75
C ASP D 182 -34.88 3.76 28.14
N ALA D 183 -34.45 4.58 29.11
CA ALA D 183 -34.28 4.08 30.47
C ALA D 183 -35.60 3.61 31.07
N PHE D 184 -36.66 4.42 30.90
CA PHE D 184 -37.95 4.04 31.46
C PHE D 184 -38.56 2.87 30.70
N GLU D 185 -38.38 2.84 29.38
CA GLU D 185 -38.86 1.70 28.60
C GLU D 185 -38.13 0.43 28.99
N ALA D 186 -36.82 0.52 29.22
CA ALA D 186 -36.06 -0.64 29.69
C ALA D 186 -36.53 -1.10 31.06
N LYS D 187 -36.83 -0.14 31.95
CA LYS D 187 -37.34 -0.50 33.26
C LYS D 187 -38.68 -1.21 33.16
N GLU D 188 -39.57 -0.72 32.31
CA GLU D 188 -40.87 -1.36 32.12
C GLU D 188 -40.71 -2.75 31.51
N TYR D 189 -39.78 -2.90 30.57
CA TYR D 189 -39.55 -4.19 29.94
C TYR D 189 -39.05 -5.22 30.94
N GLY D 190 -38.15 -4.82 31.83
CA GLY D 190 -37.61 -5.73 32.81
C GLY D 190 -36.10 -5.89 32.69
N LEU D 191 -35.49 -5.16 31.75
CA LEU D 191 -34.05 -5.24 31.58
C LEU D 191 -33.30 -4.64 32.77
N ILE D 192 -33.84 -3.58 33.37
CA ILE D 192 -33.22 -2.94 34.52
C ILE D 192 -34.27 -2.81 35.61
N ASP D 193 -33.80 -2.45 36.81
CA ASP D 193 -34.67 -2.43 37.98
C ASP D 193 -35.06 -1.01 38.40
N ASP D 194 -34.18 -0.03 38.19
CA ASP D 194 -34.47 1.34 38.59
C ASP D 194 -33.57 2.29 37.83
N VAL D 195 -33.97 3.55 37.78
CA VAL D 195 -33.21 4.63 37.16
C VAL D 195 -33.10 5.77 38.16
N MET D 196 -31.87 6.22 38.42
CA MET D 196 -31.62 7.23 39.43
C MET D 196 -31.17 8.52 38.78
N THR D 197 -31.12 9.58 39.58
CA THR D 197 -30.58 10.86 39.16
C THR D 197 -29.50 11.40 40.09
N THR D 198 -29.43 10.90 41.31
CA THR D 198 -28.48 11.40 42.32
C THR D 198 -27.87 10.20 43.04
N ALA D 199 -26.65 10.39 43.56
CA ALA D 199 -25.93 9.32 44.24
C ALA D 199 -26.62 8.80 45.49
N ALA D 200 -27.75 9.40 45.89
CA ALA D 200 -28.45 8.93 47.08
C ALA D 200 -28.98 7.51 46.88
N GLY D 201 -29.49 7.20 45.69
CA GLY D 201 -30.11 5.91 45.44
C GLY D 201 -29.17 4.77 45.15
N MET D 202 -27.88 5.05 44.96
CA MET D 202 -26.92 3.99 44.69
C MET D 202 -26.75 3.12 45.92
N PRO D 203 -26.73 1.78 45.79
CA PRO D 203 -26.50 0.88 46.92
C PRO D 203 -25.11 1.02 47.51
N GLY E 22 -0.45 -2.38 31.71
CA GLY E 22 -0.54 -1.72 33.00
C GLY E 22 -1.44 -2.44 33.99
N LEU E 23 -2.75 -2.21 33.86
CA LEU E 23 -3.71 -2.87 34.74
C LEU E 23 -3.69 -4.39 34.55
N GLY E 24 -3.62 -4.83 33.30
CA GLY E 24 -3.68 -6.26 33.02
C GLY E 24 -2.51 -7.02 33.63
N ASP E 25 -1.30 -6.48 33.47
CA ASP E 25 -0.14 -7.13 34.06
C ASP E 25 -0.23 -7.17 35.58
N GLN E 26 -0.73 -6.09 36.18
CA GLN E 26 -0.85 -6.04 37.64
C GLN E 26 -1.84 -7.08 38.15
N VAL E 27 -3.02 -7.16 37.54
CA VAL E 27 -4.02 -8.11 38.01
C VAL E 27 -3.57 -9.54 37.73
N TYR E 28 -2.88 -9.77 36.60
CA TYR E 28 -2.37 -11.11 36.32
C TYR E 28 -1.28 -11.52 37.31
N ASN E 29 -0.41 -10.59 37.70
CA ASN E 29 0.59 -10.90 38.72
C ASN E 29 -0.06 -11.23 40.06
N ARG E 30 -1.06 -10.44 40.45
CA ARG E 30 -1.74 -10.70 41.70
C ARG E 30 -2.48 -12.04 41.67
N LEU E 31 -2.94 -12.46 40.48
CA LEU E 31 -3.57 -13.76 40.36
C LEU E 31 -2.55 -14.89 40.40
N LEU E 32 -1.42 -14.72 39.70
CA LEU E 32 -0.37 -15.73 39.71
C LEU E 32 0.20 -15.92 41.11
N ASN E 33 0.12 -14.88 41.95
CA ASN E 33 0.50 -15.03 43.34
C ASN E 33 -0.36 -16.06 44.07
N GLU E 34 -1.53 -16.40 43.54
CA GLU E 34 -2.42 -17.38 44.14
C GLU E 34 -2.45 -18.70 43.38
N ARG E 35 -1.43 -18.94 42.55
CA ARG E 35 -1.33 -20.15 41.72
C ARG E 35 -2.52 -20.30 40.78
N ILE E 36 -2.68 -19.30 39.92
CA ILE E 36 -3.70 -19.32 38.87
C ILE E 36 -3.05 -18.85 37.58
N ILE E 37 -3.17 -19.63 36.51
CA ILE E 37 -2.60 -19.31 35.23
C ILE E 37 -3.73 -19.13 34.22
N PHE E 38 -3.61 -18.10 33.38
CA PHE E 38 -4.59 -17.80 32.35
C PHE E 38 -4.03 -18.12 30.98
N LEU E 39 -4.77 -18.89 30.19
CA LEU E 39 -4.44 -19.18 28.80
C LEU E 39 -5.63 -18.69 27.97
N GLY E 40 -5.58 -17.42 27.58
CA GLY E 40 -6.73 -16.81 26.93
C GLY E 40 -6.46 -16.22 25.56
N GLN E 41 -5.64 -16.89 24.76
CA GLN E 41 -5.32 -16.43 23.42
C GLN E 41 -4.87 -17.62 22.60
N PRO E 42 -4.77 -17.48 21.27
CA PRO E 42 -4.31 -18.60 20.46
C PRO E 42 -2.94 -19.10 20.89
N VAL E 43 -2.75 -20.42 20.84
CA VAL E 43 -1.55 -21.06 21.37
C VAL E 43 -0.47 -20.98 20.28
N ASP E 44 0.51 -20.10 20.49
CA ASP E 44 1.68 -20.01 19.65
C ASP E 44 2.93 -20.27 20.50
N ASP E 45 4.09 -20.03 19.91
CA ASP E 45 5.35 -20.32 20.61
C ASP E 45 5.51 -19.44 21.84
N ASP E 46 5.16 -18.15 21.73
CA ASP E 46 5.38 -17.22 22.84
C ASP E 46 4.53 -17.58 24.05
N ILE E 47 3.24 -17.81 23.84
CA ILE E 47 2.36 -18.11 24.96
C ILE E 47 2.70 -19.46 25.58
N ALA E 48 3.10 -20.43 24.75
CA ALA E 48 3.52 -21.71 25.28
C ALA E 48 4.78 -21.57 26.12
N ASN E 49 5.72 -20.75 25.67
CA ASN E 49 6.93 -20.49 26.43
C ASN E 49 6.58 -19.86 27.77
N LYS E 50 5.68 -18.88 27.77
CA LYS E 50 5.27 -18.23 29.01
C LYS E 50 4.60 -19.21 29.96
N ILE E 51 3.71 -20.05 29.44
CA ILE E 51 3.00 -21.01 30.30
C ILE E 51 3.96 -22.03 30.88
N THR E 52 4.91 -22.51 30.07
CA THR E 52 5.92 -23.43 30.57
C THR E 52 6.76 -22.78 31.67
N ALA E 53 7.14 -21.52 31.46
CA ALA E 53 7.92 -20.81 32.47
C ALA E 53 7.14 -20.67 33.76
N GLN E 54 5.85 -20.31 33.67
CA GLN E 54 5.04 -20.14 34.86
C GLN E 54 4.86 -21.45 35.60
N LEU E 55 4.63 -22.55 34.87
CA LEU E 55 4.48 -23.84 35.52
C LEU E 55 5.77 -24.26 36.21
N LEU E 56 6.90 -24.06 35.55
CA LEU E 56 8.18 -24.39 36.17
C LEU E 56 8.42 -23.55 37.42
N LEU E 57 8.05 -22.26 37.37
CA LEU E 57 8.22 -21.39 38.53
C LEU E 57 7.34 -21.85 39.69
N LEU E 58 6.08 -22.14 39.42
CA LEU E 58 5.18 -22.58 40.48
C LEU E 58 5.54 -23.97 40.99
N ALA E 59 6.30 -24.75 40.23
CA ALA E 59 6.72 -26.06 40.69
C ALA E 59 7.71 -26.00 41.85
N SER E 60 8.11 -24.82 42.34
CA SER E 60 9.04 -24.77 43.47
C SER E 60 8.43 -25.39 44.72
N ASP E 61 7.16 -25.10 44.99
CA ASP E 61 6.45 -25.74 46.09
C ASP E 61 5.71 -26.95 45.54
N PRO E 62 6.12 -28.17 45.90
CA PRO E 62 5.59 -29.35 45.21
C PRO E 62 4.34 -29.95 45.85
N GLU E 63 3.68 -29.24 46.76
CA GLU E 63 2.51 -29.77 47.44
C GLU E 63 1.23 -29.01 47.16
N LYS E 64 1.30 -27.87 46.47
CA LYS E 64 0.12 -27.06 46.17
C LYS E 64 -0.27 -27.23 44.71
N ASP E 65 -1.57 -27.32 44.47
CA ASP E 65 -2.09 -27.51 43.12
C ASP E 65 -1.99 -26.22 42.31
N ILE E 66 -2.16 -26.37 41.00
CA ILE E 66 -2.13 -25.25 40.07
C ILE E 66 -3.43 -25.25 39.28
N TYR E 67 -4.06 -24.09 39.17
CA TYR E 67 -5.30 -23.93 38.42
C TYR E 67 -5.01 -23.23 37.10
N LEU E 68 -5.51 -23.80 36.00
CA LEU E 68 -5.31 -23.25 34.67
C LEU E 68 -6.68 -22.94 34.06
N TYR E 69 -6.90 -21.69 33.69
CA TYR E 69 -8.14 -21.25 33.07
C TYR E 69 -7.92 -21.12 31.57
N ILE E 70 -8.76 -21.79 30.79
CA ILE E 70 -8.58 -21.90 29.35
C ILE E 70 -9.76 -21.24 28.65
N ASN E 71 -9.49 -20.23 27.85
CA ASN E 71 -10.46 -19.63 26.94
C ASN E 71 -9.67 -19.34 25.66
N SER E 72 -9.61 -20.32 24.77
CA SER E 72 -8.74 -20.21 23.60
C SER E 72 -9.41 -20.87 22.41
N PRO E 73 -9.12 -20.41 21.20
CA PRO E 73 -9.65 -21.07 19.99
C PRO E 73 -8.74 -22.13 19.39
N GLY E 74 -7.58 -22.39 20.00
CA GLY E 74 -6.64 -23.35 19.48
C GLY E 74 -5.27 -22.73 19.25
N GLY E 75 -4.54 -23.29 18.31
CA GLY E 75 -3.24 -22.74 17.97
C GLY E 75 -2.34 -23.82 17.37
N SER E 76 -1.04 -23.61 17.55
CA SER E 76 -0.04 -24.50 16.95
C SER E 76 -0.02 -25.85 17.67
N ILE E 77 0.61 -26.82 17.01
CA ILE E 77 0.65 -28.18 17.52
C ILE E 77 1.86 -28.40 18.43
N THR E 78 3.04 -27.97 18.00
CA THR E 78 4.25 -28.17 18.80
C THR E 78 4.18 -27.41 20.11
N ALA E 79 3.67 -26.17 20.08
CA ALA E 79 3.55 -25.38 21.30
C ALA E 79 2.61 -26.05 22.29
N GLY E 80 1.47 -26.53 21.80
CA GLY E 80 0.55 -27.24 22.68
C GLY E 80 1.14 -28.52 23.23
N MET E 81 1.94 -29.23 22.41
CA MET E 81 2.61 -30.43 22.88
C MET E 81 3.60 -30.09 23.99
N ALA E 82 4.31 -28.98 23.85
CA ALA E 82 5.21 -28.54 24.91
C ALA E 82 4.44 -28.25 26.20
N ILE E 83 3.31 -27.55 26.09
CA ILE E 83 2.50 -27.25 27.27
C ILE E 83 2.01 -28.54 27.92
N TYR E 84 1.54 -29.49 27.11
CA TYR E 84 1.04 -30.76 27.63
C TYR E 84 2.13 -31.54 28.35
N ASP E 85 3.32 -31.61 27.74
CA ASP E 85 4.43 -32.33 28.36
C ASP E 85 4.83 -31.67 29.67
N THR E 86 4.86 -30.33 29.70
CA THR E 86 5.20 -29.65 30.95
C THR E 86 4.14 -29.91 32.03
N MET E 87 2.87 -29.94 31.64
CA MET E 87 1.82 -30.23 32.61
C MET E 87 1.97 -31.64 33.17
N GLN E 88 2.32 -32.61 32.33
CA GLN E 88 2.57 -33.95 32.81
C GLN E 88 3.93 -34.10 33.48
N TYR E 89 4.76 -33.07 33.42
CA TYR E 89 6.14 -33.15 33.90
C TYR E 89 6.20 -32.90 35.40
N ILE E 90 5.57 -31.83 35.87
CA ILE E 90 5.74 -31.40 37.25
C ILE E 90 4.96 -32.31 38.20
N LYS E 91 5.38 -32.30 39.47
CA LYS E 91 4.75 -33.15 40.47
C LYS E 91 3.42 -32.59 40.95
N ASN E 92 3.20 -31.29 40.79
CA ASN E 92 1.96 -30.69 41.26
C ASN E 92 0.80 -31.06 40.35
N ASP E 93 -0.35 -31.32 40.96
CA ASP E 93 -1.57 -31.57 40.19
C ASP E 93 -2.04 -30.28 39.54
N VAL E 94 -2.58 -30.39 38.33
CA VAL E 94 -3.02 -29.24 37.55
C VAL E 94 -4.52 -29.35 37.35
N VAL E 95 -5.26 -28.36 37.83
CA VAL E 95 -6.70 -28.30 37.67
C VAL E 95 -7.01 -27.41 36.47
N THR E 96 -7.73 -27.95 35.50
CA THR E 96 -8.07 -27.23 34.28
C THR E 96 -9.52 -26.78 34.36
N ILE E 97 -9.77 -25.52 34.00
CA ILE E 97 -11.09 -24.92 34.03
C ILE E 97 -11.39 -24.35 32.66
N ALA E 98 -12.54 -24.73 32.10
CA ALA E 98 -12.95 -24.25 30.78
C ALA E 98 -13.97 -23.13 30.96
N MET E 99 -13.65 -21.94 30.47
CA MET E 99 -14.55 -20.81 30.47
C MET E 99 -14.66 -20.25 29.06
N GLY E 100 -15.88 -20.00 28.62
CA GLY E 100 -16.09 -19.47 27.29
C GLY E 100 -15.91 -20.50 26.21
N LEU E 101 -14.80 -20.43 25.48
CA LEU E 101 -14.52 -21.31 24.35
C LEU E 101 -13.26 -22.11 24.63
N ALA E 102 -13.33 -23.43 24.44
CA ALA E 102 -12.19 -24.33 24.55
C ALA E 102 -12.22 -25.21 23.31
N ALA E 103 -11.58 -24.75 22.23
CA ALA E 103 -11.70 -25.38 20.93
C ALA E 103 -10.34 -25.81 20.40
N ALA E 104 -10.36 -26.81 19.52
CA ALA E 104 -9.18 -27.29 18.79
C ALA E 104 -8.20 -27.84 19.81
N MET E 105 -6.98 -27.30 19.92
CA MET E 105 -5.99 -27.90 20.81
C MET E 105 -6.21 -27.45 22.25
N GLY E 106 -6.92 -26.33 22.45
CA GLY E 106 -7.29 -25.94 23.79
C GLY E 106 -8.15 -26.97 24.48
N GLN E 107 -9.03 -27.63 23.72
CA GLN E 107 -9.77 -28.76 24.26
C GLN E 107 -8.84 -29.88 24.71
N PHE E 108 -7.80 -30.14 23.92
CA PHE E 108 -6.83 -31.16 24.31
C PHE E 108 -6.13 -30.81 25.60
N LEU E 109 -5.75 -29.54 25.77
CA LEU E 109 -5.11 -29.13 27.02
C LEU E 109 -6.08 -29.20 28.18
N LEU E 110 -7.35 -28.85 27.95
CA LEU E 110 -8.35 -28.93 29.01
C LEU E 110 -8.56 -30.37 29.48
N SER E 111 -8.61 -31.31 28.54
CA SER E 111 -8.81 -32.71 28.90
C SER E 111 -7.56 -33.35 29.49
N ALA E 112 -6.43 -32.67 29.48
CA ALA E 112 -5.16 -33.24 29.92
C ALA E 112 -4.88 -33.02 31.40
N GLY E 113 -5.81 -32.41 32.13
CA GLY E 113 -5.60 -32.21 33.56
C GLY E 113 -5.65 -33.52 34.32
N THR E 114 -5.28 -33.43 35.60
CA THR E 114 -5.27 -34.61 36.44
C THR E 114 -6.69 -35.15 36.60
N PRO E 115 -6.88 -36.46 36.65
CA PRO E 115 -8.23 -37.01 36.77
C PRO E 115 -8.92 -36.53 38.03
N GLY E 116 -10.22 -36.27 37.92
CA GLY E 116 -11.01 -35.76 39.01
C GLY E 116 -10.95 -34.26 39.21
N LYS E 117 -10.14 -33.55 38.44
CA LYS E 117 -9.96 -32.11 38.60
C LYS E 117 -10.05 -31.40 37.26
N ARG E 118 -11.06 -31.75 36.46
CA ARG E 118 -11.36 -31.08 35.21
C ARG E 118 -12.80 -30.59 35.26
N PHE E 119 -12.99 -29.30 35.05
CA PHE E 119 -14.30 -28.68 35.20
C PHE E 119 -14.57 -27.73 34.05
N ALA E 120 -15.84 -27.42 33.84
CA ALA E 120 -16.24 -26.44 32.85
C ALA E 120 -17.46 -25.68 33.37
N LEU E 121 -17.53 -24.40 33.00
CA LEU E 121 -18.66 -23.56 33.39
C LEU E 121 -19.91 -23.95 32.60
N PRO E 122 -21.09 -23.66 33.14
CA PRO E 122 -22.33 -24.19 32.52
C PRO E 122 -22.56 -23.73 31.09
N ASN E 123 -22.02 -22.58 30.69
CA ASN E 123 -22.28 -22.07 29.34
C ASN E 123 -21.01 -22.04 28.51
N ALA E 124 -20.18 -23.07 28.64
CA ALA E 124 -18.93 -23.17 27.90
C ALA E 124 -19.08 -24.10 26.70
N GLU E 125 -18.32 -23.80 25.65
CA GLU E 125 -18.35 -24.57 24.42
C GLU E 125 -17.03 -25.31 24.24
N ILE E 126 -17.11 -26.59 23.90
CA ILE E 126 -15.94 -27.42 23.66
C ILE E 126 -16.04 -27.99 22.25
N LEU E 127 -14.97 -27.84 21.47
CA LEU E 127 -14.96 -28.24 20.07
C LEU E 127 -13.81 -29.20 19.81
N ILE E 128 -14.09 -30.27 19.08
CA ILE E 128 -13.10 -31.29 18.72
C ILE E 128 -12.75 -31.11 17.25
N HIS E 129 -11.47 -31.08 16.95
CA HIS E 129 -10.98 -30.76 15.62
C HIS E 129 -9.85 -31.69 15.22
N GLN E 130 -9.62 -31.80 13.91
CA GLN E 130 -8.48 -32.54 13.39
C GLN E 130 -7.46 -31.58 12.79
N PRO E 131 -6.18 -31.94 12.78
CA PRO E 131 -5.14 -30.96 12.41
C PRO E 131 -5.24 -30.51 10.96
N SER E 132 -4.74 -29.31 10.72
CA SER E 132 -4.62 -28.75 9.38
C SER E 132 -3.23 -28.14 9.22
N ALA E 133 -2.73 -28.14 7.99
CA ALA E 133 -1.36 -27.68 7.75
C ALA E 133 -1.25 -27.15 6.33
N GLY E 134 -0.19 -26.39 6.07
CA GLY E 134 0.12 -25.89 4.75
C GLY E 134 1.49 -26.30 4.28
N LEU E 135 1.58 -26.93 3.11
CA LEU E 135 2.80 -27.54 2.62
C LEU E 135 3.20 -26.93 1.28
N ALA E 136 4.50 -26.85 1.03
CA ALA E 136 5.01 -26.34 -0.24
C ALA E 136 6.42 -26.88 -0.47
N GLY E 137 6.69 -27.32 -1.69
CA GLY E 137 8.01 -27.84 -2.02
C GLY E 137 7.91 -28.90 -3.09
N SER E 138 9.00 -29.67 -3.23
CA SER E 138 9.03 -30.76 -4.19
C SER E 138 8.15 -31.91 -3.71
N ALA E 139 8.02 -32.93 -4.56
CA ALA E 139 7.14 -34.04 -4.24
C ALA E 139 7.69 -34.89 -3.11
N SER E 140 9.01 -35.06 -3.04
CA SER E 140 9.60 -35.85 -1.96
C SER E 140 9.42 -35.16 -0.60
N ASP E 141 9.69 -33.86 -0.55
CA ASP E 141 9.49 -33.11 0.68
C ASP E 141 8.03 -33.13 1.12
N ILE E 142 7.11 -32.99 0.14
CA ILE E 142 5.70 -33.04 0.45
C ILE E 142 5.30 -34.41 0.97
N LYS E 143 5.87 -35.47 0.41
CA LYS E 143 5.62 -36.82 0.92
C LYS E 143 6.05 -36.95 2.37
N ILE E 144 7.26 -36.47 2.68
CA ILE E 144 7.77 -36.56 4.05
C ILE E 144 6.86 -35.79 5.01
N HIS E 145 6.49 -34.58 4.63
CA HIS E 145 5.69 -33.74 5.53
C HIS E 145 4.28 -34.28 5.68
N ALA E 146 3.72 -34.86 4.63
CA ALA E 146 2.40 -35.48 4.75
C ALA E 146 2.44 -36.68 5.69
N GLU E 147 3.50 -37.50 5.59
CA GLU E 147 3.63 -38.61 6.52
C GLU E 147 3.74 -38.12 7.96
N ARG E 148 4.51 -37.04 8.18
CA ARG E 148 4.62 -36.48 9.53
C ARG E 148 3.29 -35.95 10.03
N LEU E 149 2.51 -35.30 9.16
CA LEU E 149 1.19 -34.82 9.56
C LEU E 149 0.26 -35.96 9.94
N LEU E 150 0.29 -37.06 9.18
CA LEU E 150 -0.50 -38.23 9.54
C LEU E 150 -0.07 -38.78 10.90
N HIS E 151 1.25 -38.83 11.14
CA HIS E 151 1.75 -39.30 12.43
C HIS E 151 1.27 -38.42 13.57
N THR E 152 1.29 -37.10 13.37
CA THR E 152 0.81 -36.18 14.38
C THR E 152 -0.67 -36.39 14.67
N LYS E 153 -1.48 -36.58 13.62
CA LYS E 153 -2.89 -36.84 13.81
C LYS E 153 -3.13 -38.11 14.60
N LYS E 154 -2.37 -39.18 14.28
CA LYS E 154 -2.53 -40.43 15.02
C LYS E 154 -2.13 -40.27 16.48
N ARG E 155 -1.06 -39.51 16.74
CA ARG E 155 -0.63 -39.26 18.11
C ARG E 155 -1.70 -38.53 18.91
N MET E 156 -2.30 -37.50 18.30
CA MET E 156 -3.36 -36.77 18.99
C MET E 156 -4.57 -37.66 19.25
N ALA E 157 -4.94 -38.50 18.29
CA ALA E 157 -6.04 -39.42 18.53
C ALA E 157 -5.74 -40.36 19.68
N GLU E 158 -4.51 -40.89 19.74
CA GLU E 158 -4.15 -41.80 20.83
C GLU E 158 -4.21 -41.11 22.17
N LEU E 159 -3.68 -39.88 22.26
CA LEU E 159 -3.66 -39.18 23.53
C LEU E 159 -5.06 -38.81 23.99
N THR E 160 -5.91 -38.37 23.06
CA THR E 160 -7.30 -38.07 23.42
C THR E 160 -8.02 -39.32 23.90
N SER E 161 -7.82 -40.45 23.21
CA SER E 161 -8.46 -41.69 23.66
C SER E 161 -7.97 -42.08 25.04
N GLN E 162 -6.68 -41.88 25.32
CA GLN E 162 -6.16 -42.20 26.65
C GLN E 162 -6.78 -41.32 27.71
N HIS E 163 -6.95 -40.03 27.42
CA HIS E 163 -7.37 -39.09 28.47
C HIS E 163 -8.87 -39.11 28.71
N THR E 164 -9.67 -39.41 27.69
CA THR E 164 -11.12 -39.41 27.89
C THR E 164 -11.71 -40.79 28.17
N GLY E 165 -10.98 -41.85 27.87
CA GLY E 165 -11.45 -43.20 28.13
C GLY E 165 -12.23 -43.82 26.99
N GLN E 166 -12.55 -43.06 25.95
CA GLN E 166 -13.21 -43.62 24.77
C GLN E 166 -12.21 -44.44 23.96
N THR E 167 -12.77 -45.28 23.08
CA THR E 167 -11.93 -46.10 22.23
C THR E 167 -11.31 -45.26 21.11
N ILE E 168 -10.20 -45.73 20.55
CA ILE E 168 -9.52 -44.87 19.55
C ILE E 168 -10.40 -44.82 18.32
N GLU E 169 -11.31 -45.77 18.10
CA GLU E 169 -12.10 -45.74 16.84
C GLU E 169 -13.12 -44.60 16.86
N GLN E 170 -13.88 -44.52 17.96
CA GLN E 170 -14.94 -43.50 18.03
C GLN E 170 -14.32 -42.10 17.90
N ILE E 171 -13.17 -41.87 18.52
CA ILE E 171 -12.57 -40.51 18.48
C ILE E 171 -12.21 -40.20 17.04
N THR E 172 -11.57 -41.10 16.31
CA THR E 172 -11.27 -40.90 14.88
C THR E 172 -12.55 -40.45 14.17
N ARG E 173 -13.61 -41.28 14.25
CA ARG E 173 -14.88 -40.96 13.54
C ARG E 173 -15.35 -39.54 13.89
N ASP E 174 -15.45 -39.20 15.18
CA ASP E 174 -16.01 -37.89 15.59
C ASP E 174 -15.10 -36.71 15.23
N SER E 175 -13.79 -36.87 15.24
CA SER E 175 -12.85 -35.78 14.91
C SER E 175 -12.87 -35.52 13.40
N ASP E 176 -13.15 -36.53 12.58
CA ASP E 176 -13.30 -36.30 11.11
C ASP E 176 -13.76 -34.89 10.79
N ARG E 177 -15.01 -34.48 11.03
CA ARG E 177 -15.50 -33.09 10.85
C ARG E 177 -15.82 -32.56 12.23
N ASP E 178 -15.70 -31.26 12.45
CA ASP E 178 -15.89 -30.66 13.79
C ASP E 178 -17.07 -31.23 14.57
N ARG E 179 -16.99 -31.31 15.90
CA ARG E 179 -18.12 -31.72 16.76
C ARG E 179 -18.14 -30.75 17.94
N TRP E 180 -19.24 -30.02 18.12
CA TRP E 180 -19.38 -29.06 19.23
C TRP E 180 -20.03 -29.79 20.41
N PHE E 181 -19.67 -29.45 21.63
CA PHE E 181 -20.18 -30.16 22.81
C PHE E 181 -20.61 -29.19 23.91
N ASP E 182 -21.77 -29.37 24.53
CA ASP E 182 -22.18 -28.63 25.69
C ASP E 182 -21.44 -29.15 26.93
N ALA E 183 -21.62 -28.46 28.05
CA ALA E 183 -20.93 -28.85 29.28
C ALA E 183 -21.36 -30.25 29.71
N PHE E 184 -22.66 -30.51 29.72
CA PHE E 184 -23.15 -31.83 30.11
C PHE E 184 -22.78 -32.88 29.07
N GLU E 185 -22.85 -32.52 27.79
CA GLU E 185 -22.43 -33.44 26.75
C GLU E 185 -20.94 -33.77 26.87
N ALA E 186 -20.12 -32.77 27.18
CA ALA E 186 -18.70 -33.02 27.39
C ALA E 186 -18.46 -33.91 28.60
N LYS E 187 -19.21 -33.69 29.68
CA LYS E 187 -19.06 -34.53 30.86
C LYS E 187 -19.44 -35.97 30.56
N GLU E 188 -20.52 -36.18 29.81
CA GLU E 188 -20.91 -37.53 29.43
C GLU E 188 -19.87 -38.17 28.51
N TYR E 189 -19.31 -37.37 27.59
CA TYR E 189 -18.33 -37.89 26.64
C TYR E 189 -17.05 -38.34 27.34
N GLY E 190 -16.65 -37.63 28.39
CA GLY E 190 -15.41 -37.91 29.09
C GLY E 190 -14.36 -36.82 28.99
N LEU E 191 -14.63 -35.74 28.26
CA LEU E 191 -13.65 -34.66 28.13
C LEU E 191 -13.39 -33.97 29.45
N ILE E 192 -14.42 -33.76 30.27
CA ILE E 192 -14.30 -33.14 31.57
C ILE E 192 -14.86 -34.09 32.62
N ASP E 193 -14.79 -33.67 33.88
CA ASP E 193 -15.19 -34.51 35.00
C ASP E 193 -16.39 -34.00 35.77
N ASP E 194 -16.62 -32.69 35.79
CA ASP E 194 -17.76 -32.14 36.52
C ASP E 194 -18.09 -30.77 35.96
N VAL E 195 -19.32 -30.33 36.20
CA VAL E 195 -19.80 -29.00 35.81
C VAL E 195 -20.13 -28.24 37.09
N MET E 196 -19.51 -27.07 37.25
CA MET E 196 -19.66 -26.28 38.46
C MET E 196 -20.70 -25.18 38.28
N THR E 197 -21.33 -24.79 39.38
CA THR E 197 -22.29 -23.70 39.40
C THR E 197 -21.88 -22.59 40.34
N THR E 198 -21.42 -22.92 41.54
CA THR E 198 -20.99 -21.95 42.54
C THR E 198 -19.58 -22.31 43.02
N ALA E 199 -19.09 -21.56 44.00
CA ALA E 199 -17.70 -21.66 44.45
C ALA E 199 -17.47 -22.83 45.40
N ALA E 200 -18.51 -23.57 45.77
CA ALA E 200 -18.34 -24.70 46.67
C ALA E 200 -17.61 -25.85 45.99
N GLY E 201 -17.68 -25.90 44.65
CA GLY E 201 -17.17 -27.05 43.92
C GLY E 201 -15.68 -27.09 43.65
N MET E 202 -15.03 -25.94 43.48
CA MET E 202 -13.60 -25.96 43.19
C MET E 202 -12.82 -26.31 44.46
N PRO E 203 -11.83 -27.21 44.39
CA PRO E 203 -10.98 -27.56 45.53
C PRO E 203 -10.18 -26.37 46.05
N GLY F 22 5.40 -7.41 30.48
CA GLY F 22 5.40 -7.30 31.93
C GLY F 22 5.53 -8.63 32.64
N LEU F 23 4.58 -9.54 32.38
CA LEU F 23 4.63 -10.85 33.00
C LEU F 23 5.83 -11.65 32.52
N GLY F 24 6.05 -11.69 31.21
CA GLY F 24 7.07 -12.55 30.65
C GLY F 24 8.46 -12.20 31.13
N ASP F 25 8.79 -10.91 31.14
CA ASP F 25 10.09 -10.48 31.63
C ASP F 25 10.28 -10.86 33.09
N GLN F 26 9.23 -10.70 33.90
CA GLN F 26 9.33 -11.03 35.32
C GLN F 26 9.59 -12.52 35.53
N VAL F 27 8.81 -13.38 34.87
CA VAL F 27 8.99 -14.81 35.07
C VAL F 27 10.33 -15.27 34.52
N TYR F 28 10.77 -14.68 33.40
CA TYR F 28 12.06 -15.05 32.84
C TYR F 28 13.21 -14.65 33.75
N ASN F 29 13.13 -13.46 34.36
CA ASN F 29 14.16 -13.06 35.31
C ASN F 29 14.16 -13.97 36.53
N ARG F 30 12.97 -14.30 37.04
CA ARG F 30 12.89 -15.18 38.20
C ARG F 30 13.42 -16.57 37.88
N LEU F 31 13.26 -17.03 36.64
CA LEU F 31 13.82 -18.32 36.25
C LEU F 31 15.32 -18.25 36.05
N LEU F 32 15.80 -17.17 35.44
CA LEU F 32 17.25 -17.00 35.27
C LEU F 32 17.96 -16.93 36.61
N ASN F 33 17.28 -16.43 37.64
CA ASN F 33 17.85 -16.49 38.98
C ASN F 33 18.12 -17.93 39.42
N GLU F 34 17.44 -18.91 38.82
CA GLU F 34 17.63 -20.32 39.13
C GLU F 34 18.54 -21.00 38.11
N ARG F 35 19.19 -20.22 37.24
CA ARG F 35 20.06 -20.72 36.17
C ARG F 35 19.30 -21.60 35.18
N ILE F 36 18.31 -20.99 34.55
CA ILE F 36 17.55 -21.61 33.47
C ILE F 36 17.44 -20.61 32.33
N ILE F 37 17.89 -21.01 31.15
CA ILE F 37 17.84 -20.16 29.96
C ILE F 37 16.83 -20.74 28.99
N PHE F 38 16.03 -19.86 28.38
CA PHE F 38 15.02 -20.24 27.42
C PHE F 38 15.44 -19.79 26.03
N LEU F 39 15.36 -20.70 25.06
CA LEU F 39 15.60 -20.40 23.65
C LEU F 39 14.35 -20.85 22.90
N GLY F 40 13.37 -19.96 22.81
CA GLY F 40 12.08 -20.31 22.27
C GLY F 40 11.63 -19.48 21.08
N GLN F 41 12.56 -19.15 20.19
CA GLN F 41 12.26 -18.34 19.03
C GLN F 41 13.30 -18.63 17.95
N PRO F 42 13.06 -18.21 16.71
CA PRO F 42 14.07 -18.42 15.66
C PRO F 42 15.41 -17.79 16.05
N VAL F 43 16.49 -18.48 15.71
CA VAL F 43 17.83 -18.08 16.11
C VAL F 43 18.32 -17.01 15.14
N ASP F 44 18.46 -15.77 15.63
CA ASP F 44 19.02 -14.68 14.86
C ASP F 44 20.10 -13.98 15.66
N ASP F 45 20.56 -12.82 15.17
CA ASP F 45 21.65 -12.12 15.84
C ASP F 45 21.24 -11.67 17.25
N ASP F 46 20.01 -11.15 17.39
CA ASP F 46 19.58 -10.58 18.66
C ASP F 46 19.52 -11.67 19.74
N ILE F 47 18.81 -12.76 19.45
CA ILE F 47 18.65 -13.80 20.45
C ILE F 47 19.97 -14.51 20.73
N ALA F 48 20.82 -14.69 19.72
CA ALA F 48 22.13 -15.29 19.97
C ALA F 48 22.97 -14.40 20.86
N ASN F 49 22.91 -13.09 20.63
CA ASN F 49 23.62 -12.15 21.47
C ASN F 49 23.13 -12.24 22.91
N LYS F 50 21.81 -12.33 23.09
CA LYS F 50 21.23 -12.39 24.42
C LYS F 50 21.64 -13.67 25.15
N ILE F 51 21.61 -14.81 24.46
CA ILE F 51 22.00 -16.07 25.10
C ILE F 51 23.49 -16.07 25.42
N THR F 52 24.31 -15.50 24.54
CA THR F 52 25.74 -15.39 24.84
C THR F 52 25.97 -14.55 26.08
N ALA F 53 25.25 -13.43 26.20
CA ALA F 53 25.40 -12.58 27.38
C ALA F 53 24.95 -13.31 28.64
N GLN F 54 23.83 -14.03 28.57
CA GLN F 54 23.34 -14.75 29.74
C GLN F 54 24.32 -15.83 30.17
N LEU F 55 24.87 -16.57 29.21
CA LEU F 55 25.86 -17.59 29.54
C LEU F 55 27.11 -16.98 30.16
N LEU F 56 27.55 -15.83 29.62
CA LEU F 56 28.73 -15.17 30.18
C LEU F 56 28.47 -14.73 31.61
N LEU F 57 27.29 -14.20 31.91
CA LEU F 57 26.99 -13.81 33.28
C LEU F 57 26.93 -15.03 34.20
N LEU F 58 26.23 -16.08 33.79
CA LEU F 58 26.13 -17.25 34.65
C LEU F 58 27.46 -17.96 34.81
N ALA F 59 28.43 -17.68 33.94
CA ALA F 59 29.77 -18.23 34.08
C ALA F 59 30.52 -17.67 35.29
N SER F 60 30.00 -16.62 35.92
CA SER F 60 30.69 -16.05 37.08
C SER F 60 30.80 -17.05 38.22
N ASP F 61 29.76 -17.88 38.41
CA ASP F 61 29.80 -18.94 39.40
C ASP F 61 30.35 -20.18 38.72
N PRO F 62 31.51 -20.70 39.12
CA PRO F 62 32.27 -21.63 38.25
C PRO F 62 31.92 -23.10 38.34
N GLU F 63 31.05 -23.55 39.25
CA GLU F 63 30.83 -24.99 39.39
C GLU F 63 29.34 -25.36 39.41
N LYS F 64 28.46 -24.42 39.09
CA LYS F 64 27.04 -24.69 39.02
C LYS F 64 26.63 -24.85 37.56
N ASP F 65 25.83 -25.89 37.30
CA ASP F 65 25.41 -26.22 35.95
C ASP F 65 24.40 -25.20 35.42
N ILE F 66 24.22 -25.22 34.10
CA ILE F 66 23.28 -24.33 33.42
C ILE F 66 22.33 -25.20 32.61
N TYR F 67 21.04 -24.89 32.69
CA TYR F 67 20.01 -25.61 31.96
C TYR F 67 19.51 -24.74 30.81
N LEU F 68 19.40 -25.33 29.63
CA LEU F 68 18.93 -24.64 28.44
C LEU F 68 17.72 -25.37 27.88
N TYR F 69 16.61 -24.65 27.71
CA TYR F 69 15.38 -25.20 27.17
C TYR F 69 15.21 -24.71 25.74
N ILE F 70 15.05 -25.64 24.81
CA ILE F 70 15.05 -25.34 23.38
C ILE F 70 13.68 -25.68 22.81
N ASN F 71 12.97 -24.67 22.31
CA ASN F 71 11.75 -24.84 21.51
C ASN F 71 11.86 -23.85 20.35
N SER F 72 12.52 -24.26 19.28
CA SER F 72 12.82 -23.34 18.20
C SER F 72 12.78 -24.07 16.86
N PRO F 73 12.45 -23.36 15.78
CA PRO F 73 12.48 -23.98 14.44
C PRO F 73 13.79 -23.79 13.68
N GLY F 74 14.82 -23.26 14.32
CA GLY F 74 16.08 -23.01 13.64
C GLY F 74 16.30 -21.53 13.38
N GLY F 75 17.35 -21.26 12.61
CA GLY F 75 17.67 -19.88 12.29
C GLY F 75 18.95 -19.70 11.51
N SER F 76 19.63 -18.58 11.75
CA SER F 76 20.83 -18.25 11.00
C SER F 76 22.00 -19.13 11.43
N ILE F 77 22.94 -19.31 10.50
CA ILE F 77 24.08 -20.19 10.75
C ILE F 77 25.07 -19.55 11.70
N THR F 78 25.46 -18.30 11.44
CA THR F 78 26.52 -17.66 12.22
C THR F 78 26.10 -17.46 13.67
N ALA F 79 24.85 -17.05 13.90
CA ALA F 79 24.37 -16.85 15.26
C ALA F 79 24.39 -18.16 16.04
N GLY F 80 23.93 -19.24 15.41
CA GLY F 80 23.96 -20.53 16.06
C GLY F 80 25.37 -21.00 16.35
N MET F 81 26.30 -20.74 15.42
CA MET F 81 27.70 -21.10 15.68
C MET F 81 28.27 -20.30 16.83
N ALA F 82 27.89 -19.03 16.96
CA ALA F 82 28.31 -18.24 18.11
C ALA F 82 27.80 -18.84 19.41
N ILE F 83 26.52 -19.24 19.43
CA ILE F 83 25.97 -19.85 20.63
C ILE F 83 26.69 -21.15 20.95
N TYR F 84 26.97 -21.96 19.93
CA TYR F 84 27.67 -23.23 20.12
C TYR F 84 29.06 -23.00 20.70
N ASP F 85 29.80 -22.03 20.15
CA ASP F 85 31.13 -21.76 20.64
C ASP F 85 31.10 -21.25 22.07
N THR F 86 30.13 -20.39 22.40
CA THR F 86 30.02 -19.92 23.78
C THR F 86 29.71 -21.06 24.73
N MET F 87 28.81 -21.96 24.33
CA MET F 87 28.50 -23.11 25.19
C MET F 87 29.72 -24.00 25.40
N GLN F 88 30.50 -24.23 24.35
CA GLN F 88 31.71 -25.02 24.49
C GLN F 88 32.82 -24.24 25.20
N TYR F 89 32.66 -22.93 25.37
CA TYR F 89 33.72 -22.11 25.95
C TYR F 89 33.71 -22.18 27.47
N ILE F 90 32.56 -21.92 28.09
CA ILE F 90 32.49 -21.74 29.54
C ILE F 90 32.81 -23.06 30.24
N LYS F 91 33.30 -22.94 31.48
CA LYS F 91 33.69 -24.11 32.26
C LYS F 91 32.50 -24.89 32.80
N ASN F 92 31.36 -24.24 33.01
CA ASN F 92 30.20 -24.89 33.56
C ASN F 92 29.57 -25.85 32.53
N ASP F 93 29.11 -26.99 33.01
CA ASP F 93 28.39 -27.92 32.15
C ASP F 93 27.03 -27.34 31.78
N VAL F 94 26.60 -27.62 30.55
CA VAL F 94 25.35 -27.12 30.02
C VAL F 94 24.42 -28.31 29.78
N VAL F 95 23.23 -28.25 30.35
CA VAL F 95 22.22 -29.29 30.17
C VAL F 95 21.20 -28.77 29.18
N THR F 96 21.05 -29.46 28.05
CA THR F 96 20.13 -29.06 27.00
C THR F 96 18.87 -29.90 27.10
N ILE F 97 17.72 -29.26 26.98
CA ILE F 97 16.43 -29.93 27.14
C ILE F 97 15.56 -29.54 25.95
N ALA F 98 15.00 -30.53 25.27
CA ALA F 98 14.16 -30.31 24.11
C ALA F 98 12.70 -30.45 24.51
N MET F 99 11.93 -29.39 24.32
CA MET F 99 10.49 -29.41 24.55
C MET F 99 9.79 -28.80 23.33
N GLY F 100 8.84 -29.57 22.78
CA GLY F 100 8.11 -29.09 21.63
C GLY F 100 8.81 -29.39 20.32
N LEU F 101 9.51 -28.41 19.79
CA LEU F 101 10.20 -28.52 18.50
C LEU F 101 11.66 -28.18 18.67
N ALA F 102 12.52 -29.00 18.08
CA ALA F 102 13.97 -28.76 18.00
C ALA F 102 14.39 -29.11 16.58
N ALA F 103 14.33 -28.13 15.68
CA ALA F 103 14.48 -28.37 14.26
C ALA F 103 15.62 -27.54 13.69
N ALA F 104 16.26 -28.09 12.66
CA ALA F 104 17.31 -27.42 11.88
C ALA F 104 18.47 -27.13 12.82
N MET F 105 18.83 -25.86 13.07
CA MET F 105 20.00 -25.57 13.87
C MET F 105 19.73 -25.75 15.36
N GLY F 106 18.47 -25.60 15.78
CA GLY F 106 18.13 -25.89 17.17
C GLY F 106 18.44 -27.31 17.57
N GLN F 107 18.26 -28.25 16.63
CA GLN F 107 18.69 -29.63 16.86
C GLN F 107 20.19 -29.70 17.12
N PHE F 108 20.97 -28.95 16.34
CA PHE F 108 22.41 -28.95 16.52
C PHE F 108 22.80 -28.40 17.88
N LEU F 109 22.11 -27.34 18.33
CA LEU F 109 22.37 -26.81 19.65
C LEU F 109 21.98 -27.79 20.75
N LEU F 110 20.86 -28.48 20.57
CA LEU F 110 20.43 -29.47 21.55
C LEU F 110 21.42 -30.61 21.66
N SER F 111 21.96 -31.07 20.54
CA SER F 111 22.94 -32.15 20.55
C SER F 111 24.31 -31.70 21.01
N ALA F 112 24.52 -30.40 21.20
CA ALA F 112 25.82 -29.86 21.55
C ALA F 112 26.04 -29.77 23.07
N GLY F 113 25.09 -30.22 23.87
CA GLY F 113 25.26 -30.19 25.31
C GLY F 113 26.35 -31.14 25.77
N THR F 114 26.71 -31.00 27.03
CA THR F 114 27.74 -31.87 27.60
C THR F 114 27.25 -33.32 27.60
N PRO F 115 28.14 -34.28 27.35
CA PRO F 115 27.70 -35.68 27.27
C PRO F 115 27.04 -36.15 28.56
N GLY F 116 25.98 -36.94 28.41
CA GLY F 116 25.24 -37.46 29.53
C GLY F 116 24.22 -36.53 30.12
N LYS F 117 24.06 -35.33 29.58
CA LYS F 117 23.14 -34.33 30.12
C LYS F 117 22.31 -33.70 29.01
N ARG F 118 21.84 -34.53 28.08
CA ARG F 118 20.95 -34.10 27.02
C ARG F 118 19.68 -34.96 27.07
N PHE F 119 18.54 -34.32 27.29
CA PHE F 119 17.29 -35.05 27.42
C PHE F 119 16.22 -34.38 26.55
N ALA F 120 15.12 -35.11 26.35
CA ALA F 120 13.97 -34.59 25.64
C ALA F 120 12.70 -35.13 26.28
N LEU F 121 11.62 -34.38 26.14
CA LEU F 121 10.32 -34.78 26.65
C LEU F 121 9.71 -35.87 25.78
N PRO F 122 8.77 -36.66 26.32
CA PRO F 122 8.26 -37.81 25.55
C PRO F 122 7.63 -37.43 24.23
N ASN F 123 7.00 -36.26 24.13
CA ASN F 123 6.39 -35.81 22.88
C ASN F 123 7.27 -34.81 22.14
N ALA F 124 8.54 -34.70 22.53
CA ALA F 124 9.47 -33.86 21.79
C ALA F 124 9.71 -34.43 20.41
N GLU F 125 10.07 -33.55 19.48
CA GLU F 125 10.06 -33.87 18.07
C GLU F 125 11.18 -33.10 17.37
N ILE F 126 12.12 -33.85 16.78
CA ILE F 126 13.41 -33.33 16.34
C ILE F 126 13.54 -33.50 14.84
N LEU F 127 14.09 -32.49 14.17
CA LEU F 127 14.28 -32.49 12.72
C LEU F 127 15.73 -32.20 12.37
N ILE F 128 16.24 -32.90 11.38
CA ILE F 128 17.58 -32.69 10.85
C ILE F 128 17.45 -32.11 9.44
N HIS F 129 18.16 -31.01 9.19
CA HIS F 129 17.98 -30.23 7.98
C HIS F 129 19.32 -29.77 7.46
N GLN F 130 19.49 -29.75 6.14
CA GLN F 130 20.71 -29.25 5.54
C GLN F 130 20.58 -27.75 5.24
N PRO F 131 21.70 -27.02 5.19
CA PRO F 131 21.62 -25.56 5.08
C PRO F 131 21.04 -25.09 3.76
N SER F 132 20.46 -23.89 3.79
CA SER F 132 19.94 -23.22 2.60
C SER F 132 20.36 -21.75 2.65
N ALA F 133 20.44 -21.13 1.48
CA ALA F 133 20.92 -19.76 1.38
C ALA F 133 20.39 -19.13 0.11
N GLY F 134 20.57 -17.81 0.01
CA GLY F 134 20.19 -17.07 -1.18
C GLY F 134 21.27 -16.07 -1.59
N LEU F 135 21.76 -16.19 -2.83
CA LEU F 135 22.89 -15.41 -3.30
C LEU F 135 22.51 -14.58 -4.52
N ALA F 136 23.24 -13.49 -4.74
CA ALA F 136 23.07 -12.64 -5.90
C ALA F 136 24.37 -11.89 -6.16
N GLY F 137 24.63 -11.61 -7.44
CA GLY F 137 25.82 -10.89 -7.84
C GLY F 137 26.37 -11.46 -9.13
N SER F 138 27.64 -11.15 -9.40
CA SER F 138 28.30 -11.64 -10.59
C SER F 138 28.66 -13.13 -10.44
N ALA F 139 29.26 -13.69 -11.48
CA ALA F 139 29.61 -15.11 -11.45
C ALA F 139 30.71 -15.41 -10.45
N SER F 140 31.70 -14.52 -10.34
CA SER F 140 32.81 -14.76 -9.41
C SER F 140 32.35 -14.69 -7.96
N ASP F 141 31.54 -13.68 -7.63
CA ASP F 141 31.02 -13.56 -6.27
C ASP F 141 30.15 -14.76 -5.92
N ILE F 142 29.32 -15.19 -6.87
CA ILE F 142 28.47 -16.36 -6.64
C ILE F 142 29.31 -17.60 -6.44
N LYS F 143 30.40 -17.73 -7.19
CA LYS F 143 31.31 -18.86 -7.01
C LYS F 143 31.91 -18.86 -5.61
N ILE F 144 32.36 -17.70 -5.15
CA ILE F 144 32.97 -17.60 -3.82
C ILE F 144 31.95 -17.98 -2.74
N HIS F 145 30.73 -17.44 -2.87
CA HIS F 145 29.71 -17.70 -1.85
C HIS F 145 29.25 -19.15 -1.87
N ALA F 146 29.19 -19.76 -3.05
CA ALA F 146 28.85 -21.17 -3.13
C ALA F 146 29.91 -22.04 -2.48
N GLU F 147 31.18 -21.70 -2.70
CA GLU F 147 32.25 -22.44 -2.03
C GLU F 147 32.13 -22.30 -0.52
N ARG F 148 31.83 -21.10 -0.03
CA ARG F 148 31.68 -20.91 1.41
C ARG F 148 30.50 -21.70 1.96
N LEU F 149 29.40 -21.76 1.22
CA LEU F 149 28.24 -22.54 1.65
C LEU F 149 28.58 -24.03 1.72
N LEU F 150 29.33 -24.53 0.73
CA LEU F 150 29.78 -25.91 0.79
C LEU F 150 30.63 -26.17 2.03
N HIS F 151 31.54 -25.24 2.33
CA HIS F 151 32.39 -25.39 3.50
C HIS F 151 31.58 -25.40 4.78
N THR F 152 30.57 -24.53 4.86
CA THR F 152 29.71 -24.48 6.04
C THR F 152 28.94 -25.78 6.22
N LYS F 153 28.39 -26.33 5.13
CA LYS F 153 27.67 -27.60 5.22
C LYS F 153 28.59 -28.72 5.68
N LYS F 154 29.81 -28.77 5.13
CA LYS F 154 30.74 -29.81 5.55
C LYS F 154 31.09 -29.67 7.04
N ARG F 155 31.29 -28.43 7.50
CA ARG F 155 31.61 -28.21 8.90
C ARG F 155 30.47 -28.67 9.81
N MET F 156 29.23 -28.35 9.43
CA MET F 156 28.09 -28.79 10.24
C MET F 156 27.96 -30.30 10.27
N ALA F 157 28.16 -30.95 9.12
CA ALA F 157 28.14 -32.41 9.10
C ALA F 157 29.21 -33.00 10.01
N GLU F 158 30.41 -32.42 9.97
CA GLU F 158 31.49 -32.92 10.82
C GLU F 158 31.16 -32.75 12.30
N LEU F 159 30.63 -31.59 12.67
CA LEU F 159 30.32 -31.35 14.08
C LEU F 159 29.19 -32.26 14.56
N THR F 160 28.17 -32.46 13.74
CA THR F 160 27.09 -33.37 14.11
C THR F 160 27.61 -34.79 14.26
N SER F 161 28.49 -35.22 13.35
CA SER F 161 29.07 -36.56 13.48
C SER F 161 29.89 -36.69 14.76
N GLN F 162 30.65 -35.66 15.10
CA GLN F 162 31.45 -35.71 16.32
C GLN F 162 30.56 -35.79 17.56
N HIS F 163 29.48 -35.02 17.60
CA HIS F 163 28.66 -34.98 18.80
C HIS F 163 27.74 -36.18 18.94
N THR F 164 27.25 -36.75 17.84
CA THR F 164 26.28 -37.84 17.92
C THR F 164 26.93 -39.22 17.91
N GLY F 165 28.22 -39.32 17.64
CA GLY F 165 28.88 -40.62 17.61
C GLY F 165 28.66 -41.42 16.35
N GLN F 166 27.99 -40.87 15.35
CA GLN F 166 27.79 -41.56 14.08
C GLN F 166 28.91 -41.22 13.10
N THR F 167 29.01 -42.05 12.06
CA THR F 167 29.99 -41.80 11.01
C THR F 167 29.55 -40.61 10.15
N ILE F 168 30.53 -39.98 9.52
CA ILE F 168 30.26 -38.78 8.73
C ILE F 168 29.42 -39.13 7.51
N GLU F 169 29.67 -40.29 6.90
CA GLU F 169 28.92 -40.68 5.71
C GLU F 169 27.44 -40.88 6.03
N GLN F 170 27.14 -41.50 7.17
CA GLN F 170 25.74 -41.69 7.54
C GLN F 170 25.03 -40.36 7.75
N ILE F 171 25.70 -39.40 8.41
CA ILE F 171 25.11 -38.09 8.63
C ILE F 171 24.89 -37.38 7.30
N THR F 172 25.88 -37.45 6.41
CA THR F 172 25.76 -36.78 5.12
C THR F 172 24.61 -37.35 4.30
N ARG F 173 24.46 -38.67 4.29
CA ARG F 173 23.39 -39.29 3.53
C ARG F 173 22.03 -39.03 4.16
N ASP F 174 21.97 -39.00 5.50
CA ASP F 174 20.69 -38.86 6.18
C ASP F 174 20.15 -37.44 6.13
N SER F 175 21.03 -36.45 6.06
CA SER F 175 20.63 -35.05 6.12
C SER F 175 20.35 -34.44 4.76
N ASP F 176 20.44 -35.22 3.68
CA ASP F 176 20.18 -34.69 2.34
C ASP F 176 18.74 -34.21 2.23
N ARG F 177 17.79 -35.04 2.66
CA ARG F 177 16.40 -34.66 2.80
C ARG F 177 16.14 -34.28 4.25
N ASP F 178 14.86 -34.11 4.60
CA ASP F 178 14.46 -33.87 5.97
C ASP F 178 14.08 -35.18 6.64
N ARG F 179 14.70 -35.47 7.78
CA ARG F 179 14.35 -36.63 8.58
C ARG F 179 13.79 -36.17 9.91
N TRP F 180 12.64 -36.72 10.30
CA TRP F 180 12.00 -36.38 11.55
C TRP F 180 12.28 -37.47 12.57
N PHE F 181 12.45 -37.08 13.82
CA PHE F 181 12.79 -38.02 14.88
C PHE F 181 11.81 -37.91 16.04
N ASP F 182 11.40 -39.05 16.56
CA ASP F 182 10.71 -39.12 17.83
C ASP F 182 11.74 -39.09 18.96
N ALA F 183 11.27 -39.06 20.20
CA ALA F 183 12.18 -39.01 21.34
C ALA F 183 13.04 -40.27 21.41
N PHE F 184 12.41 -41.44 21.28
CA PHE F 184 13.16 -42.69 21.35
C PHE F 184 14.04 -42.89 20.12
N GLU F 185 13.55 -42.49 18.95
CA GLU F 185 14.39 -42.56 17.75
C GLU F 185 15.59 -41.65 17.87
N ALA F 186 15.40 -40.45 18.42
CA ALA F 186 16.53 -39.55 18.63
C ALA F 186 17.52 -40.12 19.65
N LYS F 187 17.01 -40.75 20.70
CA LYS F 187 17.89 -41.36 21.70
C LYS F 187 18.72 -42.49 21.07
N GLU F 188 18.08 -43.32 20.25
CA GLU F 188 18.81 -44.40 19.60
C GLU F 188 19.81 -43.86 18.58
N TYR F 189 19.45 -42.77 17.91
CA TYR F 189 20.33 -42.19 16.89
C TYR F 189 21.60 -41.63 17.52
N GLY F 190 21.49 -41.03 18.70
CA GLY F 190 22.61 -40.42 19.38
C GLY F 190 22.48 -38.93 19.61
N LEU F 191 21.39 -38.29 19.18
CA LEU F 191 21.22 -36.86 19.40
C LEU F 191 21.10 -36.53 20.88
N ILE F 192 20.37 -37.35 21.63
CA ILE F 192 20.19 -37.14 23.07
C ILE F 192 20.60 -38.41 23.81
N ASP F 193 20.57 -38.35 25.15
CA ASP F 193 20.95 -39.49 25.97
C ASP F 193 19.81 -40.10 26.75
N ASP F 194 18.74 -39.35 27.03
CA ASP F 194 17.66 -39.89 27.84
C ASP F 194 16.37 -39.13 27.54
N VAL F 195 15.26 -39.74 27.96
CA VAL F 195 13.92 -39.16 27.82
C VAL F 195 13.31 -39.05 29.21
N MET F 196 12.88 -37.86 29.59
CA MET F 196 12.29 -37.65 30.90
C MET F 196 10.84 -38.09 30.91
N THR F 197 10.35 -38.41 32.10
CA THR F 197 8.92 -38.59 32.31
C THR F 197 8.49 -37.87 33.58
N THR F 198 9.42 -37.70 34.51
CA THR F 198 9.14 -37.14 35.83
C THR F 198 10.32 -36.29 36.27
N ALA F 199 10.04 -35.28 37.10
CA ALA F 199 11.07 -34.36 37.56
C ALA F 199 12.20 -35.04 38.31
N ALA F 200 11.98 -36.23 38.86
CA ALA F 200 13.02 -36.93 39.60
C ALA F 200 14.14 -37.45 38.70
N GLY F 201 13.97 -37.43 37.39
CA GLY F 201 14.95 -37.96 36.46
C GLY F 201 16.02 -37.01 35.99
N MET F 202 16.03 -35.76 36.46
CA MET F 202 17.03 -34.81 36.00
C MET F 202 17.72 -34.18 37.20
N PRO F 203 18.99 -33.75 37.05
CA PRO F 203 19.73 -33.11 38.14
C PRO F 203 19.18 -31.72 38.47
N GLY G 22 13.30 -5.73 28.17
CA GLY G 22 13.26 -6.16 29.55
C GLY G 22 14.50 -6.91 29.99
N LEU G 23 14.65 -8.15 29.51
CA LEU G 23 15.84 -8.93 29.83
C LEU G 23 17.10 -8.27 29.29
N GLY G 24 17.10 -7.94 28.00
CA GLY G 24 18.34 -7.56 27.34
C GLY G 24 19.04 -6.38 27.99
N ASP G 25 18.26 -5.38 28.42
CA ASP G 25 18.85 -4.23 29.08
C ASP G 25 19.52 -4.64 30.39
N GLN G 26 18.87 -5.48 31.19
CA GLN G 26 19.45 -5.91 32.45
C GLN G 26 20.72 -6.73 32.24
N VAL G 27 20.67 -7.69 31.30
CA VAL G 27 21.86 -8.49 31.01
C VAL G 27 23.01 -7.61 30.53
N TYR G 28 22.74 -6.68 29.62
CA TYR G 28 23.80 -5.84 29.08
C TYR G 28 24.37 -4.91 30.15
N ASN G 29 23.51 -4.41 31.04
CA ASN G 29 24.00 -3.54 32.11
C ASN G 29 24.88 -4.31 33.08
N ARG G 30 24.44 -5.50 33.48
CA ARG G 30 25.27 -6.30 34.39
C ARG G 30 26.57 -6.73 33.73
N LEU G 31 26.58 -6.87 32.40
CA LEU G 31 27.83 -7.19 31.72
C LEU G 31 28.74 -5.97 31.63
N LEU G 32 28.18 -4.81 31.31
CA LEU G 32 28.97 -3.58 31.24
C LEU G 32 29.57 -3.24 32.59
N ASN G 33 28.89 -3.62 33.67
CA ASN G 33 29.48 -3.47 35.00
C ASN G 33 30.80 -4.23 35.13
N GLU G 34 31.02 -5.25 34.31
CA GLU G 34 32.25 -6.02 34.32
C GLU G 34 33.16 -5.64 33.14
N ARG G 35 32.93 -4.47 32.54
CA ARG G 35 33.73 -3.95 31.43
C ARG G 35 33.66 -4.88 30.22
N ILE G 36 32.43 -5.14 29.79
CA ILE G 36 32.15 -5.91 28.59
C ILE G 36 31.26 -5.06 27.70
N ILE G 37 31.68 -4.87 26.44
CA ILE G 37 30.92 -4.12 25.46
C ILE G 37 30.56 -5.06 24.32
N PHE G 38 29.29 -5.04 23.92
CA PHE G 38 28.80 -5.89 22.84
C PHE G 38 28.54 -5.05 21.59
N LEU G 39 28.95 -5.57 20.44
CA LEU G 39 28.69 -4.96 19.14
C LEU G 39 28.10 -6.06 18.26
N GLY G 40 26.78 -6.21 18.32
CA GLY G 40 26.12 -7.32 17.65
C GLY G 40 25.04 -6.92 16.66
N GLN G 41 25.29 -5.86 15.91
CA GLN G 41 24.33 -5.38 14.92
C GLN G 41 25.09 -4.60 13.86
N PRO G 42 24.47 -4.34 12.71
CA PRO G 42 25.15 -3.55 11.67
C PRO G 42 25.60 -2.20 12.21
N VAL G 43 26.77 -1.76 11.75
CA VAL G 43 27.39 -0.55 12.28
C VAL G 43 26.78 0.66 11.59
N ASP G 44 25.98 1.41 12.34
CA ASP G 44 25.40 2.68 11.89
C ASP G 44 25.75 3.77 12.91
N ASP G 45 25.14 4.94 12.74
CA ASP G 45 25.46 6.06 13.60
C ASP G 45 25.04 5.80 15.05
N ASP G 46 23.88 5.18 15.25
CA ASP G 46 23.31 5.06 16.58
C ASP G 46 24.20 4.20 17.48
N ILE G 47 24.55 3.00 17.04
CA ILE G 47 25.30 2.12 17.94
C ILE G 47 26.76 2.52 17.98
N ALA G 48 27.26 3.23 16.97
CA ALA G 48 28.60 3.81 17.06
C ALA G 48 28.64 4.89 18.14
N ASN G 49 27.60 5.71 18.19
CA ASN G 49 27.48 6.71 19.25
C ASN G 49 27.41 6.03 20.61
N LYS G 50 26.62 4.95 20.71
CA LYS G 50 26.50 4.22 21.97
C LYS G 50 27.83 3.62 22.40
N ILE G 51 28.57 3.03 21.46
CA ILE G 51 29.85 2.40 21.79
C ILE G 51 30.87 3.44 22.19
N THR G 52 30.88 4.59 21.50
CA THR G 52 31.77 5.68 21.90
C THR G 52 31.45 6.16 23.31
N ALA G 53 30.16 6.29 23.63
CA ALA G 53 29.77 6.70 24.97
C ALA G 53 30.23 5.69 26.02
N GLN G 54 30.05 4.39 25.73
CA GLN G 54 30.45 3.37 26.69
C GLN G 54 31.96 3.36 26.90
N LEU G 55 32.73 3.51 25.82
CA LEU G 55 34.18 3.56 25.94
C LEU G 55 34.61 4.78 26.75
N LEU G 56 34.00 5.93 26.50
CA LEU G 56 34.34 7.12 27.26
C LEU G 56 34.01 6.96 28.73
N LEU G 57 32.88 6.32 29.04
CA LEU G 57 32.52 6.08 30.44
C LEU G 57 33.52 5.13 31.11
N LEU G 58 33.85 4.03 30.45
CA LEU G 58 34.79 3.08 31.03
C LEU G 58 36.21 3.64 31.09
N ALA G 59 36.49 4.72 30.35
CA ALA G 59 37.79 5.36 30.41
C ALA G 59 38.06 6.06 31.74
N SER G 60 37.07 6.18 32.62
CA SER G 60 37.28 6.85 33.90
C SER G 60 38.38 6.16 34.70
N ASP G 61 38.36 4.83 34.78
CA ASP G 61 39.44 4.10 35.43
C ASP G 61 40.47 3.79 34.36
N PRO G 62 41.68 4.35 34.44
CA PRO G 62 42.67 4.21 33.37
C PRO G 62 43.61 3.02 33.49
N GLU G 63 43.33 2.06 34.38
CA GLU G 63 44.23 0.93 34.56
C GLU G 63 43.65 -0.39 34.09
N LYS G 64 42.34 -0.54 34.06
CA LYS G 64 41.70 -1.78 33.68
C LYS G 64 41.39 -1.81 32.19
N ASP G 65 41.44 -2.99 31.60
CA ASP G 65 41.22 -3.18 30.18
C ASP G 65 39.73 -3.22 29.87
N ILE G 66 39.41 -3.12 28.58
CA ILE G 66 38.04 -3.19 28.08
C ILE G 66 37.98 -4.31 27.05
N TYR G 67 36.98 -5.18 27.19
CA TYR G 67 36.77 -6.29 26.27
C TYR G 67 35.61 -5.96 25.34
N LEU G 68 35.82 -6.11 24.04
CA LEU G 68 34.81 -5.86 23.02
C LEU G 68 34.49 -7.15 22.28
N TYR G 69 33.21 -7.52 22.26
CA TYR G 69 32.76 -8.71 21.58
C TYR G 69 32.05 -8.31 20.29
N ILE G 70 32.51 -8.86 19.17
CA ILE G 70 32.07 -8.42 17.85
C ILE G 70 31.36 -9.58 17.16
N ASN G 71 30.10 -9.36 16.79
CA ASN G 71 29.35 -10.27 15.92
C ASN G 71 28.47 -9.38 15.04
N SER G 72 29.01 -8.98 13.89
CA SER G 72 28.32 -7.98 13.06
C SER G 72 28.68 -8.23 11.61
N PRO G 73 27.79 -7.89 10.68
CA PRO G 73 28.11 -7.98 9.25
C PRO G 73 28.71 -6.72 8.65
N GLY G 74 29.03 -5.72 9.46
CA GLY G 74 29.55 -4.46 8.97
C GLY G 74 28.47 -3.40 8.86
N GLY G 75 28.88 -2.24 8.34
CA GLY G 75 27.95 -1.15 8.18
C GLY G 75 28.55 0.10 7.56
N SER G 76 28.17 1.26 8.08
CA SER G 76 28.62 2.52 7.51
C SER G 76 30.10 2.74 7.80
N ILE G 77 30.71 3.58 6.97
CA ILE G 77 32.16 3.78 7.04
C ILE G 77 32.52 4.79 8.12
N THR G 78 31.81 5.92 8.14
CA THR G 78 32.14 6.99 9.08
C THR G 78 31.94 6.56 10.52
N ALA G 79 30.85 5.84 10.80
CA ALA G 79 30.58 5.39 12.16
C ALA G 79 31.65 4.43 12.64
N GLY G 80 32.02 3.46 11.81
CA GLY G 80 33.09 2.54 12.19
C GLY G 80 34.41 3.24 12.38
N MET G 81 34.69 4.24 11.53
CA MET G 81 35.93 5.00 11.68
C MET G 81 35.94 5.77 12.99
N ALA G 82 34.78 6.31 13.39
CA ALA G 82 34.68 6.99 14.68
C ALA G 82 34.95 6.02 15.83
N ILE G 83 34.40 4.81 15.73
CA ILE G 83 34.66 3.79 16.75
C ILE G 83 36.15 3.47 16.81
N TYR G 84 36.79 3.33 15.64
CA TYR G 84 38.21 3.02 15.60
C TYR G 84 39.04 4.12 16.26
N ASP G 85 38.72 5.38 15.94
CA ASP G 85 39.44 6.50 16.54
C ASP G 85 39.23 6.55 18.04
N THR G 86 38.02 6.26 18.51
CA THR G 86 37.78 6.24 19.94
C THR G 86 38.58 5.14 20.62
N MET G 87 38.64 3.96 20.02
CA MET G 87 39.44 2.88 20.61
C MET G 87 40.91 3.24 20.66
N GLN G 88 41.43 3.90 19.63
CA GLN G 88 42.82 4.35 19.68
C GLN G 88 42.99 5.58 20.56
N TYR G 89 41.90 6.20 21.00
CA TYR G 89 41.98 7.44 21.78
C TYR G 89 42.25 7.16 23.25
N ILE G 90 41.43 6.31 23.87
CA ILE G 90 41.51 6.13 25.31
C ILE G 90 42.81 5.41 25.69
N LYS G 91 43.24 5.62 26.93
CA LYS G 91 44.47 5.03 27.42
C LYS G 91 44.33 3.55 27.77
N ASN G 92 43.12 3.07 28.04
CA ASN G 92 42.92 1.68 28.40
C ASN G 92 43.06 0.78 27.18
N ASP G 93 43.68 -0.37 27.38
CA ASP G 93 43.82 -1.35 26.30
C ASP G 93 42.47 -1.98 25.99
N VAL G 94 42.24 -2.27 24.71
CA VAL G 94 40.99 -2.85 24.24
C VAL G 94 41.27 -4.24 23.70
N VAL G 95 40.60 -5.24 24.26
CA VAL G 95 40.69 -6.62 23.81
C VAL G 95 39.46 -6.92 22.97
N THR G 96 39.66 -7.46 21.78
CA THR G 96 38.57 -7.76 20.86
C THR G 96 38.40 -9.27 20.74
N ILE G 97 37.15 -9.72 20.78
CA ILE G 97 36.80 -11.13 20.65
C ILE G 97 35.87 -11.27 19.46
N ALA G 98 36.22 -12.16 18.53
CA ALA G 98 35.37 -12.45 17.38
C ALA G 98 34.55 -13.69 17.66
N MET G 99 33.23 -13.53 17.63
CA MET G 99 32.32 -14.65 17.86
C MET G 99 31.23 -14.62 16.79
N GLY G 100 31.09 -15.71 16.05
CA GLY G 100 30.09 -15.75 15.00
C GLY G 100 30.62 -15.22 13.69
N LEU G 101 30.31 -13.96 13.38
CA LEU G 101 30.69 -13.34 12.12
C LEU G 101 31.37 -12.01 12.40
N ALA G 102 32.45 -11.74 11.67
CA ALA G 102 33.15 -10.45 11.72
C ALA G 102 33.48 -10.09 10.28
N ALA G 103 32.58 -9.37 9.62
CA ALA G 103 32.66 -9.14 8.19
C ALA G 103 32.67 -7.65 7.88
N ALA G 104 33.30 -7.31 6.76
CA ALA G 104 33.33 -5.96 6.19
C ALA G 104 33.98 -5.03 7.21
N MET G 105 33.27 -4.01 7.71
CA MET G 105 33.91 -3.06 8.62
C MET G 105 34.11 -3.65 10.01
N GLY G 106 33.30 -4.66 10.38
CA GLY G 106 33.50 -5.32 11.66
C GLY G 106 34.84 -6.03 11.75
N GLN G 107 35.32 -6.57 10.62
CA GLN G 107 36.65 -7.16 10.59
C GLN G 107 37.71 -6.12 10.89
N PHE G 108 37.53 -4.90 10.37
CA PHE G 108 38.50 -3.84 10.61
C PHE G 108 38.59 -3.49 12.09
N LEU G 109 37.44 -3.44 12.78
CA LEU G 109 37.45 -3.14 14.21
C LEU G 109 38.06 -4.29 15.01
N LEU G 110 37.84 -5.53 14.58
CA LEU G 110 38.40 -6.67 15.29
C LEU G 110 39.93 -6.64 15.27
N SER G 111 40.52 -6.28 14.15
CA SER G 111 41.96 -6.22 14.02
C SER G 111 42.56 -4.93 14.55
N ALA G 112 41.73 -4.01 15.03
CA ALA G 112 42.20 -2.72 15.54
C ALA G 112 42.52 -2.74 17.03
N GLY G 113 42.38 -3.89 17.68
CA GLY G 113 42.66 -3.96 19.10
C GLY G 113 44.13 -3.85 19.41
N THR G 114 44.43 -3.80 20.70
CA THR G 114 45.81 -3.71 21.14
C THR G 114 46.58 -4.96 20.70
N PRO G 115 47.81 -4.80 20.19
CA PRO G 115 48.56 -5.98 19.74
C PRO G 115 48.77 -6.99 20.86
N GLY G 116 48.65 -8.27 20.50
CA GLY G 116 48.73 -9.33 21.48
C GLY G 116 47.45 -9.61 22.22
N LYS G 117 46.36 -8.91 21.92
CA LYS G 117 45.10 -9.06 22.63
C LYS G 117 43.93 -9.09 21.65
N ARG G 118 44.09 -9.80 20.54
CA ARG G 118 43.01 -10.03 19.60
C ARG G 118 42.81 -11.53 19.43
N PHE G 119 41.60 -12.01 19.68
CA PHE G 119 41.31 -13.43 19.64
C PHE G 119 40.01 -13.69 18.89
N ALA G 120 39.84 -14.93 18.47
CA ALA G 120 38.61 -15.37 17.83
C ALA G 120 38.27 -16.78 18.30
N LEU G 121 36.98 -17.08 18.31
CA LEU G 121 36.50 -18.40 18.69
C LEU G 121 36.74 -19.39 17.54
N PRO G 122 36.80 -20.69 17.85
CA PRO G 122 37.24 -21.67 16.82
C PRO G 122 36.35 -21.71 15.60
N ASN G 123 35.08 -21.34 15.71
CA ASN G 123 34.13 -21.46 14.61
C ASN G 123 33.68 -20.08 14.13
N ALA G 124 34.55 -19.09 14.23
CA ALA G 124 34.25 -17.74 13.79
C ALA G 124 34.76 -17.54 12.37
N GLU G 125 34.05 -16.72 11.60
CA GLU G 125 34.38 -16.47 10.20
C GLU G 125 34.66 -14.99 10.00
N ILE G 126 35.79 -14.70 9.35
CA ILE G 126 36.22 -13.32 9.08
C ILE G 126 36.15 -13.08 7.58
N LEU G 127 35.61 -11.93 7.20
CA LEU G 127 35.43 -11.59 5.79
C LEU G 127 36.06 -10.23 5.51
N ILE G 128 36.87 -10.17 4.46
CA ILE G 128 37.50 -8.94 4.00
C ILE G 128 36.76 -8.46 2.77
N HIS G 129 36.35 -7.19 2.78
CA HIS G 129 35.45 -6.67 1.75
C HIS G 129 35.81 -5.23 1.45
N GLN G 130 35.85 -4.89 0.16
CA GLN G 130 36.14 -3.53 -0.27
C GLN G 130 34.90 -2.66 -0.19
N PRO G 131 35.08 -1.34 -0.04
CA PRO G 131 33.92 -0.46 0.19
C PRO G 131 33.00 -0.37 -1.01
N SER G 132 31.75 0.01 -0.73
CA SER G 132 30.75 0.25 -1.76
C SER G 132 29.90 1.45 -1.36
N ALA G 133 29.36 2.14 -2.36
CA ALA G 133 28.58 3.35 -2.11
C ALA G 133 27.67 3.61 -3.30
N GLY G 134 26.69 4.48 -3.12
CA GLY G 134 25.78 4.87 -4.18
C GLY G 134 25.62 6.37 -4.28
N LEU G 135 25.88 6.93 -5.46
CA LEU G 135 25.91 8.38 -5.66
C LEU G 135 24.79 8.81 -6.61
N ALA G 136 24.51 10.11 -6.60
CA ALA G 136 23.51 10.71 -7.48
C ALA G 136 23.79 12.21 -7.59
N GLY G 137 23.48 12.77 -8.75
CA GLY G 137 23.64 14.19 -8.97
C GLY G 137 24.31 14.46 -10.30
N SER G 138 24.80 15.68 -10.46
CA SER G 138 25.44 16.09 -11.71
C SER G 138 26.81 15.41 -11.85
N ALA G 139 27.49 15.71 -12.96
CA ALA G 139 28.77 15.06 -13.23
C ALA G 139 29.86 15.55 -12.28
N SER G 140 29.86 16.84 -11.95
CA SER G 140 30.89 17.37 -11.06
C SER G 140 30.77 16.80 -9.64
N ASP G 141 29.54 16.75 -9.12
CA ASP G 141 29.32 16.18 -7.81
C ASP G 141 29.71 14.70 -7.78
N ILE G 142 29.36 13.97 -8.84
CA ILE G 142 29.71 12.56 -8.92
C ILE G 142 31.22 12.38 -8.96
N LYS G 143 31.91 13.26 -9.69
CA LYS G 143 33.37 13.21 -9.72
C LYS G 143 33.96 13.42 -8.34
N ILE G 144 33.46 14.42 -7.61
CA ILE G 144 33.98 14.70 -6.28
C ILE G 144 33.74 13.52 -5.35
N HIS G 145 32.54 12.95 -5.40
CA HIS G 145 32.22 11.84 -4.50
C HIS G 145 32.99 10.58 -4.87
N ALA G 146 33.25 10.35 -6.16
CA ALA G 146 34.08 9.22 -6.56
C ALA G 146 35.51 9.38 -6.05
N GLU G 147 36.05 10.59 -6.14
CA GLU G 147 37.38 10.83 -5.58
C GLU G 147 37.41 10.56 -4.08
N ARG G 148 36.37 11.00 -3.38
CA ARG G 148 36.31 10.76 -1.93
C ARG G 148 36.22 9.28 -1.61
N LEU G 149 35.43 8.53 -2.39
CA LEU G 149 35.32 7.09 -2.18
C LEU G 149 36.65 6.40 -2.40
N LEU G 150 37.38 6.78 -3.45
CA LEU G 150 38.71 6.23 -3.68
C LEU G 150 39.64 6.55 -2.51
N HIS G 151 39.55 7.77 -1.98
CA HIS G 151 40.37 8.14 -0.84
C HIS G 151 40.06 7.27 0.38
N THR G 152 38.78 7.03 0.65
CA THR G 152 38.41 6.17 1.78
C THR G 152 38.91 4.75 1.58
N LYS G 153 38.82 4.23 0.36
CA LYS G 153 39.32 2.89 0.08
C LYS G 153 40.82 2.80 0.33
N LYS G 154 41.57 3.81 -0.12
CA LYS G 154 43.01 3.82 0.11
C LYS G 154 43.34 3.89 1.60
N ARG G 155 42.60 4.72 2.34
CA ARG G 155 42.83 4.83 3.77
C ARG G 155 42.58 3.51 4.48
N MET G 156 41.50 2.83 4.11
CA MET G 156 41.18 1.54 4.75
C MET G 156 42.24 0.50 4.42
N ALA G 157 42.70 0.46 3.17
CA ALA G 157 43.76 -0.47 2.83
C ALA G 157 45.03 -0.20 3.63
N GLU G 158 45.40 1.08 3.75
CA GLU G 158 46.61 1.43 4.49
C GLU G 158 46.49 1.08 5.97
N LEU G 159 45.32 1.34 6.57
CA LEU G 159 45.14 1.02 7.99
C LEU G 159 45.14 -0.49 8.23
N THR G 160 44.51 -1.26 7.34
CA THR G 160 44.55 -2.71 7.47
C THR G 160 45.97 -3.22 7.33
N SER G 161 46.74 -2.67 6.39
CA SER G 161 48.14 -3.07 6.25
C SER G 161 48.93 -2.74 7.52
N GLN G 162 48.68 -1.58 8.11
CA GLN G 162 49.39 -1.21 9.33
C GLN G 162 49.05 -2.15 10.48
N HIS G 163 47.78 -2.51 10.64
CA HIS G 163 47.39 -3.32 11.78
C HIS G 163 47.60 -4.81 11.55
N THR G 164 47.87 -5.23 10.32
CA THR G 164 47.98 -6.65 10.02
C THR G 164 49.43 -7.12 9.93
N GLY G 165 50.31 -6.30 9.38
CA GLY G 165 51.69 -6.70 9.13
C GLY G 165 51.99 -7.06 7.70
N GLN G 166 50.96 -7.25 6.87
CA GLN G 166 51.16 -7.52 5.45
C GLN G 166 51.46 -6.22 4.70
N THR G 167 52.02 -6.37 3.51
CA THR G 167 52.29 -5.22 2.67
C THR G 167 51.00 -4.67 2.10
N ILE G 168 51.06 -3.39 1.68
CA ILE G 168 49.87 -2.72 1.17
C ILE G 168 49.41 -3.36 -0.13
N GLU G 169 50.36 -3.78 -0.97
CA GLU G 169 50.00 -4.39 -2.25
C GLU G 169 49.24 -5.69 -2.06
N GLN G 170 49.67 -6.51 -1.10
CA GLN G 170 48.97 -7.77 -0.84
C GLN G 170 47.54 -7.52 -0.38
N ILE G 171 47.34 -6.56 0.51
CA ILE G 171 46.00 -6.24 0.98
C ILE G 171 45.15 -5.71 -0.16
N THR G 172 45.71 -4.82 -1.00
CA THR G 172 44.97 -4.28 -2.12
C THR G 172 44.54 -5.37 -3.09
N ARG G 173 45.44 -6.31 -3.38
CA ARG G 173 45.10 -7.39 -4.30
C ARG G 173 44.08 -8.34 -3.68
N ASP G 174 44.19 -8.59 -2.37
CA ASP G 174 43.33 -9.55 -1.70
C ASP G 174 41.92 -9.02 -1.46
N SER G 175 41.75 -7.71 -1.33
CA SER G 175 40.46 -7.12 -1.01
C SER G 175 39.62 -6.81 -2.25
N ASP G 176 40.12 -7.11 -3.44
CA ASP G 176 39.36 -6.82 -4.65
C ASP G 176 38.05 -7.60 -4.67
N ARG G 177 38.11 -8.89 -4.37
CA ARG G 177 36.93 -9.72 -4.19
C ARG G 177 36.70 -9.93 -2.70
N ASP G 178 35.75 -10.80 -2.37
CA ASP G 178 35.51 -11.17 -0.98
C ASP G 178 36.33 -12.41 -0.65
N ARG G 179 37.13 -12.32 0.41
CA ARG G 179 37.90 -13.46 0.89
C ARG G 179 37.39 -13.85 2.28
N TRP G 180 37.06 -15.12 2.44
CA TRP G 180 36.63 -15.65 3.73
C TRP G 180 37.82 -16.26 4.45
N PHE G 181 37.81 -16.14 5.77
CA PHE G 181 38.91 -16.63 6.60
C PHE G 181 38.37 -17.48 7.74
N ASP G 182 38.99 -18.63 7.95
CA ASP G 182 38.80 -19.39 9.17
C ASP G 182 39.64 -18.77 10.28
N ALA G 183 39.42 -19.26 11.51
CA ALA G 183 40.14 -18.71 12.65
C ALA G 183 41.65 -18.89 12.50
N PHE G 184 42.08 -20.08 12.11
CA PHE G 184 43.51 -20.33 11.94
C PHE G 184 44.06 -19.58 10.74
N GLU G 185 43.29 -19.50 9.65
CA GLU G 185 43.71 -18.72 8.50
C GLU G 185 43.82 -17.23 8.86
N ALA G 186 42.88 -16.73 9.65
CA ALA G 186 42.95 -15.35 10.10
C ALA G 186 44.18 -15.12 10.97
N LYS G 187 44.49 -16.06 11.86
CA LYS G 187 45.68 -15.93 12.70
C LYS G 187 46.95 -15.91 11.86
N GLU G 188 47.03 -16.79 10.86
CA GLU G 188 48.20 -16.82 10.00
C GLU G 188 48.31 -15.53 9.20
N TYR G 189 47.17 -15.02 8.72
CA TYR G 189 47.16 -13.79 7.94
C TYR G 189 47.65 -12.60 8.75
N GLY G 190 47.28 -12.54 10.03
CA GLY G 190 47.66 -11.45 10.91
C GLY G 190 46.52 -10.63 11.44
N LEU G 191 45.27 -10.95 11.13
CA LEU G 191 44.15 -10.16 11.62
C LEU G 191 43.94 -10.37 13.12
N ILE G 192 44.22 -11.58 13.62
CA ILE G 192 44.07 -11.91 15.03
C ILE G 192 45.37 -12.51 15.53
N ASP G 193 45.48 -12.60 16.85
CA ASP G 193 46.70 -13.04 17.50
C ASP G 193 46.64 -14.46 18.03
N ASP G 194 45.46 -14.95 18.40
CA ASP G 194 45.35 -16.28 18.98
C ASP G 194 43.92 -16.78 18.78
N VAL G 195 43.76 -18.10 18.89
CA VAL G 195 42.47 -18.76 18.76
C VAL G 195 42.05 -19.22 20.16
N MET G 196 40.81 -18.91 20.53
CA MET G 196 40.33 -19.08 21.89
C MET G 196 39.68 -20.45 22.05
N THR G 197 40.10 -21.18 23.08
CA THR G 197 39.53 -22.52 23.30
C THR G 197 38.83 -22.66 24.63
N THR G 198 39.46 -22.27 25.73
CA THR G 198 38.90 -22.43 27.07
C THR G 198 39.12 -21.15 27.88
N ALA G 199 38.59 -21.15 29.10
CA ALA G 199 38.55 -19.95 29.93
C ALA G 199 39.91 -19.52 30.46
N ALA G 200 40.94 -20.34 30.30
CA ALA G 200 42.27 -19.96 30.77
C ALA G 200 42.94 -18.96 29.82
N GLY G 201 42.28 -18.59 28.72
CA GLY G 201 42.94 -17.77 27.72
C GLY G 201 43.15 -16.32 28.13
N MET G 202 42.05 -15.59 28.35
CA MET G 202 42.20 -14.17 28.67
C MET G 202 42.81 -14.00 30.06
N PRO G 203 43.55 -12.92 30.30
CA PRO G 203 44.13 -12.64 31.62
C PRO G 203 43.06 -12.38 32.67
N ASP H 37 -5.29 9.06 -37.93
CA ASP H 37 -4.88 10.15 -37.05
C ASP H 37 -3.94 11.10 -37.79
N PRO H 38 -3.86 12.36 -37.32
CA PRO H 38 -3.07 13.35 -38.07
C PRO H 38 -1.59 13.03 -38.15
N TYR H 39 -1.06 12.19 -37.25
CA TYR H 39 0.36 11.90 -37.28
C TYR H 39 0.77 11.20 -38.58
N ALA H 40 -0.02 10.22 -39.02
CA ALA H 40 0.27 9.58 -40.29
C ALA H 40 0.13 10.56 -41.45
N LYS H 41 -0.90 11.40 -41.41
CA LYS H 41 -1.09 12.39 -42.47
C LYS H 41 0.12 13.31 -42.59
N LEU H 42 0.66 13.75 -41.46
CA LEU H 42 1.87 14.56 -41.49
C LEU H 42 3.08 13.74 -41.94
N PHE H 43 3.07 12.44 -41.64
CA PHE H 43 4.13 11.57 -42.14
C PHE H 43 4.16 11.55 -43.66
N GLU H 44 2.99 11.49 -44.30
CA GLU H 44 2.95 11.65 -45.75
C GLU H 44 3.49 13.01 -46.18
N GLU H 45 3.36 14.02 -45.34
CA GLU H 45 3.95 15.33 -45.60
C GLU H 45 5.39 15.44 -45.13
N ARG H 46 6.01 14.31 -44.81
CA ARG H 46 7.39 14.20 -44.31
C ARG H 46 7.73 15.28 -43.29
N VAL H 47 6.96 15.32 -42.20
CA VAL H 47 7.31 16.07 -41.01
C VAL H 47 7.30 15.10 -39.84
N ILE H 48 8.22 15.28 -38.90
CA ILE H 48 8.39 14.37 -37.77
C ILE H 48 8.21 15.16 -36.48
N PHE H 49 7.56 14.55 -35.50
CA PHE H 49 7.24 15.20 -34.23
C PHE H 49 8.02 14.52 -33.11
N LEU H 50 8.72 15.33 -32.30
CA LEU H 50 9.40 14.86 -31.10
C LEU H 50 8.87 15.72 -29.95
N GLY H 51 7.80 15.25 -29.31
CA GLY H 51 7.14 16.04 -28.30
C GLY H 51 7.09 15.39 -26.93
N VAL H 52 7.93 14.37 -26.73
CA VAL H 52 8.01 13.67 -25.46
C VAL H 52 9.46 13.65 -25.01
N GLN H 53 9.66 13.17 -23.79
CA GLN H 53 11.02 12.99 -23.27
C GLN H 53 11.74 11.92 -24.08
N ILE H 54 13.03 12.13 -24.29
CA ILE H 54 13.82 11.19 -25.09
C ILE H 54 14.00 9.89 -24.31
N ASP H 55 13.64 8.78 -24.95
CA ASP H 55 13.75 7.47 -24.34
C ASP H 55 14.09 6.47 -25.43
N ASP H 56 14.21 5.19 -25.06
CA ASP H 56 14.53 4.16 -26.03
C ASP H 56 13.43 4.00 -27.06
N ALA H 57 12.17 3.94 -26.61
CA ALA H 57 11.06 3.74 -27.53
C ALA H 57 10.89 4.94 -28.46
N SER H 58 10.95 6.15 -27.91
CA SER H 58 10.78 7.34 -28.73
C SER H 58 11.91 7.46 -29.75
N ALA H 59 13.15 7.19 -29.33
CA ALA H 59 14.28 7.27 -30.26
C ALA H 59 14.16 6.21 -31.35
N ASN H 60 13.75 5.00 -30.98
CA ASN H 60 13.55 3.96 -31.99
C ASN H 60 12.51 4.40 -33.01
N ASP H 61 11.38 4.94 -32.54
CA ASP H 61 10.34 5.41 -33.45
C ASP H 61 10.85 6.52 -34.36
N VAL H 62 11.57 7.49 -33.79
CA VAL H 62 12.03 8.64 -34.55
C VAL H 62 13.00 8.20 -35.64
N MET H 63 13.97 7.35 -35.30
CA MET H 63 14.91 6.96 -36.35
C MET H 63 14.27 5.99 -37.33
N ALA H 64 13.26 5.23 -36.91
CA ALA H 64 12.55 4.40 -37.87
C ALA H 64 11.85 5.27 -38.91
N GLN H 65 11.23 6.36 -38.46
CA GLN H 65 10.64 7.31 -39.39
C GLN H 65 11.71 7.95 -40.27
N LEU H 66 12.88 8.25 -39.70
CA LEU H 66 13.95 8.85 -40.49
C LEU H 66 14.44 7.92 -41.59
N LEU H 67 14.66 6.64 -41.26
CA LEU H 67 15.06 5.69 -42.29
C LEU H 67 13.96 5.47 -43.31
N CYS H 68 12.71 5.45 -42.88
CA CYS H 68 11.61 5.31 -43.82
C CYS H 68 11.59 6.46 -44.81
N LEU H 69 11.70 7.69 -44.33
CA LEU H 69 11.74 8.85 -45.21
C LEU H 69 12.99 8.86 -46.08
N GLU H 70 14.09 8.29 -45.58
CA GLU H 70 15.27 8.08 -46.41
C GLU H 70 14.97 7.12 -47.55
N SER H 71 14.11 6.12 -47.30
CA SER H 71 13.80 5.12 -48.32
C SER H 71 13.14 5.74 -49.55
N MET H 72 12.47 6.87 -49.39
CA MET H 72 11.95 7.60 -50.55
C MET H 72 13.10 8.35 -51.21
N ASP H 73 12.77 9.27 -52.11
CA ASP H 73 13.79 9.96 -52.87
C ASP H 73 14.70 10.74 -51.92
N PRO H 74 16.02 10.68 -52.10
CA PRO H 74 16.94 11.38 -51.19
C PRO H 74 17.10 12.86 -51.48
N ASP H 75 16.27 13.45 -52.35
CA ASP H 75 16.36 14.87 -52.67
C ASP H 75 15.22 15.67 -52.07
N ARG H 76 14.60 15.18 -51.00
CA ARG H 76 13.54 15.91 -50.32
C ARG H 76 13.90 16.06 -48.85
N ASP H 77 13.68 17.27 -48.32
CA ASP H 77 14.04 17.57 -46.95
C ASP H 77 13.07 16.94 -45.97
N ILE H 78 13.47 16.91 -44.70
CA ILE H 78 12.68 16.36 -43.61
C ILE H 78 12.58 17.43 -42.52
N SER H 79 11.38 17.59 -41.97
CA SER H 79 11.12 18.59 -40.95
C SER H 79 10.87 17.92 -39.61
N VAL H 80 11.62 18.34 -38.59
CA VAL H 80 11.50 17.80 -37.24
C VAL H 80 11.14 18.93 -36.28
N TYR H 81 10.08 18.73 -35.51
CA TYR H 81 9.64 19.70 -34.51
C TYR H 81 9.97 19.13 -33.14
N ILE H 82 10.68 19.91 -32.31
CA ILE H 82 11.27 19.40 -31.08
C ILE H 82 10.66 20.17 -29.91
N ASN H 83 9.83 19.50 -29.12
CA ASN H 83 9.28 20.01 -27.87
C ASN H 83 9.53 18.97 -26.80
N SER H 84 10.71 19.01 -26.21
CA SER H 84 11.14 17.97 -25.28
C SER H 84 11.84 18.59 -24.08
N PRO H 85 11.70 17.99 -22.91
CA PRO H 85 12.46 18.42 -21.73
C PRO H 85 13.77 17.69 -21.50
N GLY H 86 14.20 16.86 -22.44
CA GLY H 86 15.41 16.08 -22.28
C GLY H 86 15.16 14.59 -22.39
N GLY H 87 16.09 13.83 -21.82
CA GLY H 87 15.94 12.38 -21.79
C GLY H 87 17.30 11.70 -21.71
N SER H 88 17.30 10.44 -22.11
CA SER H 88 18.52 9.63 -22.05
C SER H 88 19.55 10.14 -23.05
N PHE H 89 20.81 9.78 -22.79
CA PHE H 89 21.91 10.35 -23.55
C PHE H 89 22.36 9.40 -24.67
N THR H 90 22.12 8.10 -24.51
CA THR H 90 22.42 7.16 -25.58
C THR H 90 21.38 7.24 -26.71
N ALA H 91 20.11 7.37 -26.34
CA ALA H 91 19.05 7.53 -27.35
C ALA H 91 19.21 8.84 -28.11
N LEU H 92 19.56 9.91 -27.39
CA LEU H 92 19.92 11.18 -28.03
C LEU H 92 20.98 10.95 -29.09
N THR H 93 22.03 10.20 -28.74
CA THR H 93 23.13 9.97 -29.67
C THR H 93 22.69 9.11 -30.84
N ALA H 94 21.79 8.16 -30.60
CA ALA H 94 21.27 7.35 -31.71
C ALA H 94 20.53 8.23 -32.72
N ILE H 95 19.66 9.11 -32.23
CA ILE H 95 18.94 10.01 -33.12
C ILE H 95 19.90 10.94 -33.85
N TYR H 96 20.89 11.48 -33.12
CA TYR H 96 21.85 12.38 -33.74
C TYR H 96 22.63 11.70 -34.85
N ASP H 97 23.08 10.46 -34.59
CA ASP H 97 23.89 9.75 -35.57
C ASP H 97 23.05 9.37 -36.78
N THR H 98 21.78 9.02 -36.56
CA THR H 98 20.90 8.76 -37.69
C THR H 98 20.70 10.01 -38.54
N MET H 99 20.53 11.17 -37.89
CA MET H 99 20.36 12.41 -38.63
C MET H 99 21.61 12.75 -39.44
N GLN H 100 22.79 12.55 -38.85
CA GLN H 100 24.03 12.83 -39.58
C GLN H 100 24.33 11.79 -40.65
N TYR H 101 23.78 10.59 -40.55
CA TYR H 101 24.01 9.53 -41.51
C TYR H 101 23.04 9.56 -42.68
N VAL H 102 21.79 9.97 -42.43
CA VAL H 102 20.77 10.02 -43.47
C VAL H 102 21.09 11.14 -44.46
N LYS H 103 20.93 10.84 -45.76
CA LYS H 103 21.46 11.73 -46.79
C LYS H 103 20.76 13.09 -46.88
N PRO H 104 19.44 13.19 -47.06
CA PRO H 104 18.85 14.51 -47.28
C PRO H 104 18.81 15.34 -46.01
N ASP H 105 18.61 16.63 -46.20
CA ASP H 105 18.68 17.60 -45.12
C ASP H 105 17.55 17.37 -44.11
N VAL H 106 17.84 17.74 -42.86
CA VAL H 106 16.89 17.62 -41.76
C VAL H 106 16.63 19.01 -41.21
N GLN H 107 15.36 19.41 -41.19
CA GLN H 107 14.95 20.71 -40.68
C GLN H 107 14.50 20.57 -39.24
N THR H 108 15.04 21.41 -38.36
CA THR H 108 14.68 21.41 -36.95
C THR H 108 14.12 22.78 -36.58
N VAL H 109 12.94 22.79 -35.96
CA VAL H 109 12.35 24.01 -35.43
C VAL H 109 12.10 23.83 -33.95
N CYS H 110 12.40 24.86 -33.17
CA CYS H 110 12.13 24.84 -31.74
C CYS H 110 10.64 24.92 -31.50
N MET H 111 10.20 24.31 -30.39
CA MET H 111 8.77 24.07 -30.19
C MET H 111 8.47 24.24 -28.71
N GLY H 112 8.08 25.46 -28.32
CA GLY H 112 7.75 25.69 -26.93
C GLY H 112 8.97 25.73 -26.03
N GLN H 113 9.66 24.60 -25.90
CA GLN H 113 10.89 24.53 -25.14
C GLN H 113 11.79 23.45 -25.73
N ALA H 114 13.09 23.61 -25.53
CA ALA H 114 14.08 22.63 -25.98
C ALA H 114 15.16 22.56 -24.91
N ALA H 115 15.05 21.58 -24.02
CA ALA H 115 15.95 21.44 -22.89
C ALA H 115 17.22 20.73 -23.32
N ALA H 116 18.01 20.28 -22.34
CA ALA H 116 19.37 19.80 -22.57
C ALA H 116 19.46 18.83 -23.74
N ALA H 117 18.79 17.68 -23.65
CA ALA H 117 18.85 16.71 -24.73
C ALA H 117 18.19 17.25 -25.99
N ALA H 118 17.11 18.02 -25.83
CA ALA H 118 16.44 18.59 -26.99
C ALA H 118 17.31 19.66 -27.65
N ALA H 119 18.13 20.37 -26.88
CA ALA H 119 18.99 21.40 -27.45
C ALA H 119 20.03 20.81 -28.38
N VAL H 120 20.60 19.65 -28.02
CA VAL H 120 21.61 19.03 -28.87
C VAL H 120 21.00 18.62 -30.20
N LEU H 121 19.80 18.04 -30.17
CA LEU H 121 19.15 17.64 -31.41
C LEU H 121 18.72 18.85 -32.22
N LEU H 122 18.26 19.91 -31.55
CA LEU H 122 17.88 21.13 -32.27
C LEU H 122 19.06 21.75 -33.00
N ALA H 123 20.22 21.77 -32.35
CA ALA H 123 21.43 22.32 -32.95
C ALA H 123 22.11 21.36 -33.91
N ALA H 124 21.61 20.13 -34.02
CA ALA H 124 22.22 19.12 -34.87
C ALA H 124 21.70 19.15 -36.30
N GLY H 125 20.75 20.04 -36.63
CA GLY H 125 20.27 20.14 -37.98
C GLY H 125 21.32 20.66 -38.93
N THR H 126 21.01 20.58 -40.21
CA THR H 126 21.97 21.00 -41.23
C THR H 126 22.22 22.50 -41.10
N PRO H 127 23.45 22.95 -41.35
CA PRO H 127 23.75 24.39 -41.22
C PRO H 127 22.88 25.24 -42.14
N GLY H 128 22.45 26.38 -41.61
CA GLY H 128 21.57 27.26 -42.34
C GLY H 128 20.12 26.82 -42.37
N LYS H 129 19.76 25.79 -41.63
CA LYS H 129 18.40 25.26 -41.66
C LYS H 129 17.90 24.89 -40.27
N ARG H 130 18.33 25.62 -39.25
CA ARG H 130 17.86 25.44 -37.89
C ARG H 130 17.09 26.69 -37.48
N MET H 131 15.83 26.52 -37.07
CA MET H 131 14.94 27.63 -36.82
C MET H 131 14.28 27.49 -35.46
N ALA H 132 13.65 28.58 -35.02
CA ALA H 132 12.92 28.60 -33.76
C ALA H 132 11.77 29.59 -33.87
N LEU H 133 10.71 29.32 -33.13
CA LEU H 133 9.58 30.23 -33.05
C LEU H 133 9.85 31.33 -32.03
N PRO H 134 9.17 32.47 -32.15
CA PRO H 134 9.54 33.64 -31.33
C PRO H 134 9.47 33.41 -29.83
N ASN H 135 8.61 32.52 -29.34
CA ASN H 135 8.37 32.40 -27.91
C ASN H 135 8.83 31.06 -27.35
N ALA H 136 9.57 30.28 -28.15
CA ALA H 136 10.17 29.05 -27.66
C ALA H 136 11.47 29.38 -26.94
N ARG H 137 11.84 28.55 -25.97
CA ARG H 137 13.03 28.80 -25.18
C ARG H 137 13.96 27.60 -25.20
N VAL H 138 15.26 27.86 -25.05
CA VAL H 138 16.30 26.86 -25.17
C VAL H 138 17.08 26.81 -23.87
N LEU H 139 17.41 25.60 -23.42
CA LEU H 139 18.17 25.38 -22.19
C LEU H 139 19.36 24.48 -22.50
N ILE H 140 20.52 24.81 -21.95
CA ILE H 140 21.71 23.96 -22.05
C ILE H 140 22.25 23.73 -20.65
N HIS H 141 22.65 22.49 -20.37
CA HIS H 141 23.31 22.18 -19.11
C HIS H 141 24.01 20.83 -19.21
N GLN H 142 24.89 20.58 -18.24
CA GLN H 142 25.73 19.41 -18.25
C GLN H 142 24.93 18.14 -17.92
N PRO H 143 25.43 16.97 -18.30
CA PRO H 143 24.69 15.74 -18.05
C PRO H 143 24.55 15.42 -16.57
N TYR H 144 23.46 14.71 -16.25
CA TYR H 144 23.17 14.20 -14.92
C TYR H 144 23.09 12.69 -14.98
N SER H 145 23.51 12.02 -13.91
CA SER H 145 23.41 10.57 -13.83
C SER H 145 23.29 10.13 -12.39
N GLU H 146 22.96 8.86 -12.22
CA GLU H 146 22.81 8.23 -10.92
C GLU H 146 23.69 6.99 -10.91
N THR H 147 24.97 7.17 -10.55
CA THR H 147 25.89 6.04 -10.51
C THR H 147 25.44 5.05 -9.45
N GLY H 148 25.01 3.87 -9.89
CA GLY H 148 24.43 2.92 -8.99
C GLY H 148 25.41 2.39 -7.96
N ARG H 149 24.87 1.81 -6.90
CA ARG H 149 25.70 1.23 -5.87
C ARG H 149 26.55 0.11 -6.44
N GLY H 150 27.81 0.08 -6.03
CA GLY H 150 28.72 -0.95 -6.50
C GLY H 150 30.06 -0.79 -5.83
N GLN H 151 30.96 -1.68 -6.17
CA GLN H 151 32.31 -1.62 -5.61
C GLN H 151 33.02 -0.37 -6.11
N VAL H 152 34.16 -0.07 -5.48
CA VAL H 152 34.91 1.13 -5.82
C VAL H 152 35.40 1.07 -7.26
N SER H 153 35.79 -0.11 -7.72
CA SER H 153 36.29 -0.25 -9.10
C SER H 153 35.20 0.08 -10.12
N ASP H 154 33.98 -0.43 -9.90
CA ASP H 154 32.88 -0.14 -10.81
C ASP H 154 32.55 1.35 -10.80
N LEU H 155 32.57 1.97 -9.62
CA LEU H 155 32.29 3.40 -9.55
C LEU H 155 33.36 4.20 -10.29
N GLU H 156 34.62 3.78 -10.18
CA GLU H 156 35.69 4.45 -10.91
C GLU H 156 35.48 4.34 -12.41
N ILE H 157 35.14 3.14 -12.89
CA ILE H 157 34.93 2.96 -14.33
C ILE H 157 33.76 3.79 -14.82
N ALA H 158 32.64 3.76 -14.09
CA ALA H 158 31.46 4.53 -14.49
C ALA H 158 31.73 6.03 -14.48
N ALA H 159 32.46 6.52 -13.47
CA ALA H 159 32.78 7.93 -13.41
C ALA H 159 33.69 8.35 -14.56
N ASN H 160 34.67 7.50 -14.91
CA ASN H 160 35.52 7.80 -16.04
C ASN H 160 34.71 7.89 -17.33
N GLU H 161 33.77 6.96 -17.53
CA GLU H 161 32.94 7.03 -18.73
C GLU H 161 32.02 8.25 -18.71
N ILE H 162 31.57 8.65 -17.52
CA ILE H 162 30.74 9.84 -17.40
C ILE H 162 31.52 11.08 -17.83
N LEU H 163 32.76 11.19 -17.36
CA LEU H 163 33.59 12.34 -17.76
C LEU H 163 33.85 12.32 -19.27
N ARG H 164 34.10 11.14 -19.83
CA ARG H 164 34.29 11.04 -21.27
C ARG H 164 33.04 11.47 -22.03
N MET H 165 31.87 11.05 -21.55
CA MET H 165 30.62 11.44 -22.20
C MET H 165 30.41 12.95 -22.13
N ARG H 166 30.71 13.55 -20.97
CA ARG H 166 30.60 15.00 -20.85
C ARG H 166 31.51 15.72 -21.84
N SER H 167 32.76 15.29 -21.93
CA SER H 167 33.70 15.93 -22.85
C SER H 167 33.25 15.77 -24.30
N GLN H 168 32.79 14.58 -24.66
CA GLN H 168 32.35 14.34 -26.04
C GLN H 168 31.12 15.17 -26.37
N LEU H 169 30.16 15.26 -25.45
CA LEU H 169 28.98 16.08 -25.70
C LEU H 169 29.35 17.54 -25.86
N GLU H 170 30.25 18.05 -25.02
CA GLU H 170 30.66 19.43 -25.14
C GLU H 170 31.37 19.67 -26.47
N ASP H 171 32.22 18.74 -26.90
CA ASP H 171 32.91 18.89 -28.18
C ASP H 171 31.92 18.88 -29.34
N MET H 172 30.94 17.96 -29.30
CA MET H 172 29.92 17.91 -30.34
C MET H 172 29.14 19.22 -30.41
N LEU H 173 28.77 19.76 -29.26
CA LEU H 173 28.03 21.02 -29.26
C LEU H 173 28.90 22.17 -29.76
N ALA H 174 30.19 22.15 -29.42
CA ALA H 174 31.09 23.21 -29.87
C ALA H 174 31.30 23.18 -31.38
N LYS H 175 31.30 21.99 -31.98
CA LYS H 175 31.48 21.93 -33.43
C LYS H 175 30.28 22.52 -34.16
N HIS H 176 29.08 22.37 -33.59
CA HIS H 176 27.85 22.84 -34.21
C HIS H 176 27.56 24.31 -33.92
N SER H 177 28.45 24.97 -33.18
CA SER H 177 28.27 26.38 -32.85
C SER H 177 29.58 27.10 -33.13
N THR H 178 29.49 28.43 -33.24
CA THR H 178 30.68 29.24 -33.48
C THR H 178 31.55 29.38 -32.24
N THR H 179 31.00 29.16 -31.05
CA THR H 179 31.73 29.35 -29.80
C THR H 179 32.73 28.22 -29.58
N PRO H 180 33.88 28.53 -28.97
CA PRO H 180 34.93 27.52 -28.80
C PRO H 180 34.64 26.57 -27.66
N VAL H 181 35.64 25.72 -27.39
CA VAL H 181 35.58 24.73 -26.33
C VAL H 181 35.45 25.37 -24.95
N GLU H 182 36.28 26.37 -24.64
CA GLU H 182 36.30 26.92 -23.29
C GLU H 182 34.98 27.58 -22.92
N LYS H 183 34.40 28.35 -23.85
CA LYS H 183 33.15 29.03 -23.57
C LYS H 183 32.03 28.04 -23.32
N ILE H 184 31.94 26.99 -24.13
CA ILE H 184 30.89 26.01 -23.95
C ILE H 184 31.08 25.28 -22.62
N ARG H 185 32.31 24.88 -22.30
CA ARG H 185 32.56 24.23 -21.02
C ARG H 185 32.17 25.14 -19.86
N GLU H 186 32.42 26.43 -19.97
CA GLU H 186 32.05 27.37 -18.92
C GLU H 186 30.54 27.49 -18.78
N ASP H 187 29.82 27.49 -19.91
CA ASP H 187 28.41 27.86 -19.87
C ASP H 187 27.49 26.73 -19.41
N ILE H 188 27.88 25.47 -19.57
CA ILE H 188 27.00 24.38 -19.17
C ILE H 188 27.29 23.97 -17.74
N GLU H 189 28.13 24.77 -17.06
CA GLU H 189 28.45 24.48 -15.66
C GLU H 189 27.18 24.52 -14.81
N ARG H 190 26.34 25.51 -15.03
CA ARG H 190 25.00 25.59 -14.46
C ARG H 190 23.99 25.72 -15.59
N ASP H 191 22.72 25.87 -15.22
CA ASP H 191 21.67 26.07 -16.20
C ASP H 191 21.78 27.46 -16.82
N LYS H 192 21.72 27.53 -18.15
CA LYS H 192 21.66 28.80 -18.86
C LYS H 192 20.50 28.75 -19.84
N ILE H 193 19.53 29.64 -19.66
CA ILE H 193 18.32 29.66 -20.47
C ILE H 193 18.43 30.82 -21.45
N LEU H 194 18.23 30.52 -22.73
CA LEU H 194 18.33 31.50 -23.80
C LEU H 194 16.99 31.63 -24.52
N THR H 195 16.66 32.85 -24.94
CA THR H 195 15.48 33.09 -25.75
C THR H 195 15.82 32.94 -27.22
N ALA H 196 14.87 33.27 -28.11
CA ALA H 196 15.07 33.04 -29.53
C ALA H 196 16.20 33.90 -30.08
N GLU H 197 16.15 35.21 -29.83
CA GLU H 197 17.21 36.09 -30.31
C GLU H 197 18.54 35.78 -29.64
N ASP H 198 18.53 35.47 -28.34
CA ASP H 198 19.76 35.07 -27.66
C ASP H 198 20.33 33.79 -28.25
N ALA H 199 19.46 32.82 -28.56
CA ALA H 199 19.93 31.58 -29.16
C ALA H 199 20.53 31.84 -30.54
N LEU H 200 19.91 32.72 -31.33
CA LEU H 200 20.46 33.05 -32.63
C LEU H 200 21.83 33.70 -32.50
N SER H 201 21.97 34.63 -31.54
CA SER H 201 23.25 35.29 -31.35
C SER H 201 24.33 34.32 -30.89
N TYR H 202 23.99 33.43 -29.96
CA TYR H 202 24.98 32.49 -29.44
C TYR H 202 25.42 31.49 -30.51
N GLY H 203 24.47 30.97 -31.28
CA GLY H 203 24.80 30.03 -32.34
C GLY H 203 24.00 28.75 -32.29
N LEU H 204 23.06 28.66 -31.34
CA LEU H 204 22.24 27.46 -31.24
C LEU H 204 21.38 27.27 -32.49
N ILE H 205 20.82 28.35 -33.02
CA ILE H 205 19.94 28.28 -34.18
C ILE H 205 20.46 29.22 -35.26
N ASP H 206 19.82 29.22 -36.43
CA ASP H 206 20.23 30.07 -37.54
C ASP H 206 19.28 31.23 -37.81
N GLN H 207 18.00 31.11 -37.48
CA GLN H 207 17.05 32.18 -37.75
C GLN H 207 15.80 31.95 -36.91
N VAL H 208 15.05 33.03 -36.70
CA VAL H 208 13.78 32.99 -35.98
C VAL H 208 12.66 33.27 -36.99
N ILE H 209 11.73 32.33 -37.13
CA ILE H 209 10.63 32.44 -38.07
C ILE H 209 9.39 32.90 -37.32
N SER H 210 8.82 34.02 -37.76
CA SER H 210 7.58 34.54 -37.19
C SER H 210 6.36 34.17 -38.00
N THR H 211 6.52 33.97 -39.31
CA THR H 211 5.43 33.57 -40.17
C THR H 211 5.99 32.77 -41.34
N ARG H 212 5.11 32.07 -42.04
CA ARG H 212 5.51 31.26 -43.19
C ARG H 212 5.96 32.14 -44.35
N ASP I 37 -15.54 8.23 -34.71
CA ASP I 37 -16.01 9.18 -33.71
C ASP I 37 -16.30 10.54 -34.35
N PRO I 38 -17.11 11.37 -33.69
CA PRO I 38 -17.42 12.68 -34.26
C PRO I 38 -16.22 13.61 -34.36
N TYR I 39 -15.10 13.31 -33.69
CA TYR I 39 -13.95 14.19 -33.75
C TYR I 39 -13.40 14.28 -35.17
N ALA I 40 -13.29 13.15 -35.86
CA ALA I 40 -12.83 13.17 -37.25
C ALA I 40 -13.82 13.91 -38.15
N LYS I 41 -15.12 13.67 -37.95
CA LYS I 41 -16.12 14.36 -38.76
C LYS I 41 -16.03 15.87 -38.57
N LEU I 42 -15.81 16.33 -37.35
CA LEU I 42 -15.61 17.75 -37.10
C LEU I 42 -14.29 18.23 -37.67
N PHE I 43 -13.29 17.35 -37.75
CA PHE I 43 -12.05 17.68 -38.45
C PHE I 43 -12.32 18.00 -39.92
N GLU I 44 -13.16 17.21 -40.59
CA GLU I 44 -13.56 17.56 -41.95
C GLU I 44 -14.29 18.90 -42.01
N GLU I 45 -14.86 19.36 -40.90
CA GLU I 45 -15.55 20.64 -40.85
C GLU I 45 -14.64 21.78 -40.37
N ARG I 46 -13.35 21.52 -40.19
CA ARG I 46 -12.38 22.52 -39.74
C ARG I 46 -12.72 23.04 -38.34
N VAL I 47 -12.99 22.10 -37.44
CA VAL I 47 -13.32 22.41 -36.05
C VAL I 47 -12.33 21.69 -35.15
N ILE I 48 -11.68 22.43 -34.25
CA ILE I 48 -10.64 21.91 -33.38
C ILE I 48 -11.11 22.06 -31.94
N PHE I 49 -10.81 21.06 -31.12
CA PHE I 49 -11.26 21.03 -29.73
C PHE I 49 -10.09 21.11 -28.77
N LEU I 50 -10.27 21.88 -27.70
CA LEU I 50 -9.34 21.92 -26.57
C LEU I 50 -10.19 21.81 -25.31
N GLY I 51 -10.47 20.58 -24.89
CA GLY I 51 -11.39 20.35 -23.80
C GLY I 51 -10.78 19.63 -22.61
N VAL I 52 -9.46 19.68 -22.49
CA VAL I 52 -8.75 19.07 -21.38
C VAL I 52 -7.71 20.05 -20.87
N GLN I 53 -6.98 19.61 -19.85
CA GLN I 53 -5.88 20.42 -19.33
C GLN I 53 -4.77 20.52 -20.36
N ILE I 54 -4.12 21.68 -20.41
CA ILE I 54 -3.04 21.89 -21.36
C ILE I 54 -1.83 21.07 -20.94
N ASP I 55 -1.29 20.28 -21.87
CA ASP I 55 -0.17 19.42 -21.58
C ASP I 55 0.59 19.18 -22.88
N ASP I 56 1.71 18.47 -22.77
CA ASP I 56 2.56 18.24 -23.94
C ASP I 56 1.83 17.46 -25.02
N ALA I 57 1.12 16.39 -24.63
CA ALA I 57 0.43 15.57 -25.61
C ALA I 57 -0.70 16.34 -26.29
N SER I 58 -1.50 17.06 -25.51
CA SER I 58 -2.60 17.82 -26.10
C SER I 58 -2.08 18.93 -26.99
N ALA I 59 -0.99 19.59 -26.60
CA ALA I 59 -0.41 20.63 -27.43
C ALA I 59 0.13 20.07 -28.73
N ASN I 60 0.79 18.92 -28.67
CA ASN I 60 1.28 18.29 -29.89
C ASN I 60 0.13 17.91 -30.81
N ASP I 61 -0.95 17.38 -30.25
CA ASP I 61 -2.12 17.01 -31.06
C ASP I 61 -2.74 18.24 -31.72
N VAL I 62 -2.90 19.31 -30.95
CA VAL I 62 -3.49 20.53 -31.50
C VAL I 62 -2.62 21.12 -32.58
N MET I 63 -1.31 21.11 -32.38
CA MET I 63 -0.40 21.60 -33.40
C MET I 63 -0.45 20.76 -34.67
N ALA I 64 -0.51 19.44 -34.52
CA ALA I 64 -0.65 18.58 -35.69
C ALA I 64 -1.91 18.91 -36.45
N GLN I 65 -3.02 19.12 -35.73
CA GLN I 65 -4.27 19.47 -36.39
C GLN I 65 -4.17 20.80 -37.11
N LEU I 66 -3.52 21.78 -36.49
CA LEU I 66 -3.39 23.10 -37.11
C LEU I 66 -2.53 23.04 -38.37
N LEU I 67 -1.41 22.31 -38.31
CA LEU I 67 -0.57 22.19 -39.50
C LEU I 67 -1.28 21.43 -40.61
N CYS I 68 -2.03 20.38 -40.26
CA CYS I 68 -2.81 19.65 -41.26
C CYS I 68 -3.84 20.55 -41.91
N LEU I 69 -4.50 21.40 -41.12
CA LEU I 69 -5.48 22.31 -41.69
C LEU I 69 -4.82 23.39 -42.53
N GLU I 70 -3.57 23.76 -42.21
CA GLU I 70 -2.79 24.59 -43.12
C GLU I 70 -2.54 23.88 -44.44
N SER I 71 -2.26 22.58 -44.39
CA SER I 71 -2.01 21.83 -45.61
C SER I 71 -3.19 21.89 -46.57
N MET I 72 -4.39 22.14 -46.05
CA MET I 72 -5.56 22.36 -46.88
C MET I 72 -5.55 23.79 -47.41
N ASP I 73 -6.68 24.24 -47.92
CA ASP I 73 -6.80 25.53 -48.59
C ASP I 73 -6.48 26.60 -47.55
N PRO I 74 -5.52 27.48 -47.83
CA PRO I 74 -5.14 28.51 -46.87
C PRO I 74 -6.06 29.72 -46.82
N ASP I 75 -7.23 29.68 -47.44
CA ASP I 75 -8.18 30.79 -47.41
C ASP I 75 -9.44 30.43 -46.63
N ARG I 76 -9.38 29.45 -45.75
CA ARG I 76 -10.51 29.05 -44.93
C ARG I 76 -10.14 29.16 -43.46
N ASP I 77 -11.07 29.67 -42.65
CA ASP I 77 -10.81 29.88 -41.24
C ASP I 77 -10.85 28.56 -40.46
N ILE I 78 -10.32 28.60 -39.25
CA ILE I 78 -10.28 27.45 -38.35
C ILE I 78 -11.00 27.83 -37.07
N SER I 79 -11.91 26.96 -36.62
CA SER I 79 -12.70 27.19 -35.42
C SER I 79 -12.17 26.34 -34.28
N VAL I 80 -11.79 26.98 -33.18
CA VAL I 80 -11.24 26.30 -32.00
C VAL I 80 -12.15 26.58 -30.82
N TYR I 81 -12.63 25.51 -30.18
CA TYR I 81 -13.49 25.61 -29.02
C TYR I 81 -12.66 25.29 -27.77
N ILE I 82 -12.75 26.16 -26.76
CA ILE I 82 -11.90 26.08 -25.59
C ILE I 82 -12.77 25.86 -24.37
N ASN I 83 -12.58 24.73 -23.70
CA ASN I 83 -13.16 24.45 -22.38
C ASN I 83 -12.05 23.81 -21.55
N SER I 84 -11.23 24.63 -20.90
CA SER I 84 -10.04 24.13 -20.24
C SER I 84 -9.78 24.94 -18.97
N PRO I 85 -9.20 24.32 -17.94
CA PRO I 85 -8.81 25.05 -16.74
C PRO I 85 -7.37 25.55 -16.72
N GLY I 86 -6.63 25.37 -17.80
CA GLY I 86 -5.24 25.75 -17.86
C GLY I 86 -4.32 24.55 -18.00
N GLY I 87 -3.04 24.80 -17.77
CA GLY I 87 -2.06 23.73 -17.85
C GLY I 87 -0.66 24.27 -17.87
N SER I 88 0.24 23.47 -18.43
CA SER I 88 1.66 23.82 -18.46
C SER I 88 1.90 25.03 -19.36
N PHE I 89 2.92 25.81 -19.01
CA PHE I 89 3.26 27.00 -19.77
C PHE I 89 3.78 26.68 -21.17
N THR I 90 4.75 25.77 -21.27
CA THR I 90 5.46 25.60 -22.54
C THR I 90 4.52 25.09 -23.63
N ALA I 91 3.62 24.17 -23.29
CA ALA I 91 2.62 23.71 -24.26
C ALA I 91 1.71 24.86 -24.69
N LEU I 92 1.30 25.69 -23.72
CA LEU I 92 0.52 26.88 -24.03
C LEU I 92 1.22 27.77 -25.04
N THR I 93 2.51 28.04 -24.80
CA THR I 93 3.26 28.92 -25.70
C THR I 93 3.46 28.27 -27.07
N ALA I 94 3.61 26.95 -27.11
CA ALA I 94 3.71 26.25 -28.39
C ALA I 94 2.44 26.43 -29.20
N ILE I 95 1.28 26.25 -28.56
CA ILE I 95 0.01 26.43 -29.28
C ILE I 95 -0.16 27.88 -29.72
N TYR I 96 0.21 28.83 -28.86
CA TYR I 96 0.09 30.24 -29.21
C TYR I 96 0.96 30.58 -30.42
N ASP I 97 2.20 30.10 -30.42
CA ASP I 97 3.10 30.38 -31.53
C ASP I 97 2.61 29.72 -32.82
N THR I 98 2.01 28.54 -32.71
CA THR I 98 1.41 27.94 -33.89
C THR I 98 0.27 28.80 -34.43
N MET I 99 -0.62 29.26 -33.56
CA MET I 99 -1.75 30.07 -34.02
C MET I 99 -1.26 31.37 -34.65
N GLN I 100 -0.22 31.98 -34.09
CA GLN I 100 0.32 33.20 -34.68
C GLN I 100 1.10 32.93 -35.96
N TYR I 101 1.63 31.72 -36.13
CA TYR I 101 2.40 31.36 -37.31
C TYR I 101 1.51 30.82 -38.43
N VAL I 102 0.39 30.19 -38.06
CA VAL I 102 -0.53 29.65 -39.04
C VAL I 102 -1.18 30.80 -39.82
N LYS I 103 -1.19 30.67 -41.15
CA LYS I 103 -1.62 31.78 -42.00
C LYS I 103 -3.12 32.07 -41.95
N PRO I 104 -4.02 31.10 -42.13
CA PRO I 104 -5.45 31.42 -42.08
C PRO I 104 -5.90 31.79 -40.67
N ASP I 105 -7.00 32.52 -40.60
CA ASP I 105 -7.51 33.02 -39.34
C ASP I 105 -7.95 31.87 -38.43
N VAL I 106 -7.73 32.05 -37.14
CA VAL I 106 -8.11 31.07 -36.13
C VAL I 106 -9.16 31.73 -35.24
N GLN I 107 -10.42 31.36 -35.45
CA GLN I 107 -11.51 31.90 -34.65
C GLN I 107 -11.69 31.05 -33.39
N THR I 108 -11.71 31.71 -32.23
CA THR I 108 -11.80 31.02 -30.95
C THR I 108 -13.14 31.31 -30.30
N VAL I 109 -13.74 30.27 -29.73
CA VAL I 109 -15.03 30.36 -29.07
C VAL I 109 -14.89 29.80 -27.67
N CYS I 110 -15.07 30.65 -26.65
CA CYS I 110 -15.07 30.18 -25.27
C CYS I 110 -16.39 29.48 -24.97
N MET I 111 -16.30 28.30 -24.36
CA MET I 111 -17.50 27.52 -24.06
C MET I 111 -17.23 26.75 -22.78
N GLY I 112 -18.16 26.86 -21.83
CA GLY I 112 -17.98 26.21 -20.54
C GLY I 112 -17.14 27.03 -19.59
N GLN I 113 -15.83 27.02 -19.77
CA GLN I 113 -14.95 27.85 -18.96
C GLN I 113 -13.61 27.98 -19.67
N ALA I 114 -12.91 29.08 -19.38
CA ALA I 114 -11.58 29.33 -19.93
C ALA I 114 -10.78 30.04 -18.85
N ALA I 115 -9.87 29.32 -18.20
CA ALA I 115 -9.14 29.83 -17.06
C ALA I 115 -7.64 29.71 -17.30
N ALA I 116 -6.91 30.70 -16.77
CA ALA I 116 -5.45 30.72 -16.79
C ALA I 116 -4.89 30.59 -18.20
N ALA I 117 -4.31 29.43 -18.51
CA ALA I 117 -3.76 29.22 -19.85
C ALA I 117 -4.85 29.25 -20.92
N ALA I 118 -6.03 28.71 -20.61
CA ALA I 118 -7.12 28.74 -21.58
C ALA I 118 -7.55 30.17 -21.91
N ALA I 119 -7.44 31.09 -20.95
CA ALA I 119 -7.76 32.48 -21.23
C ALA I 119 -6.75 33.09 -22.20
N VAL I 120 -5.48 32.71 -22.08
CA VAL I 120 -4.45 33.26 -22.97
C VAL I 120 -4.71 32.83 -24.41
N LEU I 121 -5.05 31.56 -24.61
CA LEU I 121 -5.32 31.07 -25.96
C LEU I 121 -6.60 31.68 -26.51
N LEU I 122 -7.62 31.83 -25.66
CA LEU I 122 -8.90 32.37 -26.11
C LEU I 122 -8.73 33.81 -26.60
N ALA I 123 -7.92 34.60 -25.89
CA ALA I 123 -7.68 35.98 -26.28
C ALA I 123 -6.64 36.11 -27.38
N ALA I 124 -6.02 35.00 -27.80
CA ALA I 124 -4.96 35.04 -28.79
C ALA I 124 -5.46 34.85 -30.22
N GLY I 125 -6.77 34.71 -30.42
CA GLY I 125 -7.30 34.58 -31.75
C GLY I 125 -7.16 35.87 -32.54
N THR I 126 -7.47 35.78 -33.83
CA THR I 126 -7.35 36.94 -34.70
C THR I 126 -8.35 38.02 -34.26
N PRO I 127 -7.97 39.29 -34.34
CA PRO I 127 -8.86 40.36 -33.88
C PRO I 127 -10.18 40.35 -34.64
N GLY I 128 -11.27 40.59 -33.91
CA GLY I 128 -12.59 40.56 -34.47
C GLY I 128 -13.21 39.17 -34.57
N LYS I 129 -12.50 38.14 -34.15
CA LYS I 129 -12.98 36.76 -34.28
C LYS I 129 -12.75 35.99 -32.98
N ARG I 130 -12.96 36.64 -31.84
CA ARG I 130 -12.93 35.98 -30.54
C ARG I 130 -14.31 36.11 -29.90
N MET I 131 -14.93 34.98 -29.61
CA MET I 131 -16.30 34.94 -29.12
C MET I 131 -16.39 34.09 -27.86
N ALA I 132 -17.51 34.23 -27.16
CA ALA I 132 -17.78 33.44 -25.96
C ALA I 132 -19.28 33.22 -25.84
N LEU I 133 -19.65 32.05 -25.33
CA LEU I 133 -21.05 31.73 -25.12
C LEU I 133 -21.59 32.50 -23.91
N PRO I 134 -22.91 32.75 -23.86
CA PRO I 134 -23.43 33.67 -22.83
C PRO I 134 -23.14 33.26 -21.40
N ASN I 135 -23.10 31.96 -21.09
CA ASN I 135 -22.96 31.50 -19.72
C ASN I 135 -21.55 31.02 -19.41
N ALA I 136 -20.58 31.27 -20.28
CA ALA I 136 -19.21 30.88 -20.00
C ALA I 136 -18.55 31.89 -19.07
N ARG I 137 -17.54 31.42 -18.33
CA ARG I 137 -16.81 32.26 -17.39
C ARG I 137 -15.32 32.21 -17.70
N VAL I 138 -14.65 33.34 -17.49
CA VAL I 138 -13.25 33.51 -17.84
C VAL I 138 -12.49 33.91 -16.58
N LEU I 139 -11.31 33.34 -16.38
CA LEU I 139 -10.46 33.61 -15.24
C LEU I 139 -9.04 33.90 -15.69
N ILE I 140 -8.41 34.89 -15.06
CA ILE I 140 -7.02 35.25 -15.33
C ILE I 140 -6.27 35.31 -14.01
N HIS I 141 -5.05 34.76 -13.99
CA HIS I 141 -4.22 34.83 -12.80
C HIS I 141 -2.77 34.57 -13.18
N GLN I 142 -1.88 34.89 -12.24
CA GLN I 142 -0.44 34.84 -12.48
C GLN I 142 0.05 33.40 -12.56
N PRO I 143 1.22 33.19 -13.16
CA PRO I 143 1.76 31.82 -13.26
C PRO I 143 2.07 31.22 -11.89
N TYR I 144 1.95 29.91 -11.82
CA TYR I 144 2.24 29.12 -10.64
C TYR I 144 3.30 28.08 -10.97
N SER I 145 4.20 27.83 -10.03
CA SER I 145 5.18 26.77 -10.21
C SER I 145 5.66 26.32 -8.85
N GLU I 146 6.53 25.30 -8.86
CA GLU I 146 7.13 24.73 -7.66
C GLU I 146 8.60 24.46 -7.98
N THR I 147 9.47 25.43 -7.70
CA THR I 147 10.88 25.25 -7.96
C THR I 147 11.44 24.16 -7.05
N GLY I 148 11.73 23.01 -7.63
CA GLY I 148 12.13 21.84 -6.88
C GLY I 148 13.40 22.07 -6.08
N ARG I 149 13.71 21.08 -5.25
CA ARG I 149 14.88 21.17 -4.39
C ARG I 149 16.14 21.28 -5.22
N GLY I 150 17.03 22.17 -4.79
CA GLY I 150 18.28 22.37 -5.48
C GLY I 150 19.13 23.36 -4.72
N GLN I 151 20.34 23.58 -5.21
CA GLN I 151 21.24 24.51 -4.58
C GLN I 151 20.71 25.94 -4.73
N VAL I 152 21.33 26.85 -3.99
CA VAL I 152 20.88 28.25 -4.01
C VAL I 152 21.04 28.85 -5.39
N SER I 153 22.14 28.50 -6.09
CA SER I 153 22.36 29.02 -7.44
C SER I 153 21.27 28.57 -8.40
N ASP I 154 20.89 27.29 -8.32
CA ASP I 154 19.84 26.77 -9.20
C ASP I 154 18.51 27.47 -8.93
N LEU I 155 18.18 27.69 -7.65
CA LEU I 155 16.93 28.36 -7.33
C LEU I 155 16.96 29.81 -7.77
N GLU I 156 18.12 30.47 -7.68
CA GLU I 156 18.23 31.82 -8.20
C GLU I 156 17.96 31.88 -9.70
N ILE I 157 18.57 30.95 -10.44
CA ILE I 157 18.36 30.93 -11.89
C ILE I 157 16.90 30.65 -12.23
N ALA I 158 16.29 29.69 -11.54
CA ALA I 158 14.89 29.36 -11.80
C ALA I 158 13.96 30.52 -11.43
N ALA I 159 14.26 31.22 -10.33
CA ALA I 159 13.42 32.35 -9.94
C ALA I 159 13.50 33.48 -10.96
N ASN I 160 14.70 33.77 -11.47
CA ASN I 160 14.81 34.77 -12.53
C ASN I 160 14.04 34.33 -13.77
N GLU I 161 14.12 33.03 -14.10
CA GLU I 161 13.33 32.48 -15.19
C GLU I 161 11.83 32.72 -14.98
N ILE I 162 11.35 32.49 -13.76
CA ILE I 162 9.94 32.65 -13.47
C ILE I 162 9.51 34.11 -13.62
N LEU I 163 10.33 35.03 -13.10
CA LEU I 163 9.99 36.45 -13.22
C LEU I 163 9.94 36.88 -14.68
N ARG I 164 10.91 36.42 -15.48
CA ARG I 164 10.89 36.74 -16.91
C ARG I 164 9.67 36.17 -17.59
N MET I 165 9.29 34.94 -17.25
CA MET I 165 8.10 34.31 -17.82
C MET I 165 6.85 35.11 -17.49
N ARG I 166 6.72 35.54 -16.24
CA ARG I 166 5.56 36.31 -15.81
C ARG I 166 5.48 37.64 -16.54
N SER I 167 6.62 38.32 -16.70
CA SER I 167 6.65 39.56 -17.45
C SER I 167 6.26 39.34 -18.91
N GLN I 168 6.77 38.28 -19.53
CA GLN I 168 6.47 38.02 -20.94
C GLN I 168 4.98 37.75 -21.14
N LEU I 169 4.38 36.94 -20.26
CA LEU I 169 2.94 36.70 -20.36
C LEU I 169 2.14 37.98 -20.16
N GLU I 170 2.57 38.83 -19.23
CA GLU I 170 1.88 40.09 -19.05
C GLU I 170 1.93 40.94 -20.33
N ASP I 171 3.11 41.01 -20.94
CA ASP I 171 3.26 41.83 -22.15
C ASP I 171 2.42 41.27 -23.29
N MET I 172 2.41 39.94 -23.45
CA MET I 172 1.59 39.33 -24.49
C MET I 172 0.11 39.60 -24.27
N LEU I 173 -0.35 39.48 -23.01
CA LEU I 173 -1.75 39.74 -22.71
C LEU I 173 -2.10 41.21 -22.98
N ALA I 174 -1.21 42.13 -22.60
CA ALA I 174 -1.46 43.54 -22.85
C ALA I 174 -1.51 43.86 -24.33
N LYS I 175 -0.72 43.14 -25.15
CA LYS I 175 -0.78 43.37 -26.59
C LYS I 175 -2.14 42.99 -27.16
N HIS I 176 -2.69 41.86 -26.73
CA HIS I 176 -3.94 41.34 -27.27
C HIS I 176 -5.17 42.01 -26.68
N SER I 177 -5.02 42.76 -25.59
CA SER I 177 -6.11 43.49 -24.97
C SER I 177 -5.86 44.98 -25.16
N THR I 178 -6.89 45.79 -24.90
CA THR I 178 -6.76 47.23 -25.00
C THR I 178 -6.13 47.85 -23.76
N THR I 179 -6.08 47.12 -22.66
CA THR I 179 -5.62 47.58 -21.36
C THR I 179 -4.11 47.75 -21.34
N PRO I 180 -3.58 48.69 -20.56
CA PRO I 180 -2.13 48.91 -20.52
C PRO I 180 -1.42 47.85 -19.69
N VAL I 181 -0.11 48.06 -19.56
CA VAL I 181 0.73 47.11 -18.82
C VAL I 181 0.41 47.14 -17.33
N GLU I 182 0.29 48.33 -16.75
CA GLU I 182 0.11 48.46 -15.31
C GLU I 182 -1.21 47.82 -14.86
N LYS I 183 -2.29 48.04 -15.62
CA LYS I 183 -3.57 47.49 -15.24
C LYS I 183 -3.57 45.97 -15.28
N ILE I 184 -2.96 45.39 -16.32
CA ILE I 184 -2.94 43.94 -16.44
C ILE I 184 -2.11 43.33 -15.32
N ARG I 185 -0.97 43.95 -15.00
CA ARG I 185 -0.21 43.56 -13.82
C ARG I 185 -1.05 43.62 -12.54
N GLU I 186 -1.79 44.71 -12.33
CA GLU I 186 -2.56 44.84 -11.11
C GLU I 186 -3.66 43.78 -11.01
N ASP I 187 -4.34 43.47 -12.12
CA ASP I 187 -5.50 42.60 -12.06
C ASP I 187 -5.11 41.13 -11.83
N ILE I 188 -3.96 40.70 -12.36
CA ILE I 188 -3.58 39.29 -12.25
C ILE I 188 -2.86 38.97 -10.96
N GLU I 189 -2.76 39.92 -10.03
CA GLU I 189 -2.12 39.64 -8.75
C GLU I 189 -2.87 38.54 -8.00
N ARG I 190 -4.19 38.61 -8.02
CA ARG I 190 -5.04 37.55 -7.48
C ARG I 190 -6.03 37.11 -8.55
N ASP I 191 -6.83 36.11 -8.21
CA ASP I 191 -7.81 35.57 -9.15
C ASP I 191 -8.90 36.61 -9.42
N LYS I 192 -9.09 36.97 -10.69
CA LYS I 192 -10.20 37.80 -11.10
C LYS I 192 -11.06 37.01 -12.08
N ILE I 193 -12.35 36.94 -11.81
CA ILE I 193 -13.29 36.16 -12.61
C ILE I 193 -14.21 37.12 -13.34
N LEU I 194 -14.35 36.92 -14.65
CA LEU I 194 -15.17 37.77 -15.49
C LEU I 194 -16.21 36.93 -16.22
N THR I 195 -17.41 37.50 -16.36
CA THR I 195 -18.47 36.89 -17.13
C THR I 195 -18.34 37.31 -18.60
N ALA I 196 -19.31 36.93 -19.43
CA ALA I 196 -19.21 37.17 -20.86
C ALA I 196 -19.23 38.66 -21.18
N GLU I 197 -20.20 39.40 -20.63
CA GLU I 197 -20.29 40.83 -20.90
C GLU I 197 -19.11 41.58 -20.29
N ASP I 198 -18.70 41.19 -19.07
CA ASP I 198 -17.54 41.81 -18.46
C ASP I 198 -16.28 41.55 -19.28
N ALA I 199 -16.14 40.33 -19.80
CA ALA I 199 -14.99 40.02 -20.65
C ALA I 199 -15.01 40.85 -21.92
N LEU I 200 -16.19 41.03 -22.52
CA LEU I 200 -16.28 41.87 -23.71
C LEU I 200 -15.89 43.30 -23.40
N SER I 201 -16.34 43.84 -22.26
CA SER I 201 -15.98 45.20 -21.88
C SER I 201 -14.48 45.33 -21.62
N TYR I 202 -13.89 44.34 -20.94
CA TYR I 202 -12.48 44.41 -20.60
C TYR I 202 -11.60 44.36 -21.84
N GLY I 203 -11.94 43.51 -22.80
CA GLY I 203 -11.15 43.32 -24.00
C GLY I 203 -10.65 41.91 -24.22
N LEU I 204 -10.99 40.94 -23.36
CA LEU I 204 -10.53 39.57 -23.56
C LEU I 204 -11.21 38.91 -24.75
N ILE I 205 -12.43 39.32 -25.08
CA ILE I 205 -13.15 38.80 -26.23
C ILE I 205 -13.69 39.98 -27.04
N ASP I 206 -14.25 39.66 -28.20
CA ASP I 206 -14.74 40.68 -29.11
C ASP I 206 -16.26 40.72 -29.25
N GLN I 207 -16.95 39.63 -28.95
CA GLN I 207 -18.40 39.61 -29.06
C GLN I 207 -18.93 38.38 -28.32
N VAL I 208 -20.21 38.45 -27.94
CA VAL I 208 -20.89 37.36 -27.27
C VAL I 208 -21.98 36.85 -28.22
N ILE I 209 -21.92 35.58 -28.57
CA ILE I 209 -22.86 34.99 -29.51
C ILE I 209 -23.88 34.17 -28.73
N SER I 210 -25.16 34.40 -29.03
CA SER I 210 -26.26 33.70 -28.39
C SER I 210 -26.89 32.67 -29.30
N THR I 211 -27.24 33.05 -30.53
CA THR I 211 -27.85 32.14 -31.49
C THR I 211 -27.28 32.42 -32.87
N ARG I 212 -26.91 31.36 -33.57
CA ARG I 212 -26.34 31.51 -34.91
C ARG I 212 -27.42 31.93 -35.92
N ASP J 37 -21.23 -0.93 -32.84
CA ASP J 37 -21.77 -0.25 -31.66
C ASP J 37 -23.15 0.33 -31.98
N PRO J 38 -24.13 0.04 -31.12
CA PRO J 38 -25.46 0.63 -31.31
C PRO J 38 -25.49 2.13 -31.17
N TYR J 39 -24.49 2.72 -30.50
CA TYR J 39 -24.49 4.17 -30.30
C TYR J 39 -24.40 4.91 -31.63
N ALA J 40 -23.53 4.46 -32.53
CA ALA J 40 -23.45 5.08 -33.85
C ALA J 40 -24.74 4.90 -34.64
N LYS J 41 -25.33 3.70 -34.55
CA LYS J 41 -26.58 3.44 -35.27
C LYS J 41 -27.69 4.37 -34.79
N LEU J 42 -27.78 4.59 -33.47
CA LEU J 42 -28.73 5.56 -32.95
C LEU J 42 -28.35 6.99 -33.33
N PHE J 43 -27.05 7.27 -33.44
CA PHE J 43 -26.62 8.57 -33.95
C PHE J 43 -27.16 8.83 -35.33
N GLU J 44 -27.25 7.79 -36.16
CA GLU J 44 -27.89 7.96 -37.47
C GLU J 44 -29.36 8.34 -37.37
N GLU J 45 -30.00 8.13 -36.22
CA GLU J 45 -31.40 8.49 -36.02
C GLU J 45 -31.57 9.72 -35.14
N ARG J 46 -30.49 10.48 -34.90
CA ARG J 46 -30.54 11.70 -34.09
C ARG J 46 -30.98 11.42 -32.66
N VAL J 47 -30.31 10.44 -32.03
CA VAL J 47 -30.55 10.08 -30.64
C VAL J 47 -29.23 10.21 -29.90
N ILE J 48 -29.23 10.99 -28.82
CA ILE J 48 -28.03 11.23 -28.00
C ILE J 48 -28.29 10.67 -26.61
N PHE J 49 -27.29 9.97 -26.07
CA PHE J 49 -27.38 9.38 -24.74
C PHE J 49 -26.45 10.10 -23.78
N LEU J 50 -27.00 10.52 -22.65
CA LEU J 50 -26.22 11.09 -21.54
C LEU J 50 -26.53 10.22 -20.33
N GLY J 51 -25.76 9.16 -20.13
CA GLY J 51 -26.05 8.20 -19.10
C GLY J 51 -24.95 8.01 -18.09
N VAL J 52 -24.05 8.98 -17.98
CA VAL J 52 -22.95 8.93 -17.02
C VAL J 52 -22.96 10.23 -16.24
N GLN J 53 -22.03 10.33 -15.28
CA GLN J 53 -21.85 11.57 -14.55
C GLN J 53 -21.36 12.66 -15.47
N ILE J 54 -21.85 13.88 -15.23
CA ILE J 54 -21.48 15.01 -16.09
C ILE J 54 -20.03 15.38 -15.81
N ASP J 55 -19.21 15.40 -16.85
CA ASP J 55 -17.79 15.66 -16.71
C ASP J 55 -17.30 16.30 -18.00
N ASP J 56 -16.03 16.72 -18.00
CA ASP J 56 -15.49 17.43 -19.16
C ASP J 56 -15.51 16.56 -20.41
N ALA J 57 -15.09 15.30 -20.29
CA ALA J 57 -15.04 14.43 -21.47
C ALA J 57 -16.45 14.15 -22.00
N SER J 58 -17.38 13.82 -21.11
CA SER J 58 -18.75 13.56 -21.54
C SER J 58 -19.40 14.79 -22.14
N ALA J 59 -19.15 15.97 -21.55
CA ALA J 59 -19.71 17.20 -22.09
C ALA J 59 -19.14 17.50 -23.47
N ASN J 60 -17.84 17.30 -23.64
CA ASN J 60 -17.24 17.52 -24.95
C ASN J 60 -17.85 16.58 -25.98
N ASP J 61 -18.01 15.30 -25.63
CA ASP J 61 -18.63 14.36 -26.55
C ASP J 61 -20.05 14.78 -26.92
N VAL J 62 -20.85 15.17 -25.92
CA VAL J 62 -22.25 15.47 -26.17
C VAL J 62 -22.39 16.71 -27.04
N MET J 63 -21.65 17.77 -26.73
CA MET J 63 -21.84 18.98 -27.53
C MET J 63 -21.15 18.88 -28.89
N ALA J 64 -20.12 18.04 -29.02
CA ALA J 64 -19.60 17.73 -30.35
C ALA J 64 -20.65 17.00 -31.18
N GLN J 65 -21.36 16.06 -30.57
CA GLN J 65 -22.45 15.39 -31.28
C GLN J 65 -23.54 16.38 -31.68
N LEU J 66 -23.85 17.33 -30.79
CA LEU J 66 -24.86 18.32 -31.12
C LEU J 66 -24.44 19.18 -32.30
N LEU J 67 -23.18 19.62 -32.32
CA LEU J 67 -22.68 20.38 -33.46
C LEU J 67 -22.70 19.55 -34.73
N CYS J 68 -22.35 18.27 -34.64
CA CYS J 68 -22.37 17.41 -35.81
C CYS J 68 -23.77 17.26 -36.37
N LEU J 69 -24.76 17.12 -35.48
CA LEU J 69 -26.14 16.98 -35.96
C LEU J 69 -26.68 18.30 -36.49
N GLU J 70 -26.18 19.43 -36.01
CA GLU J 70 -26.49 20.68 -36.68
C GLU J 70 -25.82 20.79 -38.06
N SER J 71 -24.68 20.13 -38.24
CA SER J 71 -24.04 20.18 -39.55
C SER J 71 -24.94 19.64 -40.64
N MET J 72 -25.73 18.61 -40.34
CA MET J 72 -26.75 18.11 -41.28
C MET J 72 -27.99 18.99 -41.10
N ASP J 73 -29.03 18.80 -41.90
CA ASP J 73 -30.03 19.84 -42.11
C ASP J 73 -30.67 20.29 -40.81
N PRO J 74 -30.94 21.59 -40.67
CA PRO J 74 -31.39 22.13 -39.38
C PRO J 74 -32.90 22.05 -39.15
N ASP J 75 -33.60 21.22 -39.92
CA ASP J 75 -35.05 21.10 -39.80
C ASP J 75 -35.47 19.79 -39.16
N ARG J 76 -34.56 19.11 -38.46
CA ARG J 76 -34.88 17.87 -37.77
C ARG J 76 -34.56 17.98 -36.30
N ASP J 77 -35.48 17.51 -35.46
CA ASP J 77 -35.29 17.60 -34.01
C ASP J 77 -34.23 16.61 -33.55
N ILE J 78 -33.68 16.87 -32.36
CA ILE J 78 -32.67 16.02 -31.75
C ILE J 78 -33.24 15.46 -30.45
N SER J 79 -33.14 14.15 -30.28
CA SER J 79 -33.65 13.47 -29.10
C SER J 79 -32.48 13.11 -28.18
N VAL J 80 -32.56 13.56 -26.93
CA VAL J 80 -31.52 13.29 -25.94
C VAL J 80 -32.16 12.63 -24.72
N TYR J 81 -31.57 11.54 -24.27
CA TYR J 81 -32.05 10.77 -23.13
C TYR J 81 -31.13 11.01 -21.95
N ILE J 82 -31.71 11.32 -20.79
CA ILE J 82 -30.95 11.75 -19.62
C ILE J 82 -31.15 10.71 -18.53
N ASN J 83 -30.03 10.12 -18.07
CA ASN J 83 -30.02 9.26 -16.88
C ASN J 83 -28.67 9.51 -16.20
N SER J 84 -28.63 10.50 -15.31
CA SER J 84 -27.37 10.96 -14.74
C SER J 84 -27.58 11.39 -13.30
N PRO J 85 -26.58 11.19 -12.45
CA PRO J 85 -26.64 11.70 -11.07
C PRO J 85 -26.05 13.09 -10.87
N GLY J 86 -25.73 13.81 -11.95
CA GLY J 86 -25.13 15.12 -11.84
C GLY J 86 -23.64 15.10 -12.17
N GLY J 87 -23.01 16.24 -11.89
CA GLY J 87 -21.57 16.34 -12.14
C GLY J 87 -21.08 17.77 -12.08
N SER J 88 -20.07 18.05 -12.90
CA SER J 88 -19.41 19.35 -12.90
C SER J 88 -20.35 20.42 -13.42
N PHE J 89 -20.09 21.66 -12.98
CA PHE J 89 -21.00 22.77 -13.27
C PHE J 89 -20.66 23.43 -14.59
N THR J 90 -19.36 23.61 -14.87
CA THR J 90 -18.94 24.26 -16.11
C THR J 90 -19.25 23.38 -17.32
N ALA J 91 -19.06 22.07 -17.20
CA ALA J 91 -19.44 21.17 -18.29
C ALA J 91 -20.94 21.20 -18.53
N LEU J 92 -21.71 21.22 -17.45
CA LEU J 92 -23.16 21.36 -17.57
C LEU J 92 -23.53 22.64 -18.30
N THR J 93 -22.88 23.75 -17.95
CA THR J 93 -23.17 25.03 -18.60
C THR J 93 -22.76 24.99 -20.07
N ALA J 94 -21.68 24.29 -20.39
CA ALA J 94 -21.28 24.14 -21.79
C ALA J 94 -22.35 23.41 -22.59
N ILE J 95 -22.86 22.30 -22.04
CA ILE J 95 -23.91 21.57 -22.74
C ILE J 95 -25.17 22.43 -22.88
N TYR J 96 -25.53 23.15 -21.81
CA TYR J 96 -26.73 24.00 -21.86
C TYR J 96 -26.58 25.09 -22.92
N ASP J 97 -25.41 25.72 -22.99
CA ASP J 97 -25.20 26.78 -23.96
C ASP J 97 -25.23 26.23 -25.38
N THR J 98 -24.65 25.04 -25.58
CA THR J 98 -24.73 24.42 -26.91
C THR J 98 -26.17 24.12 -27.29
N MET J 99 -26.96 23.62 -26.33
CA MET J 99 -28.37 23.35 -26.61
C MET J 99 -29.14 24.61 -26.97
N GLN J 100 -28.92 25.70 -26.24
CA GLN J 100 -29.61 26.95 -26.55
C GLN J 100 -29.03 27.66 -27.77
N TYR J 101 -27.95 27.19 -28.36
CA TYR J 101 -27.31 27.92 -29.49
C TYR J 101 -27.76 27.40 -30.86
N VAL J 102 -27.79 26.08 -31.06
CA VAL J 102 -28.18 25.48 -32.36
C VAL J 102 -29.59 25.92 -32.70
N LYS J 103 -30.00 25.80 -33.95
CA LYS J 103 -31.36 26.19 -34.36
C LYS J 103 -32.29 24.98 -34.23
N PRO J 104 -31.82 23.74 -34.39
CA PRO J 104 -32.66 22.56 -34.17
C PRO J 104 -33.26 22.48 -32.77
N ASP J 105 -34.46 21.93 -32.65
CA ASP J 105 -35.10 21.74 -31.34
C ASP J 105 -34.53 20.51 -30.65
N VAL J 106 -34.15 20.59 -29.38
CA VAL J 106 -33.64 19.43 -28.62
C VAL J 106 -34.74 18.96 -27.68
N GLN J 107 -35.21 17.74 -27.85
CA GLN J 107 -36.26 17.16 -27.03
C GLN J 107 -35.62 16.24 -26.00
N THR J 108 -35.88 16.51 -24.72
CA THR J 108 -35.27 15.78 -23.63
C THR J 108 -36.28 14.81 -23.02
N VAL J 109 -35.79 13.65 -22.58
CA VAL J 109 -36.62 12.63 -21.97
C VAL J 109 -36.00 12.25 -20.64
N CYS J 110 -36.62 12.69 -19.55
CA CYS J 110 -36.23 12.19 -18.24
C CYS J 110 -36.54 10.72 -18.17
N MET J 111 -35.52 9.93 -17.85
CA MET J 111 -35.63 8.49 -18.07
C MET J 111 -34.56 7.78 -17.26
N GLY J 112 -35.01 6.99 -16.30
CA GLY J 112 -34.16 6.44 -15.26
C GLY J 112 -34.07 7.33 -14.04
N GLN J 113 -33.27 8.39 -14.09
CA GLN J 113 -33.25 9.38 -13.04
C GLN J 113 -32.57 10.64 -13.58
N ALA J 114 -32.83 11.76 -12.91
CA ALA J 114 -32.27 13.05 -13.31
C ALA J 114 -32.01 13.86 -12.04
N ALA J 115 -30.77 13.81 -11.56
CA ALA J 115 -30.39 14.50 -10.34
C ALA J 115 -30.12 15.99 -10.64
N ALA J 116 -29.48 16.67 -9.69
CA ALA J 116 -29.40 18.13 -9.71
C ALA J 116 -28.92 18.66 -11.05
N ALA J 117 -27.69 18.31 -11.44
CA ALA J 117 -27.17 18.80 -12.71
C ALA J 117 -27.96 18.24 -13.90
N ALA J 118 -28.36 16.98 -13.82
CA ALA J 118 -29.14 16.38 -14.89
C ALA J 118 -30.54 17.01 -14.98
N ALA J 119 -31.08 17.49 -13.87
CA ALA J 119 -32.38 18.15 -13.91
C ALA J 119 -32.31 19.47 -14.68
N VAL J 120 -31.20 20.20 -14.53
CA VAL J 120 -31.06 21.47 -15.23
C VAL J 120 -31.07 21.25 -16.74
N LEU J 121 -30.35 20.24 -17.22
CA LEU J 121 -30.34 19.95 -18.64
C LEU J 121 -31.70 19.42 -19.10
N LEU J 122 -32.36 18.62 -18.26
CA LEU J 122 -33.67 18.09 -18.62
C LEU J 122 -34.69 19.20 -18.82
N ALA J 123 -34.70 20.19 -17.94
CA ALA J 123 -35.64 21.30 -18.02
C ALA J 123 -35.21 22.35 -19.03
N ALA J 124 -34.06 22.20 -19.65
CA ALA J 124 -33.53 23.17 -20.60
C ALA J 124 -33.91 22.86 -22.03
N GLY J 125 -34.70 21.83 -22.28
CA GLY J 125 -35.11 21.52 -23.63
C GLY J 125 -36.11 22.52 -24.17
N THR J 126 -36.46 22.34 -25.43
CA THR J 126 -37.42 23.24 -26.07
C THR J 126 -38.75 23.18 -25.34
N PRO J 127 -39.40 24.32 -25.09
CA PRO J 127 -40.70 24.30 -24.42
C PRO J 127 -41.71 23.45 -25.17
N GLY J 128 -42.45 22.65 -24.41
CA GLY J 128 -43.38 21.70 -24.98
C GLY J 128 -42.76 20.41 -25.48
N LYS J 129 -41.46 20.23 -25.30
CA LYS J 129 -40.76 19.07 -25.83
C LYS J 129 -39.79 18.48 -24.81
N ARG J 130 -40.19 18.48 -23.53
CA ARG J 130 -39.43 17.76 -22.51
C ARG J 130 -40.38 16.82 -21.79
N MET J 131 -40.01 15.55 -21.70
CA MET J 131 -40.90 14.52 -21.20
C MET J 131 -40.17 13.64 -20.19
N ALA J 132 -40.94 12.81 -19.49
CA ALA J 132 -40.39 11.86 -18.54
C ALA J 132 -41.16 10.55 -18.65
N LEU J 133 -40.47 9.45 -18.38
CA LEU J 133 -41.14 8.17 -18.31
C LEU J 133 -41.85 8.00 -16.97
N PRO J 134 -42.88 7.16 -16.91
CA PRO J 134 -43.76 7.15 -15.73
C PRO J 134 -43.08 6.87 -14.41
N ASN J 135 -41.94 6.16 -14.41
CA ASN J 135 -41.32 5.71 -13.18
C ASN J 135 -40.00 6.41 -12.91
N ALA J 136 -39.72 7.50 -13.61
CA ALA J 136 -38.50 8.25 -13.41
C ALA J 136 -38.62 9.18 -12.20
N ARG J 137 -37.47 9.52 -11.63
CA ARG J 137 -37.41 10.39 -10.47
C ARG J 137 -36.49 11.58 -10.76
N VAL J 138 -36.89 12.74 -10.25
CA VAL J 138 -36.18 14.00 -10.48
C VAL J 138 -35.79 14.60 -9.14
N LEU J 139 -34.55 15.08 -9.05
CA LEU J 139 -34.03 15.68 -7.83
C LEU J 139 -33.41 17.04 -8.16
N ILE J 140 -33.68 18.03 -7.30
CA ILE J 140 -33.12 19.36 -7.44
C ILE J 140 -32.54 19.79 -6.10
N HIS J 141 -31.31 20.30 -6.12
CA HIS J 141 -30.68 20.81 -4.91
C HIS J 141 -29.56 21.78 -5.29
N GLN J 142 -29.09 22.51 -4.28
CA GLN J 142 -28.15 23.60 -4.49
C GLN J 142 -26.77 23.08 -4.86
N PRO J 143 -25.92 23.94 -5.46
CA PRO J 143 -24.57 23.51 -5.80
C PRO J 143 -23.75 23.13 -4.57
N TYR J 144 -22.83 22.19 -4.77
CA TYR J 144 -21.92 21.72 -3.75
C TYR J 144 -20.49 21.91 -4.25
N SER J 145 -19.59 22.32 -3.36
CA SER J 145 -18.19 22.47 -3.76
C SER J 145 -17.31 22.33 -2.53
N GLU J 146 -16.00 22.37 -2.78
CA GLU J 146 -14.97 22.28 -1.73
C GLU J 146 -13.94 23.36 -2.04
N THR J 147 -14.10 24.53 -1.41
CA THR J 147 -13.14 25.61 -1.59
C THR J 147 -11.81 25.18 -1.00
N GLY J 148 -10.87 24.84 -1.85
CA GLY J 148 -9.62 24.24 -1.41
C GLY J 148 -8.80 25.14 -0.53
N ARG J 149 -7.70 24.59 0.01
CA ARG J 149 -6.84 25.36 0.89
C ARG J 149 -6.30 26.60 0.16
N GLY J 150 -6.24 27.69 0.89
CA GLY J 150 -5.75 28.93 0.32
C GLY J 150 -5.85 30.03 1.34
N GLN J 151 -5.33 31.20 0.95
CA GLN J 151 -5.31 32.34 1.83
C GLN J 151 -6.74 32.87 2.03
N VAL J 152 -6.86 33.86 2.92
CA VAL J 152 -8.16 34.48 3.17
C VAL J 152 -8.71 35.13 1.91
N SER J 153 -7.86 35.82 1.17
CA SER J 153 -8.31 36.52 -0.03
C SER J 153 -8.82 35.53 -1.09
N ASP J 154 -8.09 34.43 -1.29
CA ASP J 154 -8.52 33.44 -2.26
C ASP J 154 -9.85 32.81 -1.88
N LEU J 155 -10.03 32.51 -0.60
CA LEU J 155 -11.31 31.96 -0.14
C LEU J 155 -12.44 32.95 -0.33
N GLU J 156 -12.17 34.23 -0.07
CA GLU J 156 -13.19 35.26 -0.29
C GLU J 156 -13.61 35.31 -1.75
N ILE J 157 -12.64 35.32 -2.67
CA ILE J 157 -12.96 35.38 -4.09
C ILE J 157 -13.74 34.14 -4.53
N ALA J 158 -13.29 32.96 -4.09
CA ALA J 158 -13.98 31.73 -4.48
C ALA J 158 -15.40 31.68 -3.92
N ALA J 159 -15.59 32.12 -2.68
CA ALA J 159 -16.94 32.12 -2.09
C ALA J 159 -17.86 33.09 -2.83
N ASN J 160 -17.34 34.26 -3.21
CA ASN J 160 -18.15 35.18 -4.01
C ASN J 160 -18.55 34.56 -5.33
N GLU J 161 -17.61 33.87 -5.98
CA GLU J 161 -17.93 33.19 -7.24
C GLU J 161 -19.01 32.13 -7.03
N ILE J 162 -18.90 31.37 -5.94
CA ILE J 162 -19.89 30.32 -5.66
C ILE J 162 -21.26 30.93 -5.45
N LEU J 163 -21.34 32.03 -4.71
CA LEU J 163 -22.62 32.68 -4.48
C LEU J 163 -23.23 33.16 -5.79
N ARG J 164 -22.40 33.76 -6.66
CA ARG J 164 -22.92 34.22 -7.95
C ARG J 164 -23.39 33.04 -8.80
N MET J 165 -22.65 31.92 -8.76
CA MET J 165 -23.05 30.75 -9.52
C MET J 165 -24.40 30.21 -9.03
N ARG J 166 -24.59 30.15 -7.71
CA ARG J 166 -25.86 29.66 -7.18
C ARG J 166 -27.00 30.58 -7.57
N SER J 167 -26.78 31.91 -7.51
CA SER J 167 -27.82 32.85 -7.92
C SER J 167 -28.16 32.69 -9.40
N GLN J 168 -27.14 32.52 -10.24
CA GLN J 168 -27.39 32.38 -11.67
C GLN J 168 -28.11 31.08 -11.99
N LEU J 169 -27.75 29.98 -11.32
CA LEU J 169 -28.48 28.73 -11.52
C LEU J 169 -29.93 28.87 -11.10
N GLU J 170 -30.18 29.52 -9.96
CA GLU J 170 -31.56 29.71 -9.51
C GLU J 170 -32.35 30.54 -10.52
N ASP J 171 -31.75 31.62 -11.03
CA ASP J 171 -32.45 32.47 -11.98
C ASP J 171 -32.73 31.72 -13.27
N MET J 172 -31.73 30.99 -13.79
CA MET J 172 -31.90 30.25 -15.04
C MET J 172 -32.99 29.20 -14.90
N LEU J 173 -33.01 28.48 -13.78
CA LEU J 173 -34.00 27.42 -13.62
C LEU J 173 -35.38 28.01 -13.34
N ALA J 174 -35.44 29.21 -12.75
CA ALA J 174 -36.72 29.89 -12.59
C ALA J 174 -37.28 30.36 -13.91
N LYS J 175 -36.42 30.77 -14.85
CA LYS J 175 -36.91 31.19 -16.16
C LYS J 175 -37.52 30.02 -16.92
N HIS J 176 -37.01 28.81 -16.77
CA HIS J 176 -37.50 27.64 -17.57
C HIS J 176 -38.70 26.92 -16.94
N SER J 177 -38.81 26.89 -15.62
CA SER J 177 -39.92 26.23 -14.90
C SER J 177 -41.19 27.07 -14.94
N THR J 178 -41.16 28.33 -14.53
CA THR J 178 -42.32 29.27 -14.49
C THR J 178 -42.58 29.71 -13.05
N THR J 179 -41.85 29.14 -12.11
CA THR J 179 -42.00 29.50 -10.68
C THR J 179 -41.13 30.73 -10.44
N PRO J 180 -41.34 31.54 -9.37
CA PRO J 180 -40.55 32.76 -9.12
C PRO J 180 -39.20 32.44 -8.49
N VAL J 181 -38.23 33.35 -8.54
CA VAL J 181 -36.85 33.05 -8.04
C VAL J 181 -36.92 32.75 -6.56
N GLU J 182 -37.86 33.31 -5.83
CA GLU J 182 -37.99 33.03 -4.38
C GLU J 182 -38.39 31.58 -4.14
N LYS J 183 -39.39 31.09 -4.86
CA LYS J 183 -39.87 29.70 -4.64
C LYS J 183 -38.73 28.71 -4.93
N ILE J 184 -37.97 28.91 -6.00
CA ILE J 184 -36.92 27.93 -6.40
C ILE J 184 -35.80 27.94 -5.37
N ARG J 185 -35.61 29.07 -4.71
CA ARG J 185 -34.52 29.20 -3.72
C ARG J 185 -34.97 28.57 -2.42
N GLU J 186 -36.27 28.60 -2.14
CA GLU J 186 -36.73 27.93 -0.90
C GLU J 186 -36.73 26.42 -1.02
N ASP J 187 -36.95 25.85 -2.20
CA ASP J 187 -37.10 24.39 -2.40
C ASP J 187 -35.80 23.74 -2.84
N ILE J 188 -34.71 24.47 -2.93
CA ILE J 188 -33.41 23.86 -3.28
C ILE J 188 -32.45 24.02 -2.10
N GLU J 189 -32.90 24.59 -0.99
CA GLU J 189 -32.03 24.69 0.20
C GLU J 189 -31.64 23.28 0.61
N ARG J 190 -32.60 22.39 0.70
CA ARG J 190 -32.30 20.98 1.00
C ARG J 190 -32.97 20.14 -0.08
N ASP J 191 -32.35 19.04 -0.50
CA ASP J 191 -32.83 18.20 -1.60
C ASP J 191 -34.34 17.96 -1.61
N LYS J 192 -35.02 18.26 -2.70
CA LYS J 192 -36.45 17.93 -2.86
C LYS J 192 -36.51 16.89 -3.95
N ILE J 193 -37.43 15.97 -3.88
CA ILE J 193 -37.55 14.84 -4.79
C ILE J 193 -38.96 14.84 -5.37
N LEU J 194 -39.06 14.74 -6.69
CA LEU J 194 -40.34 14.80 -7.38
C LEU J 194 -40.50 13.58 -8.28
N THR J 195 -41.72 13.07 -8.37
CA THR J 195 -42.05 12.01 -9.31
C THR J 195 -42.50 12.63 -10.63
N ALA J 196 -42.94 11.80 -11.57
CA ALA J 196 -43.27 12.28 -12.90
C ALA J 196 -44.43 13.26 -12.87
N GLU J 197 -45.52 12.90 -12.20
CA GLU J 197 -46.68 13.79 -12.15
C GLU J 197 -46.39 15.02 -11.30
N ASP J 198 -45.64 14.85 -10.21
CA ASP J 198 -45.23 16.01 -9.41
C ASP J 198 -44.35 16.94 -10.23
N ALA J 199 -43.44 16.39 -11.03
CA ALA J 199 -42.60 17.23 -11.88
C ALA J 199 -43.43 17.95 -12.93
N LEU J 200 -44.42 17.27 -13.50
CA LEU J 200 -45.31 17.92 -14.45
C LEU J 200 -46.06 19.08 -13.81
N SER J 201 -46.58 18.88 -12.60
CA SER J 201 -47.29 19.95 -11.91
C SER J 201 -46.36 21.11 -11.57
N TYR J 202 -45.13 20.81 -11.15
CA TYR J 202 -44.17 21.83 -10.76
C TYR J 202 -43.69 22.66 -11.95
N GLY J 203 -43.69 22.10 -13.15
CA GLY J 203 -43.20 22.78 -14.32
C GLY J 203 -41.84 22.34 -14.82
N LEU J 204 -41.25 21.30 -14.22
CA LEU J 204 -39.96 20.83 -14.70
C LEU J 204 -40.08 20.12 -16.04
N ILE J 205 -41.24 19.55 -16.35
CA ILE J 205 -41.50 18.89 -17.62
C ILE J 205 -42.88 19.29 -18.11
N ASP J 206 -43.14 19.00 -19.39
CA ASP J 206 -44.43 19.33 -19.99
C ASP J 206 -45.37 18.16 -20.13
N GLN J 207 -44.88 16.92 -20.10
CA GLN J 207 -45.75 15.77 -20.25
C GLN J 207 -44.99 14.53 -19.81
N VAL J 208 -45.75 13.48 -19.45
CA VAL J 208 -45.20 12.17 -19.14
C VAL J 208 -45.76 11.18 -20.16
N ILE J 209 -44.86 10.48 -20.86
CA ILE J 209 -45.25 9.57 -21.94
C ILE J 209 -45.22 8.15 -21.39
N SER J 210 -46.31 7.41 -21.60
CA SER J 210 -46.38 6.01 -21.21
C SER J 210 -46.17 5.07 -22.39
N THR J 211 -46.44 5.52 -23.61
CA THR J 211 -46.25 4.71 -24.80
C THR J 211 -46.02 5.65 -25.98
N ARG J 212 -45.52 5.08 -27.07
CA ARG J 212 -45.25 5.86 -28.27
C ARG J 212 -46.54 6.21 -29.00
N ASP K 37 -17.77 -11.17 -33.17
CA ASP K 37 -18.47 -11.30 -31.90
C ASP K 37 -19.84 -11.94 -32.09
N PRO K 38 -20.12 -13.00 -31.34
CA PRO K 38 -21.45 -13.62 -31.39
C PRO K 38 -22.57 -12.70 -30.94
N TYR K 39 -22.25 -11.68 -30.12
CA TYR K 39 -23.29 -10.79 -29.64
C TYR K 39 -23.94 -10.01 -30.78
N ALA K 40 -23.14 -9.55 -31.75
CA ALA K 40 -23.72 -8.84 -32.89
C ALA K 40 -24.58 -9.77 -33.74
N LYS K 41 -24.12 -11.00 -33.95
CA LYS K 41 -24.90 -11.93 -34.76
C LYS K 41 -26.21 -12.27 -34.07
N LEU K 42 -26.19 -12.44 -32.75
CA LEU K 42 -27.43 -12.64 -32.01
C LEU K 42 -28.30 -11.39 -32.03
N PHE K 43 -27.68 -10.21 -32.06
CA PHE K 43 -28.42 -8.98 -32.26
C PHE K 43 -29.20 -9.01 -33.57
N GLU K 44 -28.60 -9.56 -34.62
CA GLU K 44 -29.32 -9.74 -35.87
C GLU K 44 -30.53 -10.65 -35.72
N GLU K 45 -30.51 -11.59 -34.77
CA GLU K 45 -31.64 -12.44 -34.47
C GLU K 45 -32.53 -11.86 -33.38
N ARG K 46 -32.38 -10.57 -33.09
CA ARG K 46 -33.11 -9.83 -32.06
C ARG K 46 -33.27 -10.64 -30.77
N VAL K 47 -32.12 -11.01 -30.19
CA VAL K 47 -32.05 -11.54 -28.84
C VAL K 47 -31.10 -10.64 -28.05
N ILE K 48 -31.41 -10.43 -26.78
CA ILE K 48 -30.68 -9.48 -25.93
C ILE K 48 -30.22 -10.23 -24.68
N PHE K 49 -28.98 -9.98 -24.27
CA PHE K 49 -28.38 -10.66 -23.15
C PHE K 49 -28.18 -9.70 -21.98
N LEU K 50 -28.59 -10.14 -20.79
CA LEU K 50 -28.37 -9.39 -19.55
C LEU K 50 -27.73 -10.38 -18.57
N GLY K 51 -26.41 -10.47 -18.61
CA GLY K 51 -25.71 -11.49 -17.85
C GLY K 51 -24.72 -10.94 -16.84
N VAL K 52 -24.86 -9.67 -16.49
CA VAL K 52 -24.00 -9.03 -15.50
C VAL K 52 -24.89 -8.32 -14.48
N GLN K 53 -24.26 -7.84 -13.42
CA GLN K 53 -24.99 -7.06 -12.42
C GLN K 53 -25.49 -5.77 -13.03
N ILE K 54 -26.71 -5.39 -12.66
CA ILE K 54 -27.36 -4.22 -13.26
C ILE K 54 -26.64 -2.96 -12.81
N ASP K 55 -26.28 -2.11 -13.77
CA ASP K 55 -25.57 -0.87 -13.50
C ASP K 55 -25.97 0.13 -14.57
N ASP K 56 -25.46 1.36 -14.44
CA ASP K 56 -25.82 2.41 -15.39
C ASP K 56 -25.36 2.08 -16.80
N ALA K 57 -24.14 1.55 -16.96
CA ALA K 57 -23.62 1.26 -18.29
C ALA K 57 -24.36 0.08 -18.93
N SER K 58 -24.57 -0.99 -18.16
CA SER K 58 -25.29 -2.14 -18.70
C SER K 58 -26.73 -1.78 -19.03
N ALA K 59 -27.38 -1.01 -18.16
CA ALA K 59 -28.73 -0.55 -18.45
C ALA K 59 -28.76 0.31 -19.70
N ASN K 60 -27.78 1.21 -19.84
CA ASN K 60 -27.69 2.04 -21.03
C ASN K 60 -27.60 1.18 -22.28
N ASP K 61 -26.73 0.18 -22.27
CA ASP K 61 -26.53 -0.66 -23.44
C ASP K 61 -27.81 -1.42 -23.79
N VAL K 62 -28.47 -1.99 -22.78
CA VAL K 62 -29.66 -2.80 -23.03
C VAL K 62 -30.81 -1.91 -23.53
N MET K 63 -30.99 -0.74 -22.94
CA MET K 63 -32.06 0.14 -23.37
C MET K 63 -31.78 0.74 -24.75
N ALA K 64 -30.51 0.94 -25.09
CA ALA K 64 -30.15 1.33 -26.45
C ALA K 64 -30.47 0.23 -27.44
N GLN K 65 -30.16 -1.04 -27.09
CA GLN K 65 -30.49 -2.15 -27.98
C GLN K 65 -31.99 -2.28 -28.15
N LEU K 66 -32.75 -2.08 -27.08
CA LEU K 66 -34.21 -2.13 -27.17
C LEU K 66 -34.75 -1.05 -28.11
N LEU K 67 -34.24 0.18 -27.98
CA LEU K 67 -34.65 1.24 -28.88
C LEU K 67 -34.26 0.94 -30.32
N CYS K 68 -33.10 0.33 -30.53
CA CYS K 68 -32.67 -0.01 -31.88
C CYS K 68 -33.61 -1.02 -32.52
N LEU K 69 -33.89 -2.13 -31.81
CA LEU K 69 -34.80 -3.12 -32.37
C LEU K 69 -36.23 -2.63 -32.45
N GLU K 70 -36.60 -1.59 -31.70
CA GLU K 70 -37.93 -1.02 -31.84
C GLU K 70 -38.13 -0.42 -33.23
N SER K 71 -37.11 0.27 -33.75
CA SER K 71 -37.24 1.03 -34.98
C SER K 71 -37.47 0.17 -36.22
N MET K 72 -36.78 -0.97 -36.34
CA MET K 72 -36.83 -1.71 -37.59
C MET K 72 -38.24 -2.19 -37.91
N ASP K 73 -38.78 -2.89 -36.92
CA ASP K 73 -40.04 -3.56 -37.20
C ASP K 73 -40.95 -3.37 -36.02
N PRO K 74 -42.15 -2.84 -36.21
CA PRO K 74 -43.09 -2.79 -35.14
C PRO K 74 -43.99 -4.02 -35.18
N ASP K 75 -43.44 -5.20 -35.41
CA ASP K 75 -44.29 -6.42 -35.38
C ASP K 75 -43.46 -7.67 -35.11
N ARG K 76 -42.17 -7.54 -34.96
CA ARG K 76 -41.31 -8.68 -34.59
C ARG K 76 -41.01 -8.60 -33.08
N ASP K 77 -41.03 -9.73 -32.36
CA ASP K 77 -40.80 -9.78 -30.91
C ASP K 77 -39.32 -9.76 -30.55
N ILE K 78 -38.98 -9.39 -29.33
CA ILE K 78 -37.56 -9.31 -28.87
C ILE K 78 -37.40 -10.29 -27.72
N SER K 79 -36.28 -11.01 -27.63
CA SER K 79 -36.05 -12.05 -26.60
C SER K 79 -34.94 -11.60 -25.64
N VAL K 80 -35.19 -11.59 -24.33
CA VAL K 80 -34.19 -11.10 -23.33
C VAL K 80 -33.86 -12.21 -22.36
N TYR K 81 -32.63 -12.70 -22.36
CA TYR K 81 -32.18 -13.79 -21.46
C TYR K 81 -31.56 -13.17 -20.22
N ILE K 82 -32.05 -13.50 -19.03
CA ILE K 82 -31.56 -12.87 -17.79
C ILE K 82 -30.71 -13.87 -17.00
N ASN K 83 -29.61 -13.41 -16.40
CA ASN K 83 -28.74 -14.23 -15.53
C ASN K 83 -28.01 -13.23 -14.67
N SER K 84 -28.71 -12.58 -13.74
CA SER K 84 -28.07 -11.46 -13.01
C SER K 84 -28.27 -11.56 -11.51
N PRO K 85 -27.31 -11.06 -10.71
CA PRO K 85 -27.49 -11.04 -9.29
C PRO K 85 -28.39 -9.88 -8.86
N GLY K 86 -28.48 -8.84 -9.68
CA GLY K 86 -29.30 -7.66 -9.36
C GLY K 86 -28.51 -6.39 -9.53
N GLY K 87 -28.91 -5.31 -8.89
CA GLY K 87 -28.13 -4.07 -8.94
C GLY K 87 -28.94 -2.83 -8.61
N SER K 88 -28.57 -1.69 -9.17
CA SER K 88 -29.22 -0.40 -8.91
C SER K 88 -30.71 -0.42 -9.23
N PHE K 89 -31.50 0.32 -8.46
CA PHE K 89 -32.97 0.31 -8.61
C PHE K 89 -33.36 1.40 -9.59
N THR K 90 -32.50 2.40 -9.80
CA THR K 90 -32.78 3.48 -10.77
C THR K 90 -32.45 3.00 -12.17
N ALA K 91 -31.29 2.36 -12.33
CA ALA K 91 -30.87 1.84 -13.64
C ALA K 91 -31.87 0.81 -14.14
N LEU K 92 -32.33 -0.05 -13.24
CA LEU K 92 -33.25 -1.13 -13.65
C LEU K 92 -34.62 -0.54 -13.99
N THR K 93 -34.97 0.59 -13.38
CA THR K 93 -36.33 1.13 -13.62
C THR K 93 -36.26 1.87 -14.96
N ALA K 94 -35.08 1.98 -15.54
CA ALA K 94 -34.97 2.54 -16.91
C ALA K 94 -35.24 1.43 -17.91
N ILE K 95 -34.65 0.25 -17.71
CA ILE K 95 -34.92 -0.91 -18.60
C ILE K 95 -36.41 -1.26 -18.45
N TYR K 96 -36.97 -1.17 -17.25
CA TYR K 96 -38.37 -1.61 -17.08
C TYR K 96 -39.25 -0.69 -17.90
N ASP K 97 -38.97 0.61 -17.86
CA ASP K 97 -39.89 1.55 -18.53
C ASP K 97 -39.77 1.46 -20.03
N THR K 98 -38.58 1.15 -20.54
CA THR K 98 -38.37 1.08 -22.00
C THR K 98 -39.11 -0.14 -22.52
N MET K 99 -39.09 -1.22 -21.77
CA MET K 99 -39.76 -2.48 -22.19
C MET K 99 -41.26 -2.24 -22.24
N GLN K 100 -41.75 -1.24 -21.51
CA GLN K 100 -43.21 -1.02 -21.42
C GLN K 100 -43.59 0.13 -22.34
N TYR K 101 -42.61 0.78 -22.95
CA TYR K 101 -42.88 1.91 -23.87
C TYR K 101 -42.93 1.39 -25.30
N VAL K 102 -41.97 0.58 -25.71
CA VAL K 102 -41.90 0.05 -27.10
C VAL K 102 -43.22 -0.65 -27.39
N LYS K 103 -43.58 -0.83 -28.64
CA LYS K 103 -44.82 -1.59 -28.97
C LYS K 103 -44.49 -3.07 -29.10
N PRO K 104 -43.30 -3.46 -29.59
CA PRO K 104 -42.89 -4.86 -29.63
C PRO K 104 -43.02 -5.60 -28.30
N ASP K 105 -43.38 -6.89 -28.35
CA ASP K 105 -43.46 -7.73 -27.14
C ASP K 105 -42.04 -8.11 -26.71
N VAL K 106 -41.79 -8.24 -25.42
CA VAL K 106 -40.45 -8.68 -24.94
C VAL K 106 -40.59 -9.98 -24.17
N GLN K 107 -40.21 -11.10 -24.78
CA GLN K 107 -40.25 -12.42 -24.11
C GLN K 107 -38.96 -12.55 -23.28
N THR K 108 -39.06 -12.73 -21.98
CA THR K 108 -37.94 -12.88 -21.07
C THR K 108 -37.89 -14.31 -20.57
N VAL K 109 -36.71 -14.92 -20.62
CA VAL K 109 -36.50 -16.27 -20.12
C VAL K 109 -35.51 -16.21 -18.97
N CYS K 110 -35.83 -16.92 -17.89
CA CYS K 110 -34.89 -17.03 -16.78
C CYS K 110 -33.92 -18.17 -17.06
N MET K 111 -32.65 -17.93 -16.77
CA MET K 111 -31.61 -18.90 -17.10
C MET K 111 -30.40 -18.59 -16.24
N GLY K 112 -29.90 -19.61 -15.54
CA GLY K 112 -28.85 -19.42 -14.56
C GLY K 112 -29.39 -18.98 -13.22
N GLN K 113 -29.78 -17.71 -13.10
CA GLN K 113 -30.39 -17.19 -11.89
C GLN K 113 -30.92 -15.80 -12.15
N ALA K 114 -31.94 -15.41 -11.38
CA ALA K 114 -32.53 -14.08 -11.46
C ALA K 114 -32.91 -13.66 -10.06
N ALA K 115 -32.10 -12.79 -9.46
CA ALA K 115 -32.27 -12.39 -8.07
C ALA K 115 -32.48 -10.88 -7.99
N ALA K 116 -33.37 -10.48 -7.08
CA ALA K 116 -33.59 -9.07 -6.75
C ALA K 116 -34.02 -8.27 -7.98
N ALA K 117 -33.10 -7.46 -8.51
CA ALA K 117 -33.41 -6.63 -9.67
C ALA K 117 -33.73 -7.50 -10.89
N ALA K 118 -33.01 -8.60 -11.06
CA ALA K 118 -33.26 -9.48 -12.19
C ALA K 118 -34.64 -10.13 -12.11
N ALA K 119 -35.12 -10.41 -10.89
CA ALA K 119 -36.46 -10.97 -10.74
C ALA K 119 -37.52 -9.98 -11.19
N VAL K 120 -37.33 -8.70 -10.88
CA VAL K 120 -38.32 -7.69 -11.28
C VAL K 120 -38.38 -7.58 -12.80
N LEU K 121 -37.21 -7.58 -13.46
CA LEU K 121 -37.19 -7.48 -14.91
C LEU K 121 -37.72 -8.76 -15.56
N LEU K 122 -37.44 -9.92 -14.95
CA LEU K 122 -37.91 -11.18 -15.50
C LEU K 122 -39.44 -11.23 -15.49
N ALA K 123 -40.06 -10.76 -14.42
CA ALA K 123 -41.52 -10.73 -14.32
C ALA K 123 -42.14 -9.56 -15.05
N ALA K 124 -41.33 -8.68 -15.64
CA ALA K 124 -41.83 -7.50 -16.33
C ALA K 124 -42.16 -7.76 -17.79
N GLY K 125 -41.92 -8.95 -18.30
CA GLY K 125 -42.25 -9.25 -19.68
C GLY K 125 -43.74 -9.26 -19.92
N THR K 126 -44.11 -9.31 -21.20
CA THR K 126 -45.52 -9.30 -21.56
C THR K 126 -46.20 -10.56 -21.03
N PRO K 127 -47.46 -10.46 -20.63
CA PRO K 127 -48.16 -11.63 -20.09
C PRO K 127 -48.22 -12.76 -21.09
N GLY K 128 -48.05 -13.98 -20.60
CA GLY K 128 -48.02 -15.15 -21.45
C GLY K 128 -46.71 -15.42 -22.14
N LYS K 129 -45.68 -14.60 -21.89
CA LYS K 129 -44.39 -14.75 -22.55
C LYS K 129 -43.24 -14.63 -21.56
N ARG K 130 -43.45 -15.08 -20.32
CA ARG K 130 -42.41 -15.11 -19.31
C ARG K 130 -42.09 -16.56 -19.00
N MET K 131 -40.85 -16.97 -19.26
CA MET K 131 -40.46 -18.37 -19.18
C MET K 131 -39.21 -18.52 -18.32
N ALA K 132 -38.88 -19.76 -17.99
CA ALA K 132 -37.69 -20.08 -17.23
C ALA K 132 -37.24 -21.49 -17.57
N LEU K 133 -35.93 -21.71 -17.46
CA LEU K 133 -35.37 -23.03 -17.69
C LEU K 133 -35.50 -23.89 -16.44
N PRO K 134 -35.50 -25.22 -16.58
CA PRO K 134 -35.88 -26.08 -15.45
C PRO K 134 -35.03 -25.92 -14.22
N ASN K 135 -33.74 -25.58 -14.36
CA ASN K 135 -32.84 -25.53 -13.22
C ASN K 135 -32.50 -24.11 -12.78
N ALA K 136 -33.21 -23.11 -13.30
CA ALA K 136 -32.97 -21.73 -12.89
C ALA K 136 -33.51 -21.50 -11.48
N ARG K 137 -32.95 -20.50 -10.80
CA ARG K 137 -33.39 -20.13 -9.47
C ARG K 137 -33.78 -18.66 -9.44
N VAL K 138 -34.88 -18.36 -8.74
CA VAL K 138 -35.44 -17.01 -8.65
C VAL K 138 -35.47 -16.61 -7.19
N LEU K 139 -35.02 -15.38 -6.90
CA LEU K 139 -34.97 -14.85 -5.54
C LEU K 139 -35.58 -13.46 -5.52
N ILE K 140 -36.40 -13.19 -4.50
CA ILE K 140 -37.01 -11.87 -4.30
C ILE K 140 -36.70 -11.41 -2.89
N HIS K 141 -36.31 -10.14 -2.75
CA HIS K 141 -36.05 -9.56 -1.44
C HIS K 141 -36.14 -8.05 -1.52
N GLN K 142 -36.26 -7.43 -0.35
CA GLN K 142 -36.50 -5.99 -0.25
C GLN K 142 -35.25 -5.20 -0.62
N PRO K 143 -35.42 -3.92 -0.98
CA PRO K 143 -34.26 -3.10 -1.35
C PRO K 143 -33.28 -2.91 -0.22
N TYR K 144 -32.05 -2.59 -0.60
CA TYR K 144 -30.94 -2.35 0.32
C TYR K 144 -30.29 -1.03 -0.08
N SER K 145 -29.75 -0.31 0.90
CA SER K 145 -29.08 0.95 0.61
C SER K 145 -28.17 1.33 1.77
N GLU K 146 -27.44 2.43 1.56
CA GLU K 146 -26.54 2.99 2.57
C GLU K 146 -26.73 4.51 2.57
N THR K 147 -27.62 5.00 3.44
CA THR K 147 -27.82 6.44 3.56
C THR K 147 -26.56 7.06 4.15
N GLY K 148 -25.77 7.70 3.30
CA GLY K 148 -24.45 8.15 3.70
C GLY K 148 -24.48 9.25 4.75
N ARG K 149 -23.27 9.66 5.13
CA ARG K 149 -23.13 10.69 6.15
C ARG K 149 -23.84 11.97 5.74
N GLY K 150 -24.63 12.50 6.64
CA GLY K 150 -25.35 13.74 6.38
C GLY K 150 -26.03 14.21 7.65
N GLN K 151 -26.61 15.40 7.56
CA GLN K 151 -27.35 15.93 8.68
C GLN K 151 -28.62 15.11 8.90
N VAL K 152 -29.31 15.40 10.01
CA VAL K 152 -30.52 14.66 10.34
C VAL K 152 -31.60 14.87 9.28
N SER K 153 -31.73 16.10 8.80
CA SER K 153 -32.75 16.40 7.79
C SER K 153 -32.50 15.63 6.49
N ASP K 154 -31.23 15.55 6.07
CA ASP K 154 -30.90 14.81 4.87
C ASP K 154 -31.24 13.34 5.02
N LEU K 155 -30.93 12.75 6.18
CA LEU K 155 -31.25 11.35 6.40
C LEU K 155 -32.76 11.13 6.44
N GLU K 156 -33.50 12.10 7.00
CA GLU K 156 -34.96 11.99 6.99
C GLU K 156 -35.50 11.97 5.57
N ILE K 157 -35.01 12.88 4.72
CA ILE K 157 -35.49 12.94 3.34
C ILE K 157 -35.13 11.66 2.59
N ALA K 158 -33.89 11.18 2.75
CA ALA K 158 -33.46 9.98 2.07
C ALA K 158 -34.24 8.76 2.54
N ALA K 159 -34.52 8.68 3.84
CA ALA K 159 -35.31 7.57 4.36
C ALA K 159 -36.74 7.59 3.83
N ASN K 160 -37.34 8.78 3.74
CA ASN K 160 -38.68 8.86 3.17
C ASN K 160 -38.69 8.40 1.72
N GLU K 161 -37.70 8.81 0.93
CA GLU K 161 -37.62 8.32 -0.44
C GLU K 161 -37.38 6.82 -0.49
N ILE K 162 -36.58 6.29 0.42
CA ILE K 162 -36.33 4.85 0.43
C ILE K 162 -37.62 4.10 0.68
N LEU K 163 -38.42 4.56 1.64
CA LEU K 163 -39.69 3.92 1.92
C LEU K 163 -40.63 4.01 0.73
N ARG K 164 -40.68 5.17 0.06
CA ARG K 164 -41.56 5.28 -1.10
C ARG K 164 -41.10 4.37 -2.24
N MET K 165 -39.79 4.25 -2.43
CA MET K 165 -39.28 3.36 -3.46
C MET K 165 -39.63 1.91 -3.16
N ARG K 166 -39.51 1.50 -1.90
CA ARG K 166 -39.89 0.15 -1.52
C ARG K 166 -41.37 -0.10 -1.78
N SER K 167 -42.22 0.87 -1.40
CA SER K 167 -43.65 0.72 -1.63
C SER K 167 -43.97 0.65 -3.12
N GLN K 168 -43.31 1.47 -3.94
CA GLN K 168 -43.57 1.46 -5.37
C GLN K 168 -43.13 0.16 -6.02
N LEU K 169 -41.96 -0.36 -5.62
CA LEU K 169 -41.52 -1.65 -6.15
C LEU K 169 -42.49 -2.75 -5.75
N GLU K 170 -42.94 -2.74 -4.49
CA GLU K 170 -43.94 -3.71 -4.04
C GLU K 170 -45.20 -3.65 -4.90
N ASP K 171 -45.75 -2.44 -5.10
CA ASP K 171 -46.98 -2.31 -5.85
C ASP K 171 -46.79 -2.76 -7.30
N MET K 172 -45.68 -2.34 -7.91
CA MET K 172 -45.44 -2.69 -9.31
C MET K 172 -45.31 -4.20 -9.48
N LEU K 173 -44.59 -4.86 -8.58
CA LEU K 173 -44.39 -6.29 -8.73
C LEU K 173 -45.63 -7.06 -8.31
N ALA K 174 -46.51 -6.46 -7.50
CA ALA K 174 -47.79 -7.08 -7.21
C ALA K 174 -48.75 -6.98 -8.38
N LYS K 175 -48.63 -5.92 -9.19
CA LYS K 175 -49.47 -5.81 -10.38
C LYS K 175 -49.15 -6.91 -11.38
N HIS K 176 -47.87 -7.26 -11.53
CA HIS K 176 -47.45 -8.31 -12.46
C HIS K 176 -47.63 -9.72 -11.89
N SER K 177 -48.12 -9.93 -10.70
CA SER K 177 -48.08 -11.34 -10.21
C SER K 177 -49.46 -11.87 -9.86
N THR K 178 -50.43 -11.00 -9.66
CA THR K 178 -51.80 -11.41 -9.26
C THR K 178 -51.87 -11.70 -7.76
N THR K 179 -50.77 -11.55 -7.05
CA THR K 179 -50.78 -11.72 -5.59
C THR K 179 -51.07 -10.33 -5.02
N PRO K 180 -51.70 -10.15 -3.83
CA PRO K 180 -52.04 -8.83 -3.31
C PRO K 180 -50.84 -8.09 -2.74
N VAL K 181 -50.95 -6.79 -2.43
CA VAL K 181 -49.74 -6.03 -1.97
C VAL K 181 -49.30 -6.59 -0.61
N GLU K 182 -50.27 -6.91 0.23
CA GLU K 182 -49.95 -7.48 1.56
C GLU K 182 -49.10 -8.73 1.41
N LYS K 183 -49.44 -9.65 0.51
CA LYS K 183 -48.65 -10.90 0.45
C LYS K 183 -47.23 -10.60 -0.02
N ILE K 184 -47.06 -9.76 -1.04
CA ILE K 184 -45.70 -9.52 -1.59
C ILE K 184 -44.86 -8.89 -0.48
N ARG K 185 -45.50 -8.21 0.46
CA ARG K 185 -44.77 -7.54 1.56
C ARG K 185 -44.41 -8.58 2.61
N GLU K 186 -45.32 -9.47 2.99
CA GLU K 186 -44.93 -10.53 3.92
C GLU K 186 -43.78 -11.36 3.37
N ASP K 187 -43.82 -11.71 2.08
CA ASP K 187 -42.80 -12.59 1.52
C ASP K 187 -41.50 -11.87 1.15
N ILE K 188 -41.50 -10.54 1.13
CA ILE K 188 -40.31 -9.79 0.73
C ILE K 188 -39.49 -9.30 1.91
N GLU K 189 -39.99 -9.47 3.14
CA GLU K 189 -39.26 -9.00 4.32
C GLU K 189 -37.90 -9.68 4.44
N ARG K 190 -37.87 -10.99 4.21
CA ARG K 190 -36.64 -11.75 4.13
C ARG K 190 -36.54 -12.43 2.78
N ASP K 191 -35.35 -12.93 2.46
CA ASP K 191 -35.12 -13.55 1.17
C ASP K 191 -35.92 -14.84 1.05
N LYS K 192 -36.67 -14.97 -0.04
CA LYS K 192 -37.38 -16.20 -0.37
C LYS K 192 -36.89 -16.68 -1.73
N ILE K 193 -36.49 -17.95 -1.80
CA ILE K 193 -35.89 -18.53 -2.99
C ILE K 193 -36.87 -19.56 -3.57
N LEU K 194 -37.18 -19.42 -4.85
CA LEU K 194 -38.15 -20.26 -5.52
C LEU K 194 -37.49 -20.98 -6.69
N THR K 195 -37.93 -22.20 -6.94
CA THR K 195 -37.51 -22.95 -8.12
C THR K 195 -38.45 -22.63 -9.28
N ALA K 196 -38.26 -23.32 -10.40
CA ALA K 196 -39.03 -23.02 -11.61
C ALA K 196 -40.51 -23.30 -11.39
N GLU K 197 -40.85 -24.48 -10.86
CA GLU K 197 -42.26 -24.82 -10.68
C GLU K 197 -42.90 -23.96 -9.58
N ASP K 198 -42.18 -23.70 -8.49
CA ASP K 198 -42.71 -22.82 -7.46
C ASP K 198 -42.91 -21.41 -8.00
N ALA K 199 -41.99 -20.94 -8.85
CA ALA K 199 -42.16 -19.62 -9.46
C ALA K 199 -43.38 -19.59 -10.37
N LEU K 200 -43.60 -20.66 -11.14
CA LEU K 200 -44.78 -20.72 -11.99
C LEU K 200 -46.06 -20.71 -11.17
N SER K 201 -46.07 -21.43 -10.05
CA SER K 201 -47.25 -21.44 -9.18
C SER K 201 -47.48 -20.07 -8.55
N TYR K 202 -46.41 -19.41 -8.11
CA TYR K 202 -46.56 -18.15 -7.38
C TYR K 202 -47.00 -17.02 -8.30
N GLY K 203 -46.47 -16.99 -9.52
CA GLY K 203 -46.88 -15.98 -10.48
C GLY K 203 -45.75 -15.20 -11.10
N LEU K 204 -44.50 -15.53 -10.77
CA LEU K 204 -43.36 -14.82 -11.32
C LEU K 204 -43.19 -15.11 -12.81
N ILE K 205 -43.48 -16.33 -13.24
CA ILE K 205 -43.33 -16.74 -14.63
C ILE K 205 -44.63 -17.38 -15.09
N ASP K 206 -44.69 -17.70 -16.38
CA ASP K 206 -45.89 -18.27 -16.98
C ASP K 206 -45.74 -19.72 -17.40
N GLN K 207 -44.52 -20.20 -17.64
CA GLN K 207 -44.32 -21.58 -18.09
C GLN K 207 -42.85 -21.92 -17.96
N VAL K 208 -42.56 -23.21 -17.77
CA VAL K 208 -41.19 -23.72 -17.72
C VAL K 208 -40.91 -24.45 -19.02
N ILE K 209 -39.94 -23.96 -19.79
CA ILE K 209 -39.61 -24.57 -21.07
C ILE K 209 -38.45 -25.54 -20.89
N SER K 210 -38.63 -26.76 -21.40
CA SER K 210 -37.59 -27.77 -21.38
C SER K 210 -36.85 -27.92 -22.70
N THR K 211 -37.57 -27.92 -23.81
CA THR K 211 -36.98 -27.99 -25.14
C THR K 211 -37.50 -26.83 -25.96
N ARG K 212 -37.21 -26.83 -27.26
CA ARG K 212 -37.68 -25.78 -28.15
C ARG K 212 -38.91 -26.24 -28.93
N ASP L 37 -7.88 -14.78 -35.62
CA ASP L 37 -8.06 -15.59 -34.42
C ASP L 37 -8.50 -17.00 -34.78
N PRO L 38 -7.76 -18.00 -34.29
CA PRO L 38 -8.17 -19.40 -34.53
C PRO L 38 -9.49 -19.76 -33.90
N TYR L 39 -9.96 -19.01 -32.90
CA TYR L 39 -11.23 -19.33 -32.26
C TYR L 39 -12.39 -19.18 -33.22
N ALA L 40 -12.38 -18.12 -34.04
CA ALA L 40 -13.44 -17.96 -35.04
C ALA L 40 -13.41 -19.08 -36.08
N LYS L 41 -12.20 -19.45 -36.52
CA LYS L 41 -12.09 -20.53 -37.50
C LYS L 41 -12.60 -21.85 -36.93
N LEU L 42 -12.29 -22.13 -35.66
CA LEU L 42 -12.84 -23.31 -35.00
C LEU L 42 -14.35 -23.20 -34.85
N PHE L 43 -14.85 -21.98 -34.60
CA PHE L 43 -16.29 -21.76 -34.58
C PHE L 43 -16.92 -22.16 -35.89
N GLU L 44 -16.24 -21.90 -37.01
CA GLU L 44 -16.74 -22.35 -38.31
C GLU L 44 -16.85 -23.87 -38.37
N GLU L 45 -16.03 -24.59 -37.61
CA GLU L 45 -16.05 -26.04 -37.55
C GLU L 45 -16.96 -26.58 -36.46
N ARG L 46 -17.69 -25.70 -35.76
CA ARG L 46 -18.60 -26.07 -34.69
C ARG L 46 -17.89 -26.80 -33.55
N VAL L 47 -16.80 -26.20 -33.06
CA VAL L 47 -16.15 -26.65 -31.84
C VAL L 47 -16.10 -25.47 -30.88
N ILE L 48 -16.29 -25.75 -29.60
CA ILE L 48 -16.39 -24.74 -28.55
C ILE L 48 -15.38 -25.09 -27.47
N PHE L 49 -14.64 -24.09 -27.00
CA PHE L 49 -13.61 -24.29 -25.99
C PHE L 49 -14.07 -23.73 -24.65
N LEU L 50 -13.90 -24.54 -23.60
CA LEU L 50 -14.13 -24.13 -22.21
C LEU L 50 -12.85 -24.44 -21.46
N GLY L 51 -11.91 -23.49 -21.48
CA GLY L 51 -10.59 -23.73 -20.91
C GLY L 51 -10.23 -22.78 -19.79
N VAL L 52 -11.23 -22.23 -19.11
CA VAL L 52 -11.02 -21.32 -18.00
C VAL L 52 -12.02 -21.66 -16.89
N GLN L 53 -11.89 -20.96 -15.78
CA GLN L 53 -12.82 -21.13 -14.67
C GLN L 53 -14.22 -20.71 -15.09
N ILE L 54 -15.22 -21.42 -14.57
CA ILE L 54 -16.60 -21.10 -14.92
C ILE L 54 -17.04 -19.86 -14.16
N ASP L 55 -17.35 -18.80 -14.91
CA ASP L 55 -17.82 -17.54 -14.35
C ASP L 55 -19.04 -17.09 -15.13
N ASP L 56 -19.55 -15.91 -14.77
CA ASP L 56 -20.69 -15.35 -15.48
C ASP L 56 -20.35 -15.02 -16.92
N ALA L 57 -19.18 -14.41 -17.15
CA ALA L 57 -18.80 -14.02 -18.50
C ALA L 57 -18.57 -15.23 -19.39
N SER L 58 -17.86 -16.24 -18.87
CA SER L 58 -17.59 -17.44 -19.67
C SER L 58 -18.89 -18.18 -19.99
N ALA L 59 -19.80 -18.27 -19.01
CA ALA L 59 -21.09 -18.90 -19.28
C ALA L 59 -21.88 -18.12 -20.30
N ASN L 60 -21.83 -16.79 -20.23
CA ASN L 60 -22.51 -15.97 -21.22
C ASN L 60 -21.98 -16.25 -22.61
N ASP L 61 -20.66 -16.29 -22.76
CA ASP L 61 -20.05 -16.57 -24.05
C ASP L 61 -20.44 -17.96 -24.55
N VAL L 62 -20.38 -18.96 -23.67
CA VAL L 62 -20.63 -20.34 -24.09
C VAL L 62 -22.08 -20.53 -24.52
N MET L 63 -23.02 -20.00 -23.74
CA MET L 63 -24.42 -20.19 -24.12
C MET L 63 -24.80 -19.34 -25.32
N ALA L 64 -24.16 -18.17 -25.50
CA ALA L 64 -24.36 -17.42 -26.73
C ALA L 64 -23.88 -18.21 -27.94
N GLN L 65 -22.71 -18.84 -27.81
CA GLN L 65 -22.20 -19.66 -28.92
C GLN L 65 -23.11 -20.84 -29.19
N LEU L 66 -23.65 -21.46 -28.14
CA LEU L 66 -24.55 -22.59 -28.32
C LEU L 66 -25.83 -22.18 -29.03
N LEU L 67 -26.42 -21.04 -28.63
CA LEU L 67 -27.60 -20.54 -29.32
C LEU L 67 -27.28 -20.20 -30.78
N CYS L 68 -26.13 -19.58 -31.01
CA CYS L 68 -25.73 -19.26 -32.39
C CYS L 68 -25.65 -20.52 -33.23
N LEU L 69 -24.92 -21.54 -32.76
CA LEU L 69 -24.79 -22.77 -33.52
C LEU L 69 -26.10 -23.52 -33.64
N GLU L 70 -27.03 -23.31 -32.71
CA GLU L 70 -28.38 -23.83 -32.88
C GLU L 70 -29.10 -23.12 -34.03
N SER L 71 -28.82 -21.83 -34.20
CA SER L 71 -29.46 -21.07 -35.27
C SER L 71 -29.17 -21.65 -36.66
N MET L 72 -27.98 -22.21 -36.87
CA MET L 72 -27.70 -22.91 -38.12
C MET L 72 -28.33 -24.29 -38.12
N ASP L 73 -27.88 -25.13 -39.04
CA ASP L 73 -28.54 -26.39 -39.36
C ASP L 73 -28.68 -27.23 -38.09
N PRO L 74 -29.89 -27.68 -37.75
CA PRO L 74 -30.09 -28.41 -36.48
C PRO L 74 -29.79 -29.89 -36.56
N ASP L 75 -29.11 -30.34 -37.62
CA ASP L 75 -28.73 -31.74 -37.75
C ASP L 75 -27.25 -31.99 -37.55
N ARG L 76 -26.44 -30.94 -37.47
CA ARG L 76 -25.02 -31.13 -37.18
C ARG L 76 -24.76 -31.10 -35.69
N ASP L 77 -23.76 -31.87 -35.27
CA ASP L 77 -23.42 -32.00 -33.87
C ASP L 77 -22.53 -30.83 -33.41
N ILE L 78 -22.29 -30.76 -32.11
CA ILE L 78 -21.50 -29.72 -31.49
C ILE L 78 -20.42 -30.38 -30.66
N SER L 79 -19.19 -29.88 -30.77
CA SER L 79 -18.05 -30.42 -30.04
C SER L 79 -17.58 -29.41 -29.01
N VAL L 80 -17.49 -29.83 -27.75
CA VAL L 80 -17.03 -28.99 -26.66
C VAL L 80 -15.82 -29.65 -26.00
N TYR L 81 -14.73 -28.90 -25.87
CA TYR L 81 -13.52 -29.36 -25.20
C TYR L 81 -13.42 -28.65 -23.86
N ILE L 82 -13.25 -29.41 -22.80
CA ILE L 82 -13.27 -28.87 -21.44
C ILE L 82 -11.93 -29.13 -20.78
N ASN L 83 -11.28 -28.05 -20.33
CA ASN L 83 -10.12 -28.11 -19.45
C ASN L 83 -10.32 -26.96 -18.45
N SER L 84 -10.98 -27.27 -17.33
CA SER L 84 -11.40 -26.23 -16.40
C SER L 84 -11.24 -26.73 -14.98
N PRO L 85 -10.91 -25.85 -14.04
CA PRO L 85 -10.85 -26.25 -12.63
C PRO L 85 -12.18 -26.05 -11.91
N GLY L 86 -13.23 -25.76 -12.67
CA GLY L 86 -14.53 -25.51 -12.08
C GLY L 86 -14.79 -24.04 -11.83
N GLY L 87 -15.91 -23.79 -11.15
CA GLY L 87 -16.27 -22.42 -10.82
C GLY L 87 -17.65 -22.26 -10.22
N SER L 88 -18.35 -21.20 -10.59
CA SER L 88 -19.65 -20.90 -10.04
C SER L 88 -20.69 -21.93 -10.45
N PHE L 89 -21.64 -22.19 -9.55
CA PHE L 89 -22.67 -23.19 -9.80
C PHE L 89 -23.78 -22.66 -10.71
N THR L 90 -24.18 -21.40 -10.52
CA THR L 90 -25.27 -20.85 -11.32
C THR L 90 -24.89 -20.75 -12.80
N ALA L 91 -23.67 -20.33 -13.09
CA ALA L 91 -23.19 -20.34 -14.47
C ALA L 91 -23.12 -21.76 -15.02
N LEU L 92 -22.65 -22.70 -14.20
CA LEU L 92 -22.70 -24.12 -14.55
C LEU L 92 -24.12 -24.53 -14.93
N THR L 93 -25.10 -24.15 -14.11
CA THR L 93 -26.47 -24.55 -14.37
C THR L 93 -27.01 -23.91 -15.64
N ALA L 94 -26.63 -22.66 -15.91
CA ALA L 94 -27.03 -22.02 -17.16
C ALA L 94 -26.50 -22.77 -18.37
N ILE L 95 -25.21 -23.13 -18.34
CA ILE L 95 -24.63 -23.87 -19.45
C ILE L 95 -25.29 -25.23 -19.59
N TYR L 96 -25.52 -25.92 -18.46
CA TYR L 96 -26.13 -27.24 -18.49
C TYR L 96 -27.53 -27.18 -19.09
N ASP L 97 -28.33 -26.20 -18.68
CA ASP L 97 -29.68 -26.07 -19.21
C ASP L 97 -29.68 -25.73 -20.68
N THR L 98 -28.74 -24.86 -21.12
CA THR L 98 -28.65 -24.56 -22.54
C THR L 98 -28.28 -25.81 -23.34
N MET L 99 -27.43 -26.66 -22.77
CA MET L 99 -27.04 -27.89 -23.46
C MET L 99 -28.23 -28.81 -23.69
N GLN L 100 -29.10 -28.94 -22.70
CA GLN L 100 -30.26 -29.84 -22.80
C GLN L 100 -31.44 -29.20 -23.54
N TYR L 101 -31.44 -27.87 -23.70
CA TYR L 101 -32.49 -27.18 -24.41
C TYR L 101 -32.23 -27.12 -25.92
N VAL L 102 -30.96 -27.13 -26.31
CA VAL L 102 -30.56 -27.00 -27.71
C VAL L 102 -30.70 -28.35 -28.38
N LYS L 103 -31.42 -28.37 -29.52
CA LYS L 103 -31.81 -29.64 -30.13
C LYS L 103 -30.67 -30.53 -30.60
N PRO L 104 -29.67 -30.05 -31.36
CA PRO L 104 -28.64 -30.98 -31.85
C PRO L 104 -27.76 -31.50 -30.74
N ASP L 105 -27.18 -32.68 -30.98
CA ASP L 105 -26.38 -33.37 -29.98
C ASP L 105 -25.11 -32.59 -29.67
N VAL L 106 -24.71 -32.64 -28.40
CA VAL L 106 -23.50 -31.99 -27.92
C VAL L 106 -22.57 -33.07 -27.39
N GLN L 107 -21.41 -33.22 -28.01
CA GLN L 107 -20.42 -34.20 -27.58
C GLN L 107 -19.29 -33.50 -26.86
N THR L 108 -18.91 -34.05 -25.69
CA THR L 108 -17.92 -33.44 -24.82
C THR L 108 -16.66 -34.29 -24.78
N VAL L 109 -15.50 -33.64 -24.86
CA VAL L 109 -14.21 -34.30 -24.87
C VAL L 109 -13.43 -33.84 -23.65
N CYS L 110 -13.29 -34.71 -22.66
CA CYS L 110 -12.47 -34.41 -21.50
C CYS L 110 -11.00 -34.37 -21.89
N MET L 111 -10.25 -33.47 -21.26
CA MET L 111 -8.93 -33.11 -21.73
C MET L 111 -8.23 -32.31 -20.64
N GLY L 112 -6.94 -32.58 -20.44
CA GLY L 112 -6.17 -31.81 -19.49
C GLY L 112 -6.59 -32.12 -18.07
N GLN L 113 -7.76 -31.59 -17.69
CA GLN L 113 -8.35 -31.87 -16.40
C GLN L 113 -9.80 -31.40 -16.43
N ALA L 114 -10.62 -32.02 -15.59
CA ALA L 114 -12.04 -31.68 -15.51
C ALA L 114 -12.44 -31.78 -14.04
N ALA L 115 -12.41 -30.65 -13.35
CA ALA L 115 -12.71 -30.59 -11.93
C ALA L 115 -14.22 -30.58 -11.70
N ALA L 116 -14.62 -30.24 -10.48
CA ALA L 116 -16.01 -30.44 -10.04
C ALA L 116 -17.02 -29.87 -11.02
N ALA L 117 -16.98 -28.55 -11.23
CA ALA L 117 -17.95 -27.95 -12.15
C ALA L 117 -17.71 -28.40 -13.58
N ALA L 118 -16.46 -28.67 -13.94
CA ALA L 118 -16.16 -29.20 -15.27
C ALA L 118 -16.65 -30.63 -15.42
N ALA L 119 -16.59 -31.42 -14.35
CA ALA L 119 -17.05 -32.80 -14.42
C ALA L 119 -18.55 -32.88 -14.68
N VAL L 120 -19.33 -32.00 -14.04
CA VAL L 120 -20.78 -32.03 -14.24
C VAL L 120 -21.12 -31.70 -15.69
N LEU L 121 -20.48 -30.68 -16.24
CA LEU L 121 -20.72 -30.33 -17.65
C LEU L 121 -20.20 -31.41 -18.58
N LEU L 122 -19.06 -32.02 -18.23
CA LEU L 122 -18.49 -33.07 -19.06
C LEU L 122 -19.41 -34.28 -19.14
N ALA L 123 -20.00 -34.66 -18.00
CA ALA L 123 -20.93 -35.78 -17.95
C ALA L 123 -22.32 -35.42 -18.45
N ALA L 124 -22.55 -34.17 -18.81
CA ALA L 124 -23.85 -33.70 -19.25
C ALA L 124 -24.08 -33.85 -20.76
N GLY L 125 -23.09 -34.32 -21.50
CA GLY L 125 -23.26 -34.53 -22.91
C GLY L 125 -24.25 -35.64 -23.21
N THR L 126 -24.63 -35.74 -24.48
CA THR L 126 -25.62 -36.73 -24.87
C THR L 126 -25.07 -38.14 -24.65
N PRO L 127 -25.90 -39.09 -24.26
CA PRO L 127 -25.40 -40.45 -23.98
C PRO L 127 -24.73 -41.05 -25.20
N GLY L 128 -23.64 -41.77 -24.96
CA GLY L 128 -22.87 -42.37 -26.02
C GLY L 128 -21.92 -41.44 -26.72
N LYS L 129 -21.82 -40.19 -26.29
CA LYS L 129 -20.98 -39.19 -26.95
C LYS L 129 -20.22 -38.36 -25.93
N ARG L 130 -19.74 -39.00 -24.86
CA ARG L 130 -18.88 -38.35 -23.87
C ARG L 130 -17.53 -39.05 -23.89
N MET L 131 -16.47 -38.30 -24.15
CA MET L 131 -15.15 -38.87 -24.40
C MET L 131 -14.10 -38.16 -23.55
N ALA L 132 -13.00 -38.86 -23.32
CA ALA L 132 -11.85 -38.32 -22.60
C ALA L 132 -10.56 -38.78 -23.27
N LEU L 133 -9.55 -37.93 -23.21
CA LEU L 133 -8.22 -38.28 -23.72
C LEU L 133 -7.48 -39.15 -22.71
N PRO L 134 -6.49 -39.93 -23.15
CA PRO L 134 -5.93 -40.97 -22.26
C PRO L 134 -5.33 -40.43 -20.97
N ASN L 135 -4.79 -39.21 -20.96
CA ASN L 135 -4.05 -38.71 -19.82
C ASN L 135 -4.80 -37.61 -19.07
N ALA L 136 -6.12 -37.53 -19.22
CA ALA L 136 -6.92 -36.52 -18.55
C ALA L 136 -7.32 -37.01 -17.16
N ARG L 137 -7.49 -36.06 -16.24
CA ARG L 137 -7.87 -36.36 -14.87
C ARG L 137 -9.24 -35.76 -14.57
N VAL L 138 -10.05 -36.49 -13.81
CA VAL L 138 -11.42 -36.10 -13.49
C VAL L 138 -11.58 -36.08 -11.98
N LEU L 139 -12.18 -35.02 -11.45
CA LEU L 139 -12.37 -34.83 -10.02
C LEU L 139 -13.82 -34.48 -9.74
N ILE L 140 -14.36 -35.04 -8.67
CA ILE L 140 -15.72 -34.72 -8.21
C ILE L 140 -15.69 -34.46 -6.71
N HIS L 141 -16.37 -33.42 -6.28
CA HIS L 141 -16.54 -33.17 -4.84
C HIS L 141 -17.75 -32.27 -4.62
N GLN L 142 -18.16 -32.17 -3.36
CA GLN L 142 -19.38 -31.44 -2.99
C GLN L 142 -19.26 -29.95 -3.19
N PRO L 143 -20.39 -29.23 -3.28
CA PRO L 143 -20.36 -27.81 -3.40
C PRO L 143 -19.67 -27.14 -2.23
N TYR L 144 -19.20 -25.91 -2.39
CA TYR L 144 -18.54 -25.14 -1.33
C TYR L 144 -19.15 -23.75 -1.33
N SER L 145 -19.01 -22.99 -0.26
CA SER L 145 -19.68 -21.68 -0.24
C SER L 145 -19.23 -20.83 0.92
N GLU L 146 -19.95 -19.76 1.18
CA GLU L 146 -19.58 -18.84 2.25
C GLU L 146 -20.81 -18.20 2.88
N THR L 147 -21.94 -18.92 2.95
CA THR L 147 -23.12 -18.36 3.64
C THR L 147 -22.52 -17.78 4.88
N GLY L 148 -22.22 -16.47 4.90
CA GLY L 148 -21.51 -15.90 6.06
C GLY L 148 -22.14 -14.64 6.58
N ARG L 149 -21.65 -13.47 6.14
CA ARG L 149 -22.16 -12.18 6.67
C ARG L 149 -23.69 -12.24 6.72
N GLY L 150 -24.28 -12.09 7.90
CA GLY L 150 -25.75 -12.13 8.03
C GLY L 150 -26.21 -12.40 9.46
N GLN L 151 -27.52 -12.25 9.71
CA GLN L 151 -28.07 -12.47 11.03
C GLN L 151 -28.21 -13.98 11.17
N VAL L 152 -29.09 -14.43 12.03
CA VAL L 152 -29.32 -15.87 12.13
C VAL L 152 -30.30 -16.32 11.06
N SER L 153 -31.36 -15.55 10.85
CA SER L 153 -32.38 -15.94 9.88
C SER L 153 -31.82 -16.02 8.46
N ASP L 154 -30.99 -15.05 8.08
CA ASP L 154 -30.39 -15.08 6.75
C ASP L 154 -29.48 -16.29 6.58
N LEU L 155 -28.68 -16.61 7.60
CA LEU L 155 -27.80 -17.76 7.50
C LEU L 155 -28.61 -19.06 7.44
N GLU L 156 -29.73 -19.12 8.17
CA GLU L 156 -30.59 -20.29 8.08
C GLU L 156 -31.15 -20.47 6.68
N ILE L 157 -31.63 -19.38 6.08
CA ILE L 157 -32.19 -19.45 4.72
C ILE L 157 -31.11 -19.87 3.73
N ALA L 158 -29.92 -19.27 3.83
CA ALA L 158 -28.84 -19.61 2.91
C ALA L 158 -28.38 -21.06 3.09
N ALA L 159 -28.35 -21.54 4.33
CA ALA L 159 -27.94 -22.93 4.57
C ALA L 159 -28.95 -23.91 3.99
N ASN L 160 -30.24 -23.63 4.15
CA ASN L 160 -31.24 -24.49 3.51
C ASN L 160 -31.09 -24.45 1.98
N GLU L 161 -30.82 -23.27 1.43
CA GLU L 161 -30.55 -23.17 0.00
C GLU L 161 -29.36 -24.03 -0.41
N ILE L 162 -28.29 -24.00 0.37
CA ILE L 162 -27.09 -24.76 0.04
C ILE L 162 -27.36 -26.25 0.10
N LEU L 163 -28.09 -26.72 1.11
CA LEU L 163 -28.41 -28.14 1.19
C LEU L 163 -29.27 -28.57 0.00
N ARG L 164 -30.25 -27.76 -0.37
CA ARG L 164 -31.05 -28.07 -1.55
C ARG L 164 -30.20 -28.10 -2.81
N MET L 165 -29.27 -27.16 -2.93
CA MET L 165 -28.39 -27.11 -4.09
C MET L 165 -27.55 -28.37 -4.20
N ARG L 166 -26.98 -28.81 -3.08
CA ARG L 166 -26.17 -30.01 -3.06
C ARG L 166 -26.99 -31.24 -3.43
N SER L 167 -28.19 -31.36 -2.88
CA SER L 167 -29.04 -32.49 -3.20
C SER L 167 -29.41 -32.49 -4.68
N GLN L 168 -29.76 -31.34 -5.24
CA GLN L 168 -30.14 -31.26 -6.64
C GLN L 168 -28.95 -31.61 -7.55
N LEU L 169 -27.77 -31.09 -7.24
CA LEU L 169 -26.60 -31.42 -8.04
C LEU L 169 -26.31 -32.92 -8.01
N GLU L 170 -26.41 -33.51 -6.82
CA GLU L 170 -26.12 -34.94 -6.70
C GLU L 170 -27.15 -35.78 -7.46
N ASP L 171 -28.42 -35.40 -7.39
CA ASP L 171 -29.44 -36.10 -8.14
C ASP L 171 -29.20 -35.98 -9.64
N MET L 172 -28.85 -34.78 -10.10
CA MET L 172 -28.54 -34.57 -11.51
C MET L 172 -27.38 -35.46 -11.95
N LEU L 173 -26.32 -35.53 -11.14
CA LEU L 173 -25.17 -36.32 -11.51
C LEU L 173 -25.50 -37.80 -11.48
N ALA L 174 -26.36 -38.21 -10.55
CA ALA L 174 -26.74 -39.62 -10.47
C ALA L 174 -27.57 -40.04 -11.67
N LYS L 175 -28.41 -39.15 -12.21
CA LYS L 175 -29.20 -39.52 -13.38
C LYS L 175 -28.31 -39.70 -14.61
N HIS L 176 -27.26 -38.89 -14.75
CA HIS L 176 -26.36 -38.95 -15.90
C HIS L 176 -25.35 -40.08 -15.78
N SER L 177 -25.36 -40.80 -14.66
CA SER L 177 -24.48 -41.96 -14.46
C SER L 177 -25.36 -43.15 -14.14
N THR L 178 -24.73 -44.32 -14.03
CA THR L 178 -25.45 -45.53 -13.65
C THR L 178 -25.50 -45.77 -12.15
N THR L 179 -24.67 -45.08 -11.38
CA THR L 179 -24.58 -45.33 -9.96
C THR L 179 -25.81 -44.76 -9.23
N PRO L 180 -26.23 -45.40 -8.14
CA PRO L 180 -27.37 -44.89 -7.36
C PRO L 180 -27.00 -43.61 -6.64
N VAL L 181 -28.02 -43.03 -6.00
CA VAL L 181 -27.84 -41.75 -5.31
C VAL L 181 -26.99 -41.92 -4.06
N GLU L 182 -27.15 -43.04 -3.35
CA GLU L 182 -26.39 -43.24 -2.12
C GLU L 182 -24.90 -43.36 -2.39
N LYS L 183 -24.52 -44.01 -3.50
CA LYS L 183 -23.12 -44.09 -3.86
C LYS L 183 -22.54 -42.70 -4.08
N ILE L 184 -23.30 -41.83 -4.73
CA ILE L 184 -22.82 -40.47 -4.96
C ILE L 184 -22.74 -39.71 -3.64
N ARG L 185 -23.74 -39.87 -2.75
CA ARG L 185 -23.61 -39.38 -1.39
C ARG L 185 -22.23 -39.70 -0.82
N GLU L 186 -21.89 -40.99 -0.81
CA GLU L 186 -20.65 -41.43 -0.19
C GLU L 186 -19.41 -40.99 -0.93
N ASP L 187 -19.50 -40.74 -2.24
CA ASP L 187 -18.30 -40.54 -3.06
C ASP L 187 -17.84 -39.10 -3.15
N ILE L 188 -18.73 -38.11 -3.04
CA ILE L 188 -18.29 -36.71 -3.09
C ILE L 188 -18.20 -36.09 -1.71
N GLU L 189 -18.18 -36.91 -0.65
CA GLU L 189 -17.96 -36.38 0.68
C GLU L 189 -16.59 -35.73 0.78
N ARG L 190 -15.58 -36.37 0.18
CA ARG L 190 -14.24 -35.81 0.02
C ARG L 190 -13.86 -35.84 -1.45
N ASP L 191 -12.67 -35.37 -1.75
CA ASP L 191 -12.17 -35.36 -3.12
C ASP L 191 -11.89 -36.79 -3.58
N LYS L 192 -12.39 -37.14 -4.76
CA LYS L 192 -12.05 -38.40 -5.40
C LYS L 192 -11.60 -38.12 -6.83
N ILE L 193 -10.41 -38.58 -7.18
CA ILE L 193 -9.79 -38.32 -8.47
C ILE L 193 -9.75 -39.62 -9.26
N LEU L 194 -10.24 -39.57 -10.50
CA LEU L 194 -10.32 -40.73 -11.37
C LEU L 194 -9.52 -40.49 -12.64
N THR L 195 -8.92 -41.56 -13.16
CA THR L 195 -8.24 -41.51 -14.44
C THR L 195 -9.24 -41.78 -15.56
N ALA L 196 -8.73 -41.96 -16.78
CA ALA L 196 -9.60 -42.16 -17.92
C ALA L 196 -10.35 -43.49 -17.84
N GLU L 197 -9.62 -44.58 -17.58
CA GLU L 197 -10.25 -45.89 -17.49
C GLU L 197 -11.16 -45.98 -16.27
N ASP L 198 -10.75 -45.40 -15.14
CA ASP L 198 -11.61 -45.37 -13.97
C ASP L 198 -12.88 -44.58 -14.24
N ALA L 199 -12.77 -43.47 -14.98
CA ALA L 199 -13.96 -42.71 -15.33
C ALA L 199 -14.87 -43.51 -16.25
N LEU L 200 -14.30 -44.26 -17.19
CA LEU L 200 -15.11 -45.13 -18.03
C LEU L 200 -15.85 -46.17 -17.21
N SER L 201 -15.16 -46.80 -16.26
CA SER L 201 -15.80 -47.81 -15.43
C SER L 201 -16.89 -47.22 -14.54
N TYR L 202 -16.63 -46.05 -13.96
CA TYR L 202 -17.60 -45.43 -13.06
C TYR L 202 -18.88 -45.04 -13.80
N GLY L 203 -18.74 -44.51 -15.02
CA GLY L 203 -19.88 -44.04 -15.79
C GLY L 203 -19.84 -42.57 -16.14
N LEU L 204 -18.80 -41.82 -15.74
CA LEU L 204 -18.73 -40.41 -16.11
C LEU L 204 -18.45 -40.23 -17.59
N ILE L 205 -17.67 -41.14 -18.18
CA ILE L 205 -17.23 -41.05 -19.56
C ILE L 205 -17.65 -42.32 -20.30
N ASP L 206 -18.19 -42.14 -21.51
CA ASP L 206 -18.63 -43.28 -22.31
C ASP L 206 -17.49 -44.08 -22.90
N GLN L 207 -16.45 -43.43 -23.43
CA GLN L 207 -15.41 -44.16 -24.14
C GLN L 207 -14.20 -43.25 -24.16
N VAL L 208 -13.00 -43.84 -24.19
CA VAL L 208 -11.75 -43.09 -24.11
C VAL L 208 -11.06 -43.15 -25.47
N ILE L 209 -10.80 -42.00 -26.06
CA ILE L 209 -10.26 -41.93 -27.42
C ILE L 209 -8.75 -41.67 -27.36
N SER L 210 -8.01 -42.46 -28.13
CA SER L 210 -6.56 -42.31 -28.25
C SER L 210 -6.14 -41.66 -29.55
N THR L 211 -6.86 -41.92 -30.63
CA THR L 211 -6.59 -41.32 -31.92
C THR L 211 -7.89 -41.19 -32.69
N ARG L 212 -7.88 -40.30 -33.68
CA ARG L 212 -9.07 -40.07 -34.50
C ARG L 212 -9.37 -41.27 -35.39
N ASP M 37 0.86 -9.14 -38.35
CA ASP M 37 1.46 -9.95 -37.30
C ASP M 37 2.22 -11.12 -37.91
N PRO M 38 3.52 -11.23 -37.61
CA PRO M 38 4.30 -12.35 -38.15
C PRO M 38 3.83 -13.70 -37.65
N TYR M 39 3.16 -13.77 -36.50
CA TYR M 39 2.71 -15.05 -35.98
C TYR M 39 1.67 -15.68 -36.90
N ALA M 40 0.71 -14.87 -37.39
CA ALA M 40 -0.26 -15.41 -38.34
C ALA M 40 0.42 -15.83 -39.64
N LYS M 41 1.36 -15.02 -40.11
CA LYS M 41 2.07 -15.37 -41.34
C LYS M 41 2.78 -16.71 -41.20
N LEU M 42 3.45 -16.93 -40.06
CA LEU M 42 4.07 -18.22 -39.81
C LEU M 42 3.03 -19.32 -39.64
N PHE M 43 1.83 -18.98 -39.16
CA PHE M 43 0.75 -19.95 -39.10
C PHE M 43 0.39 -20.47 -40.48
N GLU M 44 0.39 -19.58 -41.49
CA GLU M 44 0.19 -20.04 -42.86
C GLU M 44 1.26 -21.02 -43.32
N GLU M 45 2.46 -20.98 -42.75
CA GLU M 45 3.48 -22.00 -43.02
C GLU M 45 3.53 -23.07 -41.93
N ARG M 46 2.40 -23.35 -41.28
CA ARG M 46 2.26 -24.36 -40.23
C ARG M 46 3.47 -24.38 -39.29
N VAL M 47 3.69 -23.24 -38.64
CA VAL M 47 4.73 -23.10 -37.62
C VAL M 47 4.07 -22.56 -36.36
N ILE M 48 4.27 -23.25 -35.23
CA ILE M 48 3.67 -22.88 -33.95
C ILE M 48 4.80 -22.58 -32.97
N PHE M 49 4.57 -21.61 -32.10
CA PHE M 49 5.56 -21.19 -31.10
C PHE M 49 5.06 -21.50 -29.70
N LEU M 50 5.99 -21.94 -28.84
CA LEU M 50 5.75 -22.10 -27.41
C LEU M 50 6.88 -21.33 -26.73
N GLY M 51 6.69 -20.02 -26.56
CA GLY M 51 7.76 -19.19 -26.07
C GLY M 51 7.50 -18.55 -24.71
N VAL M 52 6.46 -19.00 -24.02
CA VAL M 52 6.10 -18.48 -22.72
C VAL M 52 5.96 -19.64 -21.74
N GLN M 53 5.77 -19.30 -20.47
CA GLN M 53 5.52 -20.31 -19.46
C GLN M 53 4.23 -21.05 -19.78
N ILE M 54 4.23 -22.37 -19.54
CA ILE M 54 3.07 -23.18 -19.89
C ILE M 54 1.96 -22.89 -18.89
N ASP M 55 0.82 -22.43 -19.39
CA ASP M 55 -0.32 -22.10 -18.56
C ASP M 55 -1.59 -22.53 -19.29
N ASP M 56 -2.74 -22.24 -18.68
CA ASP M 56 -4.01 -22.65 -19.28
C ASP M 56 -4.26 -21.93 -20.60
N ALA M 57 -4.01 -20.62 -20.65
CA ALA M 57 -4.31 -19.85 -21.86
C ALA M 57 -3.37 -20.23 -23.00
N SER M 58 -2.07 -20.34 -22.71
CA SER M 58 -1.11 -20.73 -23.74
C SER M 58 -1.41 -22.14 -24.24
N ALA M 59 -1.75 -23.05 -23.33
CA ALA M 59 -2.08 -24.41 -23.73
C ALA M 59 -3.31 -24.42 -24.62
N ASN M 60 -4.33 -23.63 -24.27
CA ASN M 60 -5.53 -23.54 -25.10
C ASN M 60 -5.20 -23.03 -26.49
N ASP M 61 -4.36 -21.99 -26.58
CA ASP M 61 -3.95 -21.47 -27.88
C ASP M 61 -3.23 -22.54 -28.69
N VAL M 62 -2.33 -23.29 -28.04
CA VAL M 62 -1.54 -24.29 -28.76
C VAL M 62 -2.43 -25.41 -29.28
N MET M 63 -3.36 -25.89 -28.45
CA MET M 63 -4.25 -26.93 -28.96
C MET M 63 -5.16 -26.41 -30.06
N ALA M 64 -5.65 -25.18 -29.95
CA ALA M 64 -6.48 -24.63 -31.01
C ALA M 64 -5.71 -24.59 -32.32
N GLN M 65 -4.45 -24.15 -32.27
CA GLN M 65 -3.63 -24.12 -33.47
C GLN M 65 -3.40 -25.52 -34.02
N LEU M 66 -3.13 -26.49 -33.14
CA LEU M 66 -2.91 -27.85 -33.60
C LEU M 66 -4.16 -28.44 -34.24
N LEU M 67 -5.32 -28.21 -33.64
CA LEU M 67 -6.57 -28.71 -34.20
C LEU M 67 -6.88 -28.04 -35.53
N CYS M 68 -6.61 -26.74 -35.64
CA CYS M 68 -6.83 -26.04 -36.90
C CYS M 68 -5.94 -26.60 -38.00
N LEU M 69 -4.66 -26.85 -37.68
CA LEU M 69 -3.77 -27.43 -38.68
C LEU M 69 -4.14 -28.86 -39.03
N GLU M 70 -4.66 -29.61 -38.06
CA GLU M 70 -5.12 -30.97 -38.34
C GLU M 70 -6.36 -30.97 -39.22
N SER M 71 -7.24 -29.98 -39.03
CA SER M 71 -8.43 -29.87 -39.87
C SER M 71 -8.10 -29.63 -41.33
N MET M 72 -6.88 -29.17 -41.62
CA MET M 72 -6.42 -29.04 -42.99
C MET M 72 -5.99 -30.44 -43.44
N ASP M 73 -5.32 -30.57 -44.57
CA ASP M 73 -4.99 -31.90 -45.07
C ASP M 73 -4.05 -32.59 -44.08
N PRO M 74 -4.25 -33.88 -43.81
CA PRO M 74 -3.45 -34.57 -42.80
C PRO M 74 -2.11 -35.11 -43.29
N ASP M 75 -1.61 -34.65 -44.44
CA ASP M 75 -0.37 -35.16 -45.00
C ASP M 75 0.78 -34.18 -44.92
N ARG M 76 0.67 -33.13 -44.11
CA ARG M 76 1.75 -32.16 -43.93
C ARG M 76 2.15 -32.07 -42.47
N ASP M 77 3.45 -32.00 -42.23
CA ASP M 77 3.98 -31.95 -40.87
C ASP M 77 3.74 -30.58 -40.25
N ILE M 78 3.84 -30.54 -38.92
CA ILE M 78 3.72 -29.31 -38.15
C ILE M 78 5.01 -29.11 -37.38
N SER M 79 5.58 -27.91 -37.49
CA SER M 79 6.82 -27.56 -36.82
C SER M 79 6.51 -26.68 -35.62
N VAL M 80 6.97 -27.09 -34.43
CA VAL M 80 6.72 -26.36 -33.20
C VAL M 80 8.07 -26.04 -32.55
N TYR M 81 8.27 -24.77 -32.21
CA TYR M 81 9.50 -24.30 -31.58
C TYR M 81 9.23 -24.07 -30.10
N ILE M 82 10.12 -24.58 -29.25
CA ILE M 82 9.93 -24.54 -27.81
C ILE M 82 11.05 -23.70 -27.18
N ASN M 83 10.66 -22.66 -26.46
CA ASN M 83 11.58 -21.87 -25.63
C ASN M 83 10.79 -21.49 -24.39
N SER M 84 10.84 -22.32 -23.36
CA SER M 84 9.96 -22.16 -22.21
C SER M 84 10.63 -22.75 -20.98
N PRO M 85 10.39 -22.19 -19.80
CA PRO M 85 10.91 -22.79 -18.56
C PRO M 85 9.98 -23.79 -17.89
N GLY M 86 8.90 -24.18 -18.54
CA GLY M 86 7.92 -25.06 -17.94
C GLY M 86 6.68 -24.30 -17.50
N GLY M 87 5.90 -24.95 -16.65
CA GLY M 87 4.70 -24.32 -16.11
C GLY M 87 3.70 -25.30 -15.55
N SER M 88 2.42 -25.03 -15.77
CA SER M 88 1.37 -25.90 -15.28
C SER M 88 1.47 -27.26 -15.96
N PHE M 89 1.05 -28.30 -15.23
CA PHE M 89 1.30 -29.67 -15.63
C PHE M 89 0.09 -30.31 -16.32
N THR M 90 -1.13 -30.00 -15.88
CA THR M 90 -2.31 -30.50 -16.57
C THR M 90 -2.43 -29.88 -17.96
N ALA M 91 -2.11 -28.60 -18.09
CA ALA M 91 -2.08 -27.97 -19.42
C ALA M 91 -1.03 -28.62 -20.31
N LEU M 92 0.12 -28.94 -19.74
CA LEU M 92 1.14 -29.69 -20.47
C LEU M 92 0.61 -31.02 -20.97
N THR M 93 -0.10 -31.74 -20.10
CA THR M 93 -0.67 -33.02 -20.51
C THR M 93 -1.71 -32.85 -21.61
N ALA M 94 -2.49 -31.77 -21.55
CA ALA M 94 -3.46 -31.49 -22.60
C ALA M 94 -2.77 -31.29 -23.94
N ILE M 95 -1.70 -30.49 -23.95
CA ILE M 95 -0.94 -30.32 -25.19
C ILE M 95 -0.35 -31.65 -25.64
N TYR M 96 0.12 -32.46 -24.70
CA TYR M 96 0.77 -33.72 -25.04
C TYR M 96 -0.19 -34.66 -25.76
N ASP M 97 -1.38 -34.88 -25.19
CA ASP M 97 -2.27 -35.82 -25.85
C ASP M 97 -2.95 -35.19 -27.05
N THR M 98 -2.97 -33.85 -27.16
CA THR M 98 -3.38 -33.24 -28.42
C THR M 98 -2.39 -33.58 -29.53
N MET M 99 -1.09 -33.48 -29.24
CA MET M 99 -0.09 -33.86 -30.24
C MET M 99 -0.17 -35.35 -30.55
N GLN M 100 -0.37 -36.19 -29.53
CA GLN M 100 -0.47 -37.62 -29.76
C GLN M 100 -1.78 -38.03 -30.44
N TYR M 101 -2.78 -37.15 -30.46
CA TYR M 101 -4.09 -37.47 -30.99
C TYR M 101 -4.20 -37.21 -32.48
N VAL M 102 -3.65 -36.08 -32.96
CA VAL M 102 -3.77 -35.74 -34.37
C VAL M 102 -2.96 -36.71 -35.23
N LYS M 103 -3.33 -36.78 -36.50
CA LYS M 103 -2.70 -37.66 -37.46
C LYS M 103 -1.34 -37.17 -37.97
N PRO M 104 -1.16 -35.90 -38.37
CA PRO M 104 0.11 -35.51 -38.96
C PRO M 104 1.23 -35.46 -37.92
N ASP M 105 2.45 -35.65 -38.40
CA ASP M 105 3.62 -35.63 -37.53
C ASP M 105 3.89 -34.23 -37.01
N VAL M 106 4.37 -34.17 -35.78
CA VAL M 106 4.75 -32.91 -35.13
C VAL M 106 6.24 -32.94 -34.90
N GLN M 107 6.95 -31.98 -35.49
CA GLN M 107 8.39 -31.88 -35.38
C GLN M 107 8.73 -30.81 -34.34
N THR M 108 9.48 -31.20 -33.31
CA THR M 108 9.83 -30.32 -32.21
C THR M 108 11.26 -29.85 -32.37
N VAL M 109 11.49 -28.55 -32.23
CA VAL M 109 12.82 -27.95 -32.32
C VAL M 109 13.11 -27.22 -31.01
N CYS M 110 14.15 -27.67 -30.31
CA CYS M 110 14.57 -26.98 -29.10
C CYS M 110 15.18 -25.64 -29.43
N MET M 111 14.99 -24.67 -28.54
CA MET M 111 15.48 -23.30 -28.73
C MET M 111 15.74 -22.67 -27.38
N GLY M 112 16.96 -22.18 -27.19
CA GLY M 112 17.28 -21.33 -26.06
C GLY M 112 17.31 -22.12 -24.78
N GLN M 113 16.15 -22.60 -24.35
CA GLN M 113 16.07 -23.50 -23.21
C GLN M 113 14.74 -24.24 -23.28
N ALA M 114 14.76 -25.45 -22.73
CA ALA M 114 13.57 -26.27 -22.63
C ALA M 114 13.68 -27.03 -21.31
N ALA M 115 13.06 -26.49 -20.27
CA ALA M 115 13.27 -26.97 -18.91
C ALA M 115 11.99 -27.58 -18.37
N ALA M 116 12.15 -28.69 -17.65
CA ALA M 116 11.07 -29.33 -16.92
C ALA M 116 9.90 -29.69 -17.82
N ALA M 117 8.81 -28.93 -17.72
CA ALA M 117 7.62 -29.22 -18.51
C ALA M 117 7.88 -29.05 -19.99
N ALA M 118 8.71 -28.07 -20.37
CA ALA M 118 9.05 -27.89 -21.78
C ALA M 118 9.85 -29.07 -22.31
N ALA M 119 10.66 -29.70 -21.46
CA ALA M 119 11.44 -30.86 -21.89
C ALA M 119 10.53 -32.03 -22.24
N VAL M 120 9.42 -32.20 -21.50
CA VAL M 120 8.51 -33.30 -21.76
C VAL M 120 7.89 -33.16 -23.15
N LEU M 121 7.48 -31.94 -23.51
CA LEU M 121 6.90 -31.72 -24.84
C LEU M 121 7.94 -31.83 -25.93
N LEU M 122 9.18 -31.40 -25.66
CA LEU M 122 10.23 -31.51 -26.66
C LEU M 122 10.51 -32.97 -27.01
N ALA M 123 10.54 -33.84 -26.00
CA ALA M 123 10.77 -35.26 -26.23
C ALA M 123 9.52 -35.99 -26.69
N ALA M 124 8.37 -35.32 -26.75
CA ALA M 124 7.12 -35.96 -27.12
C ALA M 124 6.87 -35.95 -28.62
N GLY M 125 7.75 -35.34 -29.41
CA GLY M 125 7.57 -35.34 -30.84
C GLY M 125 7.72 -36.72 -31.44
N THR M 126 7.35 -36.84 -32.70
CA THR M 126 7.39 -38.13 -33.36
C THR M 126 8.83 -38.63 -33.45
N PRO M 127 9.06 -39.93 -33.32
CA PRO M 127 10.43 -40.44 -33.35
C PRO M 127 11.13 -40.11 -34.68
N GLY M 128 12.40 -39.75 -34.58
CA GLY M 128 13.17 -39.32 -35.73
C GLY M 128 12.94 -37.89 -36.14
N LYS M 129 12.14 -37.13 -35.41
CA LYS M 129 11.81 -35.75 -35.75
C LYS M 129 11.87 -34.85 -34.53
N ARG M 130 12.86 -35.08 -33.66
CA ARG M 130 13.10 -34.23 -32.50
C ARG M 130 14.51 -33.65 -32.62
N MET M 131 14.60 -32.32 -32.68
CA MET M 131 15.85 -31.65 -32.98
C MET M 131 16.10 -30.54 -31.97
N ALA M 132 17.36 -30.15 -31.86
CA ALA M 132 17.78 -29.07 -30.96
C ALA M 132 18.81 -28.19 -31.66
N LEU M 133 18.83 -26.93 -31.28
CA LEU M 133 19.83 -26.00 -31.77
C LEU M 133 21.13 -26.16 -30.99
N PRO M 134 22.28 -25.83 -31.59
CA PRO M 134 23.56 -26.17 -30.97
C PRO M 134 23.78 -25.58 -29.59
N ASN M 135 23.24 -24.40 -29.29
CA ASN M 135 23.51 -23.74 -28.02
C ASN M 135 22.30 -23.75 -27.09
N ALA M 136 21.33 -24.63 -27.32
CA ALA M 136 20.19 -24.73 -26.42
C ALA M 136 20.53 -25.63 -25.23
N ARG M 137 19.82 -25.41 -24.12
CA ARG M 137 20.03 -26.20 -22.91
C ARG M 137 18.72 -26.87 -22.52
N VAL M 138 18.84 -28.08 -21.97
CA VAL M 138 17.69 -28.91 -21.58
C VAL M 138 17.83 -29.27 -20.11
N LEU M 139 16.73 -29.18 -19.36
CA LEU M 139 16.71 -29.50 -17.95
C LEU M 139 15.53 -30.41 -17.66
N ILE M 140 15.71 -31.36 -16.75
CA ILE M 140 14.65 -32.27 -16.30
C ILE M 140 14.68 -32.32 -14.78
N HIS M 141 13.50 -32.34 -14.17
CA HIS M 141 13.40 -32.53 -12.72
C HIS M 141 11.98 -32.93 -12.35
N GLN M 142 11.82 -33.30 -11.09
CA GLN M 142 10.56 -33.83 -10.58
C GLN M 142 9.53 -32.72 -10.42
N PRO M 143 8.25 -33.08 -10.40
CA PRO M 143 7.20 -32.07 -10.24
C PRO M 143 7.28 -31.36 -8.90
N TYR M 144 6.86 -30.09 -8.89
CA TYR M 144 6.79 -29.26 -7.71
C TYR M 144 5.34 -28.85 -7.50
N SER M 145 4.93 -28.75 -6.25
CA SER M 145 3.56 -28.34 -5.94
C SER M 145 3.51 -27.73 -4.54
N GLU M 146 2.33 -27.24 -4.18
CA GLU M 146 2.07 -26.66 -2.87
C GLU M 146 0.67 -27.12 -2.43
N THR M 147 0.63 -28.24 -1.71
CA THR M 147 -0.65 -28.74 -1.20
C THR M 147 -1.17 -27.77 -0.14
N GLY M 148 -2.21 -27.01 -0.51
CA GLY M 148 -2.68 -25.93 0.32
C GLY M 148 -3.28 -26.39 1.63
N ARG M 149 -3.67 -25.41 2.43
CA ARG M 149 -4.23 -25.68 3.75
C ARG M 149 -5.46 -26.56 3.63
N GLY M 150 -5.51 -27.60 4.44
CA GLY M 150 -6.64 -28.49 4.46
C GLY M 150 -6.49 -29.47 5.61
N GLN M 151 -7.54 -30.27 5.79
CA GLN M 151 -7.51 -31.29 6.82
C GLN M 151 -6.51 -32.39 6.45
N VAL M 152 -6.30 -33.31 7.40
CA VAL M 152 -5.36 -34.40 7.17
C VAL M 152 -5.81 -35.27 6.01
N SER M 153 -7.12 -35.52 5.90
CA SER M 153 -7.64 -36.35 4.82
C SER M 153 -7.39 -35.72 3.46
N ASP M 154 -7.61 -34.40 3.36
CA ASP M 154 -7.39 -33.72 2.09
C ASP M 154 -5.93 -33.77 1.67
N LEU M 155 -5.02 -33.53 2.63
CA LEU M 155 -3.59 -33.62 2.31
C LEU M 155 -3.20 -35.03 1.92
N GLU M 156 -3.77 -36.03 2.58
CA GLU M 156 -3.48 -37.41 2.19
C GLU M 156 -3.90 -37.68 0.75
N ILE M 157 -5.11 -37.26 0.38
CA ILE M 157 -5.60 -37.51 -0.97
C ILE M 157 -4.74 -36.77 -2.00
N ALA M 158 -4.43 -35.50 -1.72
CA ALA M 158 -3.63 -34.72 -2.65
C ALA M 158 -2.23 -35.29 -2.81
N ALA M 159 -1.61 -35.71 -1.70
CA ALA M 159 -0.26 -36.29 -1.79
C ALA M 159 -0.27 -37.61 -2.55
N ASN M 160 -1.31 -38.42 -2.36
CA ASN M 160 -1.41 -39.66 -3.13
C ASN M 160 -1.52 -39.35 -4.63
N GLU M 161 -2.34 -38.36 -4.99
CA GLU M 161 -2.44 -38.00 -6.40
C GLU M 161 -1.11 -37.48 -6.94
N ILE M 162 -0.38 -36.71 -6.14
CA ILE M 162 0.91 -36.19 -6.59
C ILE M 162 1.90 -37.32 -6.82
N LEU M 163 1.95 -38.30 -5.91
CA LEU M 163 2.84 -39.44 -6.13
C LEU M 163 2.46 -40.21 -7.39
N ARG M 164 1.15 -40.44 -7.58
CA ARG M 164 0.69 -41.08 -8.80
C ARG M 164 1.14 -40.31 -10.04
N MET M 165 1.02 -38.99 -9.99
CA MET M 165 1.32 -38.19 -11.17
C MET M 165 2.82 -38.16 -11.45
N ARG M 166 3.64 -38.13 -10.39
CA ARG M 166 5.08 -38.24 -10.59
C ARG M 166 5.44 -39.57 -11.25
N SER M 167 4.82 -40.65 -10.79
CA SER M 167 5.07 -41.95 -11.43
C SER M 167 4.64 -41.94 -12.89
N GLN M 168 3.48 -41.34 -13.19
CA GLN M 168 3.01 -41.28 -14.56
C GLN M 168 3.95 -40.49 -15.46
N LEU M 169 4.42 -39.33 -14.98
CA LEU M 169 5.35 -38.53 -15.77
C LEU M 169 6.65 -39.28 -16.01
N GLU M 170 7.16 -39.97 -14.98
CA GLU M 170 8.40 -40.72 -15.12
C GLU M 170 8.23 -41.84 -16.14
N ASP M 171 7.10 -42.56 -16.09
CA ASP M 171 6.86 -43.62 -17.06
C ASP M 171 6.73 -43.07 -18.48
N MET M 172 6.03 -41.95 -18.63
CA MET M 172 5.88 -41.33 -19.94
C MET M 172 7.22 -40.93 -20.51
N LEU M 173 8.08 -40.33 -19.68
CA LEU M 173 9.41 -39.95 -20.13
C LEU M 173 10.26 -41.16 -20.46
N ALA M 174 10.10 -42.25 -19.69
CA ALA M 174 10.86 -43.46 -19.97
C ALA M 174 10.46 -44.08 -21.31
N LYS M 175 9.18 -44.02 -21.67
CA LYS M 175 8.76 -44.61 -22.94
C LYS M 175 9.34 -43.84 -24.14
N HIS M 176 9.37 -42.51 -24.05
CA HIS M 176 9.87 -41.68 -25.14
C HIS M 176 11.39 -41.64 -25.21
N SER M 177 12.08 -42.22 -24.24
CA SER M 177 13.53 -42.27 -24.24
C SER M 177 13.98 -43.72 -24.25
N THR M 178 15.25 -43.94 -24.53
CA THR M 178 15.80 -45.28 -24.52
C THR M 178 16.08 -45.82 -23.13
N THR M 179 16.17 -44.94 -22.13
CA THR M 179 16.56 -45.24 -20.77
C THR M 179 15.44 -45.96 -20.02
N PRO M 180 15.78 -46.83 -19.06
CA PRO M 180 14.73 -47.52 -18.29
C PRO M 180 14.08 -46.62 -17.26
N VAL M 181 13.06 -47.14 -16.57
CA VAL M 181 12.29 -46.32 -15.64
C VAL M 181 13.12 -45.97 -14.40
N GLU M 182 13.91 -46.94 -13.92
CA GLU M 182 14.72 -46.71 -12.72
C GLU M 182 15.75 -45.61 -12.95
N LYS M 183 16.39 -45.62 -14.11
CA LYS M 183 17.38 -44.58 -14.41
C LYS M 183 16.74 -43.21 -14.45
N ILE M 184 15.55 -43.11 -15.03
CA ILE M 184 14.85 -41.83 -15.09
C ILE M 184 14.45 -41.38 -13.71
N ARG M 185 14.03 -42.31 -12.85
CA ARG M 185 13.78 -41.97 -11.45
C ARG M 185 15.03 -41.41 -10.79
N GLU M 186 16.18 -42.05 -11.00
CA GLU M 186 17.40 -41.61 -10.35
C GLU M 186 17.83 -40.23 -10.82
N ASP M 187 17.77 -39.98 -12.14
CA ASP M 187 18.29 -38.73 -12.68
C ASP M 187 17.35 -37.55 -12.48
N ILE M 188 16.09 -37.79 -12.13
CA ILE M 188 15.13 -36.70 -11.99
C ILE M 188 15.07 -36.19 -10.56
N GLU M 189 15.57 -36.95 -9.59
CA GLU M 189 15.43 -36.59 -8.18
C GLU M 189 15.99 -35.20 -7.91
N ARG M 190 17.08 -34.84 -8.56
CA ARG M 190 17.63 -33.49 -8.51
C ARG M 190 17.58 -32.88 -9.91
N ASP M 191 18.16 -31.68 -10.02
CA ASP M 191 18.22 -30.97 -11.29
C ASP M 191 19.41 -31.50 -12.09
N LYS M 192 19.14 -31.95 -13.32
CA LYS M 192 20.19 -32.34 -14.24
C LYS M 192 20.06 -31.53 -15.52
N ILE M 193 21.16 -30.96 -15.98
CA ILE M 193 21.17 -30.04 -17.11
C ILE M 193 22.05 -30.64 -18.21
N LEU M 194 21.51 -30.72 -19.42
CA LEU M 194 22.18 -31.35 -20.54
C LEU M 194 22.33 -30.35 -21.68
N THR M 195 23.42 -30.50 -22.44
CA THR M 195 23.63 -29.72 -23.64
C THR M 195 23.05 -30.48 -24.84
N ALA M 196 23.33 -30.00 -26.05
CA ALA M 196 22.75 -30.62 -27.23
C ALA M 196 23.28 -32.03 -27.45
N GLU M 197 24.60 -32.20 -27.42
CA GLU M 197 25.18 -33.52 -27.64
C GLU M 197 24.85 -34.46 -26.48
N ASP M 198 24.83 -33.94 -25.26
CA ASP M 198 24.44 -34.76 -24.12
C ASP M 198 23.00 -35.23 -24.24
N ALA M 199 22.10 -34.34 -24.69
CA ALA M 199 20.72 -34.73 -24.90
C ALA M 199 20.60 -35.76 -26.01
N LEU M 200 21.38 -35.62 -27.07
CA LEU M 200 21.38 -36.61 -28.15
C LEU M 200 21.80 -37.97 -27.62
N SER M 201 22.86 -38.01 -26.81
CA SER M 201 23.31 -39.28 -26.26
C SER M 201 22.30 -39.88 -25.29
N TYR M 202 21.68 -39.04 -24.46
CA TYR M 202 20.74 -39.53 -23.45
C TYR M 202 19.46 -40.06 -24.07
N GLY M 203 18.94 -39.41 -25.10
CA GLY M 203 17.72 -39.83 -25.76
C GLY M 203 16.60 -38.81 -25.76
N LEU M 204 16.81 -37.63 -25.20
CA LEU M 204 15.76 -36.62 -25.20
C LEU M 204 15.50 -36.04 -26.59
N ILE M 205 16.50 -36.07 -27.47
CA ILE M 205 16.36 -35.58 -28.83
C ILE M 205 16.94 -36.62 -29.77
N ASP M 206 16.74 -36.41 -31.07
CA ASP M 206 17.20 -37.33 -32.09
C ASP M 206 18.40 -36.82 -32.86
N GLN M 207 18.51 -35.50 -33.05
CA GLN M 207 19.62 -34.92 -33.80
C GLN M 207 19.76 -33.46 -33.41
N VAL M 208 20.94 -32.91 -33.66
CA VAL M 208 21.23 -31.50 -33.44
C VAL M 208 21.51 -30.86 -34.80
N ILE M 209 20.72 -29.86 -35.14
CA ILE M 209 20.83 -29.21 -36.43
C ILE M 209 21.63 -27.92 -36.28
N SER M 210 22.61 -27.75 -37.16
CA SER M 210 23.46 -26.57 -37.17
C SER M 210 23.08 -25.61 -38.29
N THR M 211 22.61 -26.11 -39.42
CA THR M 211 22.20 -25.30 -40.55
C THR M 211 21.05 -25.98 -41.27
N ARG M 212 20.33 -25.21 -42.06
CA ARG M 212 19.19 -25.74 -42.82
C ARG M 212 19.65 -26.73 -43.88
N ASP N 37 1.89 1.47 -39.02
CA ASP N 37 3.15 1.34 -38.28
C ASP N 37 4.32 1.30 -39.24
N PRO N 38 5.33 2.16 -39.01
CA PRO N 38 6.53 2.11 -39.84
C PRO N 38 7.32 0.82 -39.69
N TYR N 39 7.12 0.07 -38.60
CA TYR N 39 7.85 -1.18 -38.42
C TYR N 39 7.50 -2.19 -39.50
N ALA N 40 6.23 -2.28 -39.87
CA ALA N 40 5.85 -3.18 -40.97
C ALA N 40 6.47 -2.74 -42.28
N LYS N 41 6.50 -1.43 -42.54
CA LYS N 41 7.10 -0.94 -43.78
C LYS N 41 8.58 -1.25 -43.83
N LEU N 42 9.29 -1.10 -42.71
CA LEU N 42 10.68 -1.51 -42.66
C LEU N 42 10.83 -3.02 -42.78
N PHE N 43 9.84 -3.78 -42.30
CA PHE N 43 9.83 -5.21 -42.52
C PHE N 43 9.81 -5.55 -44.00
N GLU N 44 9.01 -4.82 -44.79
CA GLU N 44 9.05 -5.01 -46.23
C GLU N 44 10.41 -4.69 -46.82
N GLU N 45 11.23 -3.90 -46.12
CA GLU N 45 12.56 -3.54 -46.58
C GLU N 45 13.65 -4.40 -45.94
N ARG N 46 13.26 -5.47 -45.25
CA ARG N 46 14.20 -6.40 -44.61
C ARG N 46 15.06 -5.70 -43.56
N VAL N 47 14.40 -4.96 -42.68
CA VAL N 47 15.06 -4.25 -41.59
C VAL N 47 14.40 -4.69 -40.28
N ILE N 48 15.20 -5.13 -39.33
CA ILE N 48 14.73 -5.63 -38.04
C ILE N 48 15.33 -4.76 -36.94
N PHE N 49 14.52 -4.40 -35.96
CA PHE N 49 14.93 -3.51 -34.88
C PHE N 49 15.03 -4.28 -33.57
N LEU N 50 16.12 -4.04 -32.84
CA LEU N 50 16.30 -4.56 -31.48
C LEU N 50 16.57 -3.36 -30.58
N GLY N 51 15.51 -2.74 -30.07
CA GLY N 51 15.65 -1.52 -29.31
C GLY N 51 15.28 -1.63 -27.85
N VAL N 52 14.95 -2.84 -27.40
CA VAL N 52 14.57 -3.08 -26.02
C VAL N 52 15.52 -4.09 -25.42
N GLN N 53 15.42 -4.27 -24.10
CA GLN N 53 16.21 -5.28 -23.42
C GLN N 53 15.78 -6.67 -23.86
N ILE N 54 16.76 -7.57 -23.92
CA ILE N 54 16.49 -8.93 -24.39
C ILE N 54 15.67 -9.67 -23.34
N ASP N 55 14.48 -10.10 -23.74
CA ASP N 55 13.61 -10.93 -22.92
C ASP N 55 13.09 -12.07 -23.77
N ASP N 56 12.15 -12.84 -23.21
CA ASP N 56 11.59 -13.96 -23.96
C ASP N 56 10.70 -13.48 -25.11
N ALA N 57 9.82 -12.51 -24.84
CA ALA N 57 8.91 -12.03 -25.87
C ALA N 57 9.67 -11.36 -27.02
N SER N 58 10.64 -10.52 -26.69
CA SER N 58 11.40 -9.83 -27.73
C SER N 58 12.19 -10.82 -28.58
N ALA N 59 12.80 -11.82 -27.95
CA ALA N 59 13.56 -12.81 -28.71
C ALA N 59 12.65 -13.65 -29.59
N ASN N 60 11.49 -14.04 -29.08
CA ASN N 60 10.53 -14.77 -29.90
C ASN N 60 10.13 -13.96 -31.11
N ASP N 61 9.84 -12.67 -30.91
CA ASP N 61 9.47 -11.79 -32.02
C ASP N 61 10.61 -11.68 -33.02
N VAL N 62 11.83 -11.52 -32.53
CA VAL N 62 12.98 -11.34 -33.42
C VAL N 62 13.21 -12.59 -34.26
N MET N 63 13.16 -13.78 -33.64
CA MET N 63 13.40 -14.95 -34.48
C MET N 63 12.21 -15.25 -35.39
N ALA N 64 10.99 -14.86 -34.99
CA ALA N 64 9.88 -14.98 -35.92
C ALA N 64 10.10 -14.12 -37.14
N GLN N 65 10.57 -12.89 -36.95
CA GLN N 65 10.89 -12.03 -38.08
C GLN N 65 12.00 -12.63 -38.93
N LEU N 66 13.02 -13.20 -38.28
CA LEU N 66 14.12 -13.80 -39.02
C LEU N 66 13.67 -15.00 -39.85
N LEU N 67 12.85 -15.88 -39.26
CA LEU N 67 12.32 -17.02 -40.01
C LEU N 67 11.43 -16.57 -41.15
N CYS N 68 10.60 -15.55 -40.93
CA CYS N 68 9.76 -15.04 -42.00
C CYS N 68 10.59 -14.48 -43.15
N LEU N 69 11.66 -13.77 -42.81
CA LEU N 69 12.53 -13.22 -43.86
C LEU N 69 13.28 -14.32 -44.59
N GLU N 70 13.67 -15.37 -43.87
CA GLU N 70 14.36 -16.49 -44.51
C GLU N 70 13.42 -17.31 -45.37
N SER N 71 12.13 -17.31 -45.03
CA SER N 71 11.16 -18.12 -45.77
C SER N 71 11.05 -17.70 -47.23
N MET N 72 11.17 -16.40 -47.52
CA MET N 72 11.21 -15.93 -48.89
C MET N 72 12.62 -16.15 -49.43
N ASP N 73 12.95 -15.52 -50.55
CA ASP N 73 14.16 -15.81 -51.29
C ASP N 73 15.41 -15.65 -50.41
N PRO N 74 16.26 -16.66 -50.36
CA PRO N 74 17.42 -16.65 -49.46
C PRO N 74 18.66 -15.97 -50.01
N ASP N 75 18.54 -15.14 -51.05
CA ASP N 75 19.68 -14.43 -51.60
C ASP N 75 19.71 -12.96 -51.25
N ARG N 76 18.98 -12.55 -50.20
CA ARG N 76 18.93 -11.16 -49.78
C ARG N 76 19.40 -11.04 -48.33
N ASP N 77 20.16 -9.99 -48.05
CA ASP N 77 20.69 -9.78 -46.70
C ASP N 77 19.61 -9.25 -45.78
N ILE N 78 19.86 -9.38 -44.48
CA ILE N 78 18.98 -8.87 -43.43
C ILE N 78 19.76 -7.89 -42.59
N SER N 79 19.15 -6.74 -42.29
CA SER N 79 19.78 -5.68 -41.52
C SER N 79 19.14 -5.60 -40.15
N VAL N 80 19.96 -5.71 -39.10
CA VAL N 80 19.51 -5.65 -37.71
C VAL N 80 20.18 -4.47 -37.02
N TYR N 81 19.38 -3.60 -36.43
CA TYR N 81 19.86 -2.46 -35.67
C TYR N 81 19.70 -2.77 -34.19
N ILE N 82 20.79 -2.68 -33.43
CA ILE N 82 20.80 -3.09 -32.03
C ILE N 82 21.07 -1.87 -31.16
N ASN N 83 20.08 -1.48 -30.37
CA ASN N 83 20.21 -0.43 -29.35
C ASN N 83 19.59 -1.00 -28.07
N SER N 84 20.38 -1.76 -27.32
CA SER N 84 19.87 -2.52 -26.18
C SER N 84 20.91 -2.56 -25.07
N PRO N 85 20.47 -2.57 -23.82
CA PRO N 85 21.39 -2.71 -22.69
C PRO N 85 21.64 -4.15 -22.23
N GLY N 86 21.20 -5.14 -22.99
CA GLY N 86 21.35 -6.52 -22.60
C GLY N 86 20.07 -7.11 -22.04
N GLY N 87 20.19 -8.35 -21.57
CA GLY N 87 19.04 -9.04 -21.00
C GLY N 87 19.29 -10.49 -20.66
N SER N 88 18.27 -11.32 -20.85
CA SER N 88 18.38 -12.73 -20.53
C SER N 88 19.40 -13.42 -21.44
N PHE N 89 20.02 -14.47 -20.91
CA PHE N 89 21.12 -15.12 -21.61
C PHE N 89 20.66 -16.31 -22.43
N THR N 90 19.51 -16.90 -22.08
CA THR N 90 18.95 -17.97 -22.91
C THR N 90 18.32 -17.42 -24.18
N ALA N 91 17.57 -16.31 -24.06
CA ALA N 91 17.00 -15.67 -25.23
C ALA N 91 18.10 -15.11 -26.14
N LEU N 92 19.16 -14.58 -25.53
CA LEU N 92 20.38 -14.26 -26.26
C LEU N 92 20.78 -15.39 -27.19
N THR N 93 20.96 -16.59 -26.63
CA THR N 93 21.45 -17.70 -27.43
C THR N 93 20.40 -18.18 -28.42
N ALA N 94 19.12 -18.00 -28.10
CA ALA N 94 18.07 -18.32 -29.06
C ALA N 94 18.23 -17.47 -30.32
N ILE N 95 18.35 -16.15 -30.14
CA ILE N 95 18.55 -15.27 -31.28
C ILE N 95 19.85 -15.59 -32.00
N TYR N 96 20.91 -15.88 -31.26
CA TYR N 96 22.20 -16.18 -31.86
C TYR N 96 22.11 -17.42 -32.74
N ASP N 97 21.47 -18.48 -32.24
CA ASP N 97 21.35 -19.71 -33.01
C ASP N 97 20.48 -19.49 -34.24
N THR N 98 19.41 -18.70 -34.12
CA THR N 98 18.60 -18.40 -35.30
C THR N 98 19.41 -17.66 -36.35
N MET N 99 20.25 -16.71 -35.91
CA MET N 99 21.10 -15.99 -36.86
C MET N 99 22.10 -16.93 -37.54
N GLN N 100 22.57 -17.96 -36.87
CA GLN N 100 23.62 -18.81 -37.48
C GLN N 100 23.01 -19.98 -38.26
N TYR N 101 21.70 -20.07 -38.31
CA TYR N 101 21.02 -21.21 -38.98
C TYR N 101 20.56 -20.81 -40.37
N VAL N 102 19.88 -19.69 -40.48
CA VAL N 102 19.34 -19.18 -41.76
C VAL N 102 20.50 -19.10 -42.74
N LYS N 103 20.21 -19.15 -44.05
CA LYS N 103 21.27 -19.00 -45.09
C LYS N 103 21.53 -17.52 -45.34
N PRO N 104 20.49 -16.69 -45.65
CA PRO N 104 20.69 -15.25 -45.83
C PRO N 104 21.60 -14.65 -44.74
N ASP N 105 22.50 -13.75 -45.13
CA ASP N 105 23.44 -13.14 -44.16
C ASP N 105 22.71 -12.10 -43.30
N VAL N 106 23.24 -11.78 -42.12
CA VAL N 106 22.61 -10.78 -41.23
C VAL N 106 23.64 -9.69 -40.96
N GLN N 107 23.49 -8.53 -41.59
CA GLN N 107 24.39 -7.39 -41.32
C GLN N 107 23.95 -6.73 -40.02
N THR N 108 24.86 -6.48 -39.09
CA THR N 108 24.48 -5.95 -37.77
C THR N 108 25.07 -4.55 -37.64
N VAL N 109 24.26 -3.56 -37.34
CA VAL N 109 24.69 -2.17 -37.21
C VAL N 109 24.51 -1.76 -35.75
N CYS N 110 25.61 -1.33 -35.12
CA CYS N 110 25.52 -0.83 -33.76
C CYS N 110 24.74 0.47 -33.72
N MET N 111 24.09 0.72 -32.58
CA MET N 111 23.11 1.78 -32.48
C MET N 111 23.11 2.37 -31.08
N GLY N 112 23.70 3.55 -30.92
CA GLY N 112 23.55 4.27 -29.67
C GLY N 112 24.31 3.62 -28.54
N GLN N 113 23.88 2.43 -28.17
CA GLN N 113 24.48 1.69 -27.06
C GLN N 113 24.24 0.21 -27.28
N ALA N 114 25.30 -0.57 -27.10
CA ALA N 114 25.23 -2.02 -27.29
C ALA N 114 26.09 -2.67 -26.20
N ALA N 115 25.43 -3.18 -25.15
CA ALA N 115 26.11 -3.71 -23.99
C ALA N 115 25.68 -5.13 -23.70
N ALA N 116 26.61 -5.92 -23.16
CA ALA N 116 26.34 -7.26 -22.66
C ALA N 116 25.73 -8.16 -23.72
N ALA N 117 24.44 -8.47 -23.58
CA ALA N 117 23.77 -9.31 -24.57
C ALA N 117 23.74 -8.64 -25.93
N ALA N 118 23.70 -7.30 -25.95
CA ALA N 118 23.72 -6.58 -27.23
C ALA N 118 25.08 -6.70 -27.91
N ALA N 119 26.17 -6.68 -27.12
CA ALA N 119 27.50 -6.76 -27.72
C ALA N 119 27.74 -8.11 -28.38
N VAL N 120 27.31 -9.19 -27.74
CA VAL N 120 27.55 -10.52 -28.30
C VAL N 120 26.72 -10.72 -29.57
N LEU N 121 25.51 -10.18 -29.60
CA LEU N 121 24.70 -10.26 -30.82
C LEU N 121 25.25 -9.37 -31.91
N LEU N 122 25.78 -8.20 -31.54
CA LEU N 122 26.40 -7.32 -32.52
C LEU N 122 27.63 -7.98 -33.14
N ALA N 123 28.42 -8.67 -32.34
CA ALA N 123 29.60 -9.37 -32.86
C ALA N 123 29.25 -10.69 -33.54
N ALA N 124 27.99 -11.13 -33.47
CA ALA N 124 27.59 -12.40 -34.03
C ALA N 124 27.16 -12.31 -35.49
N GLY N 125 27.17 -11.12 -36.08
CA GLY N 125 26.81 -10.99 -37.48
C GLY N 125 27.83 -11.64 -38.39
N THR N 126 27.46 -11.72 -39.67
CA THR N 126 28.33 -12.37 -40.64
C THR N 126 29.63 -11.60 -40.76
N PRO N 127 30.77 -12.28 -40.93
CA PRO N 127 32.05 -11.59 -41.01
C PRO N 127 32.09 -10.62 -42.20
N GLY N 128 32.71 -9.47 -41.97
CA GLY N 128 32.77 -8.42 -42.96
C GLY N 128 31.53 -7.55 -43.05
N LYS N 129 30.52 -7.79 -42.21
CA LYS N 129 29.27 -7.07 -42.27
C LYS N 129 28.78 -6.71 -40.88
N ARG N 130 29.69 -6.29 -40.00
CA ARG N 130 29.34 -5.77 -38.68
C ARG N 130 29.83 -4.33 -38.60
N MET N 131 28.90 -3.40 -38.44
CA MET N 131 29.20 -1.97 -38.51
C MET N 131 28.73 -1.27 -37.26
N ALA N 132 29.26 -0.07 -37.04
CA ALA N 132 28.92 0.75 -35.89
C ALA N 132 28.85 2.21 -36.32
N LEU N 133 27.90 2.93 -35.74
CA LEU N 133 27.80 4.36 -35.97
C LEU N 133 28.87 5.10 -35.18
N PRO N 134 29.29 6.29 -35.65
CA PRO N 134 30.49 6.92 -35.07
C PRO N 134 30.39 7.22 -33.58
N ASN N 135 29.21 7.50 -33.04
CA ASN N 135 29.09 7.93 -31.66
C ASN N 135 28.46 6.86 -30.76
N ALA N 136 28.49 5.60 -31.19
CA ALA N 136 27.95 4.51 -30.41
C ALA N 136 29.01 3.92 -29.49
N ARG N 137 28.56 3.38 -28.36
CA ARG N 137 29.46 2.80 -27.38
C ARG N 137 29.11 1.32 -27.17
N VAL N 138 30.14 0.52 -26.93
CA VAL N 138 30.03 -0.92 -26.76
C VAL N 138 30.58 -1.30 -25.39
N LEU N 139 29.84 -2.13 -24.67
CA LEU N 139 30.23 -2.61 -23.35
C LEU N 139 30.25 -4.12 -23.31
N ILE N 140 31.26 -4.70 -22.67
CA ILE N 140 31.38 -6.13 -22.46
C ILE N 140 31.62 -6.39 -20.99
N HIS N 141 30.94 -7.41 -20.44
CA HIS N 141 31.17 -7.81 -19.06
C HIS N 141 30.62 -9.22 -18.85
N GLN N 142 30.99 -9.81 -17.72
CA GLN N 142 30.64 -11.20 -17.43
C GLN N 142 29.18 -11.32 -17.03
N PRO N 143 28.61 -12.53 -17.14
CA PRO N 143 27.19 -12.71 -16.79
C PRO N 143 26.91 -12.46 -15.31
N TYR N 144 25.67 -12.06 -15.05
CA TYR N 144 25.16 -11.81 -13.70
C TYR N 144 23.96 -12.72 -13.46
N SER N 145 23.76 -13.12 -12.21
CA SER N 145 22.60 -13.93 -11.87
C SER N 145 22.34 -13.82 -10.38
N GLU N 146 21.29 -14.53 -9.93
CA GLU N 146 20.91 -14.61 -8.52
C GLU N 146 20.49 -16.06 -8.26
N THR N 147 21.41 -16.86 -7.76
CA THR N 147 21.08 -18.24 -7.40
C THR N 147 20.08 -18.22 -6.25
N GLY N 148 18.83 -18.54 -6.55
CA GLY N 148 17.75 -18.38 -5.61
C GLY N 148 17.86 -19.31 -4.43
N ARG N 149 16.95 -19.11 -3.48
CA ARG N 149 16.95 -19.92 -2.27
C ARG N 149 16.79 -21.40 -2.61
N GLY N 150 17.68 -22.20 -2.06
CA GLY N 150 17.61 -23.63 -2.25
C GLY N 150 18.61 -24.30 -1.32
N GLN N 151 18.57 -25.62 -1.32
CA GLN N 151 19.51 -26.37 -0.50
C GLN N 151 20.91 -26.26 -1.09
N VAL N 152 21.87 -26.87 -0.40
CA VAL N 152 23.26 -26.81 -0.82
C VAL N 152 23.43 -27.48 -2.19
N SER N 153 22.79 -28.63 -2.39
CA SER N 153 22.94 -29.35 -3.64
C SER N 153 22.42 -28.55 -4.83
N ASP N 154 21.27 -27.90 -4.66
CA ASP N 154 20.72 -27.09 -5.75
C ASP N 154 21.64 -25.93 -6.10
N LEU N 155 22.20 -25.27 -5.09
CA LEU N 155 23.12 -24.17 -5.36
C LEU N 155 24.39 -24.66 -6.02
N GLU N 156 24.87 -25.84 -5.63
CA GLU N 156 26.04 -26.41 -6.29
C GLU N 156 25.77 -26.65 -7.77
N ILE N 157 24.62 -27.25 -8.09
CA ILE N 157 24.30 -27.53 -9.49
C ILE N 157 24.15 -26.23 -10.27
N ALA N 158 23.45 -25.24 -9.70
CA ALA N 158 23.25 -23.99 -10.40
C ALA N 158 24.56 -23.24 -10.62
N ALA N 159 25.45 -23.25 -9.61
CA ALA N 159 26.74 -22.58 -9.77
C ALA N 159 27.59 -23.26 -10.83
N ASN N 160 27.57 -24.59 -10.87
CA ASN N 160 28.29 -25.29 -11.92
C ASN N 160 27.76 -24.92 -13.30
N GLU N 161 26.44 -24.85 -13.44
CA GLU N 161 25.87 -24.42 -14.72
C GLU N 161 26.26 -23.00 -15.07
N ILE N 162 26.29 -22.11 -14.09
CA ILE N 162 26.66 -20.72 -14.34
C ILE N 162 28.10 -20.63 -14.82
N LEU N 163 29.00 -21.38 -14.19
CA LEU N 163 30.39 -21.39 -14.65
C LEU N 163 30.50 -21.93 -16.07
N ARG N 164 29.76 -23.00 -16.38
CA ARG N 164 29.80 -23.53 -17.73
C ARG N 164 29.28 -22.52 -18.74
N MET N 165 28.20 -21.82 -18.40
CA MET N 165 27.64 -20.81 -19.29
C MET N 165 28.62 -19.67 -19.52
N ARG N 166 29.30 -19.22 -18.46
CA ARG N 166 30.28 -18.16 -18.61
C ARG N 166 31.43 -18.60 -19.51
N SER N 167 31.91 -19.83 -19.33
CA SER N 167 32.98 -20.33 -20.20
C SER N 167 32.52 -20.43 -21.65
N GLN N 168 31.28 -20.88 -21.86
CA GLN N 168 30.76 -21.00 -23.22
C GLN N 168 30.64 -19.65 -23.89
N LEU N 169 30.14 -18.63 -23.18
CA LEU N 169 30.07 -17.29 -23.74
C LEU N 169 31.46 -16.76 -24.04
N GLU N 170 32.42 -17.02 -23.15
CA GLU N 170 33.80 -16.63 -23.37
C GLU N 170 34.34 -17.21 -24.67
N ASP N 171 34.16 -18.52 -24.87
CA ASP N 171 34.66 -19.17 -26.08
C ASP N 171 33.95 -18.64 -27.32
N MET N 172 32.62 -18.45 -27.23
CA MET N 172 31.86 -17.93 -28.36
C MET N 172 32.34 -16.55 -28.77
N LEU N 173 32.59 -15.67 -27.80
CA LEU N 173 33.07 -14.33 -28.12
C LEU N 173 34.50 -14.39 -28.65
N ALA N 174 35.32 -15.31 -28.13
CA ALA N 174 36.68 -15.44 -28.62
C ALA N 174 36.73 -15.87 -30.07
N LYS N 175 35.84 -16.77 -30.49
CA LYS N 175 35.87 -17.23 -31.88
C LYS N 175 35.46 -16.11 -32.84
N HIS N 176 34.45 -15.32 -32.48
CA HIS N 176 33.98 -14.25 -33.35
C HIS N 176 34.92 -13.06 -33.39
N SER N 177 35.84 -12.95 -32.45
CA SER N 177 36.88 -11.94 -32.46
C SER N 177 38.21 -12.59 -32.86
N THR N 178 39.27 -11.81 -32.85
CA THR N 178 40.61 -12.33 -33.12
C THR N 178 41.38 -12.64 -31.86
N THR N 179 40.95 -12.15 -30.71
CA THR N 179 41.66 -12.31 -29.45
C THR N 179 41.47 -13.72 -28.89
N PRO N 180 42.46 -14.25 -28.17
CA PRO N 180 42.32 -15.58 -27.60
C PRO N 180 41.40 -15.58 -26.39
N VAL N 181 41.22 -16.79 -25.82
CA VAL N 181 40.29 -16.95 -24.71
C VAL N 181 40.82 -16.27 -23.45
N GLU N 182 42.12 -16.35 -23.22
CA GLU N 182 42.70 -15.76 -22.01
C GLU N 182 42.54 -14.26 -21.99
N LYS N 183 42.77 -13.59 -23.14
CA LYS N 183 42.64 -12.15 -23.19
C LYS N 183 41.20 -11.71 -22.93
N ILE N 184 40.24 -12.43 -23.51
CA ILE N 184 38.83 -12.10 -23.29
C ILE N 184 38.46 -12.34 -21.83
N ARG N 185 39.01 -13.40 -21.23
CA ARG N 185 38.80 -13.64 -19.81
C ARG N 185 39.32 -12.48 -18.97
N GLU N 186 40.51 -11.97 -19.31
CA GLU N 186 41.07 -10.87 -18.55
C GLU N 186 40.23 -9.60 -18.71
N ASP N 187 39.75 -9.33 -19.92
CA ASP N 187 39.00 -8.11 -20.16
C ASP N 187 37.53 -8.22 -19.75
N ILE N 188 37.06 -9.41 -19.38
CA ILE N 188 35.65 -9.60 -19.02
C ILE N 188 35.42 -9.52 -17.52
N GLU N 189 36.48 -9.48 -16.71
CA GLU N 189 36.32 -9.54 -15.26
C GLU N 189 35.52 -8.34 -14.74
N ARG N 190 35.84 -7.14 -15.23
CA ARG N 190 35.10 -5.93 -14.91
C ARG N 190 34.58 -5.30 -16.20
N ASP N 191 33.80 -4.25 -16.05
CA ASP N 191 33.24 -3.55 -17.20
C ASP N 191 34.36 -2.92 -18.02
N LYS N 192 34.26 -3.07 -19.34
CA LYS N 192 35.19 -2.45 -20.28
C LYS N 192 34.38 -1.78 -21.38
N ILE N 193 34.50 -0.46 -21.50
CA ILE N 193 33.70 0.33 -22.42
C ILE N 193 34.58 0.74 -23.58
N LEU N 194 34.10 0.50 -24.81
CA LEU N 194 34.86 0.76 -26.02
C LEU N 194 34.07 1.69 -26.93
N THR N 195 34.78 2.58 -27.62
CA THR N 195 34.17 3.45 -28.62
C THR N 195 34.21 2.75 -29.97
N ALA N 196 33.85 3.47 -31.04
CA ALA N 196 33.77 2.86 -32.36
C ALA N 196 35.14 2.43 -32.86
N GLU N 197 36.11 3.34 -32.83
CA GLU N 197 37.45 3.00 -33.29
C GLU N 197 38.10 1.95 -32.39
N ASP N 198 37.88 2.04 -31.08
CA ASP N 198 38.39 1.02 -30.17
C ASP N 198 37.79 -0.34 -30.48
N ALA N 199 36.49 -0.38 -30.78
CA ALA N 199 35.85 -1.64 -31.14
C ALA N 199 36.41 -2.18 -32.45
N LEU N 200 36.67 -1.31 -33.42
CA LEU N 200 37.28 -1.74 -34.67
C LEU N 200 38.65 -2.36 -34.42
N SER N 201 39.46 -1.72 -33.57
CA SER N 201 40.79 -2.26 -33.28
C SER N 201 40.71 -3.58 -32.53
N TYR N 202 39.78 -3.69 -31.56
CA TYR N 202 39.68 -4.90 -30.76
C TYR N 202 39.22 -6.09 -31.60
N GLY N 203 38.25 -5.88 -32.48
CA GLY N 203 37.70 -6.94 -33.30
C GLY N 203 36.21 -7.16 -33.14
N LEU N 204 35.52 -6.41 -32.29
CA LEU N 204 34.08 -6.59 -32.16
C LEU N 204 33.32 -6.05 -33.35
N ILE N 205 33.93 -5.13 -34.10
CA ILE N 205 33.30 -4.47 -35.24
C ILE N 205 34.30 -4.42 -36.39
N ASP N 206 33.80 -4.69 -37.60
CA ASP N 206 34.63 -4.71 -38.79
C ASP N 206 34.82 -3.35 -39.44
N GLN N 207 33.88 -2.43 -39.29
CA GLN N 207 34.00 -1.11 -39.91
C GLN N 207 33.03 -0.15 -39.24
N VAL N 208 33.39 1.13 -39.27
CA VAL N 208 32.55 2.20 -38.74
C VAL N 208 32.06 3.05 -39.90
N ILE N 209 30.75 3.19 -40.03
CA ILE N 209 30.15 3.92 -41.14
C ILE N 209 29.69 5.28 -40.66
N SER N 210 29.97 6.30 -41.46
CA SER N 210 29.56 7.66 -41.13
C SER N 210 28.43 8.11 -42.04
N THR N 211 28.54 7.80 -43.33
CA THR N 211 27.50 8.11 -44.30
C THR N 211 27.19 6.85 -45.09
N ARG N 212 26.15 6.93 -45.91
CA ARG N 212 25.76 5.83 -46.78
C ARG N 212 26.54 5.85 -48.09
#